data_3N3F
# 
_entry.id   3N3F 
# 
_audit_conform.dict_name       mmcif_pdbx.dic 
_audit_conform.dict_version    5.379 
_audit_conform.dict_location   http://mmcif.pdb.org/dictionaries/ascii/mmcif_pdbx.dic 
# 
loop_
_database_2.database_id 
_database_2.database_code 
_database_2.pdbx_database_accession 
_database_2.pdbx_DOI 
PDB   3N3F         pdb_00003n3f 10.2210/pdb3n3f/pdb 
RCSB  RCSB059330   ?            ?                   
WWPDB D_1000059330 ?            ?                   
# 
_pdbx_database_status.entry_id                        3N3F 
_pdbx_database_status.deposit_site                    RCSB 
_pdbx_database_status.process_site                    RCSB 
_pdbx_database_status.recvd_initial_deposition_date   2010-05-19 
_pdbx_database_status.status_code                     REL 
_pdbx_database_status.status_code_sf                  REL 
_pdbx_database_status.status_code_mr                  ? 
_pdbx_database_status.SG_entry                        ? 
_pdbx_database_status.status_code_cs                  ? 
_pdbx_database_status.pdb_format_compatible           Y 
_pdbx_database_status.status_code_nmr_data            ? 
_pdbx_database_status.methods_development_category    ? 
# 
_audit_author.name           'Wirz, J.A.' 
_audit_author.pdbx_ordinal   1 
# 
_citation.id                        primary 
_citation.title                     
'Crystal structure of the human collagen XV trimerization domain: A potent trimerizing unit common to multiplexin collagens.' 
_citation.journal_abbrev            'Matrix Biol.' 
_citation.journal_volume            30 
_citation.page_first                9 
_citation.page_last                 15 
_citation.year                      2011 
_citation.journal_id_ASTM           ? 
_citation.country                   GE 
_citation.journal_id_ISSN           0945-053X 
_citation.journal_id_CSD            ? 
_citation.book_publisher            ? 
_citation.pdbx_database_id_PubMed   20932905 
_citation.pdbx_database_id_DOI      10.1016/j.matbio.2010.09.005 
# 
loop_
_citation_author.citation_id 
_citation_author.name 
_citation_author.ordinal 
_citation_author.identifier_ORCID 
primary 'Wirz, J.A.'      1 ? 
primary 'Boudko, S.P.'    2 ? 
primary 'Lerch, T.F.'     3 ? 
primary 'Chapman, M.S.'   4 ? 
primary 'Bachinger, H.P.' 5 ? 
# 
_cell.length_a           49.120 
_cell.length_b           49.120 
_cell.length_c           65.600 
_cell.angle_alpha        90.000 
_cell.angle_beta         90.000 
_cell.angle_gamma        120.000 
_cell.entry_id           3N3F 
_cell.pdbx_unique_axis   ? 
_cell.Z_PDB              12 
_cell.length_a_esd       ? 
_cell.length_b_esd       ? 
_cell.length_c_esd       ? 
_cell.angle_alpha_esd    ? 
_cell.angle_beta_esd     ? 
_cell.angle_gamma_esd    ? 
# 
_symmetry.space_group_name_H-M             'P 63' 
_symmetry.entry_id                         3N3F 
_symmetry.Int_Tables_number                173 
_symmetry.pdbx_full_space_group_name_H-M   ? 
_symmetry.cell_setting                     ? 
_symmetry.space_group_name_Hall            ? 
# 
loop_
_entity.id 
_entity.type 
_entity.src_method 
_entity.pdbx_description 
_entity.formula_weight 
_entity.pdbx_number_of_molecules 
_entity.pdbx_ec 
_entity.pdbx_mutation 
_entity.pdbx_fragment 
_entity.details 
1 polymer man 'Collagen alpha-1(XV) chain' 6259.278 2  ? ? 'UNP residues 1133-1186' ? 
2 water   nat water                        18.015   32 ? ? ?                        ? 
# 
_entity_name_com.entity_id   1 
_entity_name_com.name        'Endostatin, Endostatin-XV, Restin, Related to endostatin' 
# 
_entity_poly.entity_id                      1 
_entity_poly.type                           'polypeptide(L)' 
_entity_poly.nstd_linkage                   no 
_entity_poly.nstd_monomer                   no 
_entity_poly.pdbx_seq_one_letter_code       NLVTAFSNMDDMLQKAHLVIEGTFIYLRDSTEFFIRVRDGWKKLQLGELIPIPA 
_entity_poly.pdbx_seq_one_letter_code_can   NLVTAFSNMDDMLQKAHLVIEGTFIYLRDSTEFFIRVRDGWKKLQLGELIPIPA 
_entity_poly.pdbx_strand_id                 A,B 
_entity_poly.pdbx_target_identifier         ? 
# 
loop_
_entity_poly_seq.entity_id 
_entity_poly_seq.num 
_entity_poly_seq.mon_id 
_entity_poly_seq.hetero 
1 1  ASN n 
1 2  LEU n 
1 3  VAL n 
1 4  THR n 
1 5  ALA n 
1 6  PHE n 
1 7  SER n 
1 8  ASN n 
1 9  MET n 
1 10 ASP n 
1 11 ASP n 
1 12 MET n 
1 13 LEU n 
1 14 GLN n 
1 15 LYS n 
1 16 ALA n 
1 17 HIS n 
1 18 LEU n 
1 19 VAL n 
1 20 ILE n 
1 21 GLU n 
1 22 GLY n 
1 23 THR n 
1 24 PHE n 
1 25 ILE n 
1 26 TYR n 
1 27 LEU n 
1 28 ARG n 
1 29 ASP n 
1 30 SER n 
1 31 THR n 
1 32 GLU n 
1 33 PHE n 
1 34 PHE n 
1 35 ILE n 
1 36 ARG n 
1 37 VAL n 
1 38 ARG n 
1 39 ASP n 
1 40 GLY n 
1 41 TRP n 
1 42 LYS n 
1 43 LYS n 
1 44 LEU n 
1 45 GLN n 
1 46 LEU n 
1 47 GLY n 
1 48 GLU n 
1 49 LEU n 
1 50 ILE n 
1 51 PRO n 
1 52 ILE n 
1 53 PRO n 
1 54 ALA n 
# 
_entity_src_gen.entity_id                          1 
_entity_src_gen.pdbx_src_id                        1 
_entity_src_gen.pdbx_alt_source_flag               sample 
_entity_src_gen.pdbx_seq_type                      ? 
_entity_src_gen.pdbx_beg_seq_num                   ? 
_entity_src_gen.pdbx_end_seq_num                   ? 
_entity_src_gen.gene_src_common_name               human 
_entity_src_gen.gene_src_genus                     ? 
_entity_src_gen.pdbx_gene_src_gene                 COL15A1 
_entity_src_gen.gene_src_species                   ? 
_entity_src_gen.gene_src_strain                    ? 
_entity_src_gen.gene_src_tissue                    ? 
_entity_src_gen.gene_src_tissue_fraction           ? 
_entity_src_gen.gene_src_details                   ? 
_entity_src_gen.pdbx_gene_src_fragment             ? 
_entity_src_gen.pdbx_gene_src_scientific_name      'Homo sapiens' 
_entity_src_gen.pdbx_gene_src_ncbi_taxonomy_id     9606 
_entity_src_gen.pdbx_gene_src_variant              ? 
_entity_src_gen.pdbx_gene_src_cell_line            ? 
_entity_src_gen.pdbx_gene_src_atcc                 ? 
_entity_src_gen.pdbx_gene_src_organ                ? 
_entity_src_gen.pdbx_gene_src_organelle            ? 
_entity_src_gen.pdbx_gene_src_cell                 ? 
_entity_src_gen.pdbx_gene_src_cellular_location    ? 
_entity_src_gen.host_org_common_name               ? 
_entity_src_gen.pdbx_host_org_scientific_name      'Escherichia coli' 
_entity_src_gen.pdbx_host_org_ncbi_taxonomy_id     469008 
_entity_src_gen.host_org_genus                     ? 
_entity_src_gen.pdbx_host_org_gene                 ? 
_entity_src_gen.pdbx_host_org_organ                ? 
_entity_src_gen.host_org_species                   ? 
_entity_src_gen.pdbx_host_org_tissue               ? 
_entity_src_gen.pdbx_host_org_tissue_fraction      ? 
_entity_src_gen.pdbx_host_org_strain               'BL21(DE3)' 
_entity_src_gen.pdbx_host_org_variant              ? 
_entity_src_gen.pdbx_host_org_cell_line            ? 
_entity_src_gen.pdbx_host_org_atcc                 ? 
_entity_src_gen.pdbx_host_org_culture_collection   ? 
_entity_src_gen.pdbx_host_org_cell                 ? 
_entity_src_gen.pdbx_host_org_organelle            ? 
_entity_src_gen.pdbx_host_org_cellular_location    ? 
_entity_src_gen.pdbx_host_org_vector_type          plasmid 
_entity_src_gen.pdbx_host_org_vector               ? 
_entity_src_gen.host_org_details                   ? 
_entity_src_gen.expression_system_id               ? 
_entity_src_gen.plasmid_name                       pET23-HisTag-Trx 
_entity_src_gen.plasmid_details                    ? 
_entity_src_gen.pdbx_description                   ? 
# 
_struct_ref.id                         1 
_struct_ref.db_name                    UNP 
_struct_ref.db_code                    COFA1_HUMAN 
_struct_ref.pdbx_db_accession          P39059 
_struct_ref.entity_id                  1 
_struct_ref.pdbx_seq_one_letter_code   NLVTAFSNMDDMLQKAHLVIEGTFIYLRDSTEFFIRVRDGWKKLQLGELIPIPA 
_struct_ref.pdbx_align_begin           1133 
_struct_ref.pdbx_db_isoform            ? 
# 
loop_
_struct_ref_seq.align_id 
_struct_ref_seq.ref_id 
_struct_ref_seq.pdbx_PDB_id_code 
_struct_ref_seq.pdbx_strand_id 
_struct_ref_seq.seq_align_beg 
_struct_ref_seq.pdbx_seq_align_beg_ins_code 
_struct_ref_seq.seq_align_end 
_struct_ref_seq.pdbx_seq_align_end_ins_code 
_struct_ref_seq.pdbx_db_accession 
_struct_ref_seq.db_align_beg 
_struct_ref_seq.pdbx_db_align_beg_ins_code 
_struct_ref_seq.db_align_end 
_struct_ref_seq.pdbx_db_align_end_ins_code 
_struct_ref_seq.pdbx_auth_seq_align_beg 
_struct_ref_seq.pdbx_auth_seq_align_end 
1 1 3N3F A 1 ? 54 ? P39059 1133 ? 1186 ? 1 54 
2 1 3N3F B 1 ? 54 ? P39059 1133 ? 1186 ? 1 54 
# 
loop_
_chem_comp.id 
_chem_comp.type 
_chem_comp.mon_nstd_flag 
_chem_comp.name 
_chem_comp.pdbx_synonyms 
_chem_comp.formula 
_chem_comp.formula_weight 
ALA 'L-peptide linking' y ALANINE         ? 'C3 H7 N O2'     89.093  
ARG 'L-peptide linking' y ARGININE        ? 'C6 H15 N4 O2 1' 175.209 
ASN 'L-peptide linking' y ASPARAGINE      ? 'C4 H8 N2 O3'    132.118 
ASP 'L-peptide linking' y 'ASPARTIC ACID' ? 'C4 H7 N O4'     133.103 
GLN 'L-peptide linking' y GLUTAMINE       ? 'C5 H10 N2 O3'   146.144 
GLU 'L-peptide linking' y 'GLUTAMIC ACID' ? 'C5 H9 N O4'     147.129 
GLY 'peptide linking'   y GLYCINE         ? 'C2 H5 N O2'     75.067  
HIS 'L-peptide linking' y HISTIDINE       ? 'C6 H10 N3 O2 1' 156.162 
HOH non-polymer         . WATER           ? 'H2 O'           18.015  
ILE 'L-peptide linking' y ISOLEUCINE      ? 'C6 H13 N O2'    131.173 
LEU 'L-peptide linking' y LEUCINE         ? 'C6 H13 N O2'    131.173 
LYS 'L-peptide linking' y LYSINE          ? 'C6 H15 N2 O2 1' 147.195 
MET 'L-peptide linking' y METHIONINE      ? 'C5 H11 N O2 S'  149.211 
PHE 'L-peptide linking' y PHENYLALANINE   ? 'C9 H11 N O2'    165.189 
PRO 'L-peptide linking' y PROLINE         ? 'C5 H9 N O2'     115.130 
SER 'L-peptide linking' y SERINE          ? 'C3 H7 N O3'     105.093 
THR 'L-peptide linking' y THREONINE       ? 'C4 H9 N O3'     119.119 
TRP 'L-peptide linking' y TRYPTOPHAN      ? 'C11 H12 N2 O2'  204.225 
TYR 'L-peptide linking' y TYROSINE        ? 'C9 H11 N O3'    181.189 
VAL 'L-peptide linking' y VALINE          ? 'C5 H11 N O2'    117.146 
# 
_exptl.crystals_number   1 
_exptl.entry_id          3N3F 
_exptl.method            'X-RAY DIFFRACTION' 
# 
_exptl_crystal.id                    1 
_exptl_crystal.density_Matthews      1.82 
_exptl_crystal.density_meas          ? 
_exptl_crystal.density_percent_sol   32.60 
_exptl_crystal.description           ? 
_exptl_crystal.F_000                 ? 
_exptl_crystal.preparation           ? 
# 
_exptl_crystal_grow.crystal_id      1 
_exptl_crystal_grow.method          'VAPOR DIFFUSION, HANGING DROP' 
_exptl_crystal_grow.pH              7.5 
_exptl_crystal_grow.temp            298 
_exptl_crystal_grow.temp_details    ? 
_exptl_crystal_grow.pdbx_details    
'0.1M Tris, 0.2 M MgCl2, 30% (w/v) PEG3350, pH 7.5, VAPOR DIFFUSION, HANGING DROP, temperature 298K' 
_exptl_crystal_grow.pdbx_pH_range   ? 
# 
_diffrn.id                     1 
_diffrn.ambient_temp           100 
_diffrn.ambient_temp_details   ? 
_diffrn.crystal_id             1 
# 
_diffrn_detector.diffrn_id              1 
_diffrn_detector.detector               'IMAGE PLATE' 
_diffrn_detector.type                   'RIGAKU RAXIS' 
_diffrn_detector.pdbx_collection_date   2009-11-19 
_diffrn_detector.details                ? 
# 
_diffrn_radiation.diffrn_id                        1 
_diffrn_radiation.wavelength_id                    1 
_diffrn_radiation.pdbx_diffrn_protocol             'SINGLE WAVELENGTH' 
_diffrn_radiation.monochromator                    'Ni Filter' 
_diffrn_radiation.pdbx_monochromatic_or_laue_m_l   M 
_diffrn_radiation.pdbx_scattering_type             x-ray 
# 
_diffrn_radiation_wavelength.id           1 
_diffrn_radiation_wavelength.wavelength   1.54 
_diffrn_radiation_wavelength.wt           1.0 
# 
_diffrn_source.diffrn_id                   1 
_diffrn_source.source                      'ROTATING ANODE' 
_diffrn_source.type                        'RIGAKU RU200' 
_diffrn_source.pdbx_wavelength             ? 
_diffrn_source.pdbx_wavelength_list        1.54 
_diffrn_source.pdbx_synchrotron_site       ? 
_diffrn_source.pdbx_synchrotron_beamline   ? 
# 
_reflns.entry_id                     3N3F 
_reflns.d_resolution_high            2.005 
_reflns.d_resolution_low             42.539 
_reflns.number_all                   6095 
_reflns.number_obs                   6095 
_reflns.pdbx_Rsym_value              ? 
_reflns.pdbx_redundancy              6.600 
_reflns.percent_possible_obs         100.000 
_reflns.observed_criterion_sigma_F   1 
_reflns.observed_criterion_sigma_I   1 
_reflns.pdbx_Rmerge_I_obs            0.034 
_reflns.pdbx_netI_over_sigmaI        35.4 
_reflns.B_iso_Wilson_estimate        22.838 
_reflns.R_free_details               ? 
_reflns.limit_h_max                  ? 
_reflns.limit_h_min                  ? 
_reflns.limit_k_max                  ? 
_reflns.limit_k_min                  ? 
_reflns.limit_l_max                  ? 
_reflns.limit_l_min                  ? 
_reflns.observed_criterion_F_max     ? 
_reflns.observed_criterion_F_min     ? 
_reflns.pdbx_chi_squared             ? 
_reflns.pdbx_scaling_rejects         ? 
_reflns.pdbx_diffrn_id               1 
_reflns.pdbx_ordinal                 1 
# 
_reflns_shell.d_res_high             2.005 
_reflns_shell.d_res_low              2.01 
_reflns_shell.percent_possible_obs   ? 
_reflns_shell.percent_possible_all   100 
_reflns_shell.Rmerge_I_obs           0.110 
_reflns_shell.meanI_over_sigI_obs    15.6 
_reflns_shell.pdbx_Rsym_value        ? 
_reflns_shell.pdbx_redundancy        6.5 
_reflns_shell.number_unique_all      881 
_reflns_shell.number_measured_all    ? 
_reflns_shell.number_measured_obs    ? 
_reflns_shell.number_unique_obs      ? 
_reflns_shell.pdbx_chi_squared       ? 
_reflns_shell.pdbx_diffrn_id         ? 
_reflns_shell.pdbx_ordinal           1 
# 
_refine.entry_id                                 3N3F 
_refine.ls_d_res_high                            2.005 
_refine.ls_d_res_low                             35.69 
_refine.pdbx_ls_sigma_F                          0.00 
_refine.pdbx_data_cutoff_high_absF               ? 
_refine.pdbx_data_cutoff_low_absF                ? 
_refine.ls_percent_reflns_obs                    99.200 
_refine.ls_number_reflns_obs                     6079 
_refine.ls_number_reflns_all                     6126 
_refine.pdbx_ls_cross_valid_method               ? 
_refine.pdbx_R_Free_selection_details            RANDOM 
_refine.details                                  ? 
_refine.ls_R_factor_all                          ? 
_refine.ls_R_factor_obs                          ? 
_refine.ls_R_factor_R_work                       0.216 
_refine.ls_wR_factor_R_work                      ? 
_refine.ls_R_factor_R_free                       0.250 
_refine.ls_wR_factor_R_free                      ? 
_refine.ls_percent_reflns_R_free                 5.600 
_refine.ls_number_reflns_R_free                  343 
_refine.ls_R_factor_R_free_error                 ? 
_refine.B_iso_mean                               26.816 
_refine.solvent_model_param_bsol                 52.109 
_refine.solvent_model_param_ksol                 ? 
_refine.pdbx_isotropic_thermal_model             ANISOTROPIC 
_refine.aniso_B[1][1]                            0.168 
_refine.aniso_B[2][2]                            0.168 
_refine.aniso_B[3][3]                            -0.337 
_refine.aniso_B[1][2]                            0.000 
_refine.aniso_B[1][3]                            0.000 
_refine.aniso_B[2][3]                            0.000 
_refine.correlation_coeff_Fo_to_Fc               ? 
_refine.correlation_coeff_Fo_to_Fc_free          ? 
_refine.overall_SU_R_Cruickshank_DPI             ? 
_refine.overall_SU_R_free                        ? 
_refine.pdbx_overall_ESU_R_Free                  ? 
_refine.overall_SU_ML                            ? 
_refine.overall_SU_B                             ? 
_refine.solvent_model_details                    ? 
_refine.pdbx_solvent_vdw_probe_radii             ? 
_refine.pdbx_solvent_ion_probe_radii             ? 
_refine.pdbx_solvent_shrinkage_radii             ? 
_refine.ls_number_parameters                     ? 
_refine.ls_number_restraints                     ? 
_refine.pdbx_starting_model                      'PDB Entry 3HSH' 
_refine.pdbx_method_to_determine_struct          'MOLECULAR REPLACEMENT' 
_refine.pdbx_stereochemistry_target_values       'Engh & Huber' 
_refine.pdbx_stereochem_target_val_spec_case     ? 
_refine.overall_FOM_work_R_set                   ? 
_refine.B_iso_max                                65.98 
_refine.B_iso_min                                8.63 
_refine.occupancy_max                            1.00 
_refine.occupancy_min                            1.00 
_refine.pdbx_ls_sigma_I                          ? 
_refine.ls_redundancy_reflns_obs                 ? 
_refine.ls_R_factor_R_free_error_details         ? 
_refine.pdbx_data_cutoff_high_rms_absF           ? 
_refine.overall_FOM_free_R_set                   ? 
_refine.pdbx_overall_phase_error                 ? 
_refine.pdbx_refine_id                           'X-RAY DIFFRACTION' 
_refine.pdbx_overall_ESU_R                       ? 
_refine.pdbx_diffrn_id                           1 
_refine.pdbx_TLS_residual_ADP_flag               ? 
_refine.pdbx_overall_SU_R_free_Cruickshank_DPI   ? 
_refine.pdbx_overall_SU_R_Blow_DPI               ? 
_refine.pdbx_overall_SU_R_free_Blow_DPI          ? 
# 
_refine_analyze.entry_id                        3N3F 
_refine_analyze.Luzzati_coordinate_error_obs    0.25 
_refine_analyze.Luzzati_sigma_a_obs             0.13 
_refine_analyze.Luzzati_d_res_low_obs           5.0 
_refine_analyze.Luzzati_coordinate_error_free   0.31 
_refine_analyze.Luzzati_sigma_a_free            0.16 
_refine_analyze.Luzzati_d_res_low_free          ? 
_refine_analyze.number_disordered_residues      ? 
_refine_analyze.occupancy_sum_non_hydrogen      ? 
_refine_analyze.occupancy_sum_hydrogen          ? 
_refine_analyze.pdbx_Luzzati_d_res_high_obs     ? 
_refine_analyze.pdbx_refine_id                  'X-RAY DIFFRACTION' 
# 
_refine_hist.pdbx_refine_id                   'X-RAY DIFFRACTION' 
_refine_hist.cycle_id                         LAST 
_refine_hist.pdbx_number_atoms_protein        874 
_refine_hist.pdbx_number_atoms_nucleic_acid   0 
_refine_hist.pdbx_number_atoms_ligand         0 
_refine_hist.number_atoms_solvent             32 
_refine_hist.number_atoms_total               906 
_refine_hist.d_res_high                       2.005 
_refine_hist.d_res_low                        35.69 
# 
loop_
_refine_ls_restr.type 
_refine_ls_restr.number 
_refine_ls_restr.dev_ideal 
_refine_ls_restr.dev_ideal_target 
_refine_ls_restr.weight 
_refine_ls_restr.pdbx_refine_id 
_refine_ls_restr.pdbx_restraint_function 
c_bond_d  ? 0.005 ? ? 'X-RAY DIFFRACTION' ? 
c_angle_d ? 1.097 ? ? 'X-RAY DIFFRACTION' ? 
# 
_refine_ls_shell.d_res_high                       2.005 
_refine_ls_shell.d_res_low                        2.07 
_refine_ls_shell.number_reflns_obs                522 
_refine_ls_shell.number_reflns_R_free             34 
_refine_ls_shell.R_factor_R_work                  0.2339 
_refine_ls_shell.R_factor_R_free                  0.2075 
_refine_ls_shell.R_factor_R_free_error            ? 
_refine_ls_shell.percent_reflns_obs               87 
_refine_ls_shell.percent_reflns_R_free            ? 
_refine_ls_shell.pdbx_total_number_of_bins_used   ? 
_refine_ls_shell.number_reflns_R_work             ? 
_refine_ls_shell.redundancy_reflns_obs            ? 
_refine_ls_shell.number_reflns_all                ? 
_refine_ls_shell.R_factor_all                     ? 
_refine_ls_shell.pdbx_refine_id                   'X-RAY DIFFRACTION' 
# 
loop_
_pdbx_xplor_file.serial_no 
_pdbx_xplor_file.param_file 
_pdbx_xplor_file.topol_file 
_pdbx_xplor_file.pdbx_refine_id 
1 CNS_TOPPAR:protein_rep.param ? 'X-RAY DIFFRACTION' 
2 CNS_TOPPAR:water_rep.param   ? 'X-RAY DIFFRACTION' 
# 
_struct.entry_id                  3N3F 
_struct.title                     
'Crystal Structure of the Human Collagen XV Trimerization Domain: A Potent Trimerizing Unit Common to Multiplexin Collagens' 
_struct.pdbx_model_details        ? 
_struct.pdbx_CASP_flag            ? 
_struct.pdbx_model_type_details   ? 
# 
_struct_keywords.entry_id        3N3F 
_struct_keywords.pdbx_keywords   'PROTEIN BINDING' 
_struct_keywords.text            
;collagen, extracellular matrix, basement membrane, collagen XV, trimerization domain, folding, association, chain selection, triple helix, multiplexin, collagen XVIII, PROTEIN BINDING
;
# 
loop_
_struct_asym.id 
_struct_asym.pdbx_blank_PDB_chainid_flag 
_struct_asym.pdbx_modified 
_struct_asym.entity_id 
_struct_asym.details 
A N N 1 ? 
B N N 1 ? 
C N N 2 ? 
D N N 2 ? 
# 
_struct_biol.id        1 
_struct_biol.details   ? 
# 
loop_
_struct_conf.conf_type_id 
_struct_conf.id 
_struct_conf.pdbx_PDB_helix_id 
_struct_conf.beg_label_comp_id 
_struct_conf.beg_label_asym_id 
_struct_conf.beg_label_seq_id 
_struct_conf.pdbx_beg_PDB_ins_code 
_struct_conf.end_label_comp_id 
_struct_conf.end_label_asym_id 
_struct_conf.end_label_seq_id 
_struct_conf.pdbx_end_PDB_ins_code 
_struct_conf.beg_auth_comp_id 
_struct_conf.beg_auth_asym_id 
_struct_conf.beg_auth_seq_id 
_struct_conf.end_auth_comp_id 
_struct_conf.end_auth_asym_id 
_struct_conf.end_auth_seq_id 
_struct_conf.pdbx_PDB_helix_class 
_struct_conf.details 
_struct_conf.pdbx_PDB_helix_length 
HELX_P HELX_P1 1 ASN A 8  ? GLN A 14 ? ASN A 8  GLN A 14 1 ? 7 
HELX_P HELX_P2 2 LYS A 15 ? VAL A 19 ? LYS A 15 VAL A 19 5 ? 5 
HELX_P HELX_P3 3 ASN B 8  ? GLN B 14 ? ASN B 8  GLN B 14 1 ? 7 
HELX_P HELX_P4 4 LYS B 15 ? VAL B 19 ? LYS B 15 VAL B 19 5 ? 5 
# 
_struct_conf_type.id          HELX_P 
_struct_conf_type.criteria    ? 
_struct_conf_type.reference   ? 
# 
loop_
_struct_sheet.id 
_struct_sheet.type 
_struct_sheet.number_strands 
_struct_sheet.details 
A ? 4 ? 
B ? 4 ? 
# 
loop_
_struct_sheet_order.sheet_id 
_struct_sheet_order.range_id_1 
_struct_sheet_order.range_id_2 
_struct_sheet_order.offset 
_struct_sheet_order.sense 
A 1 2 ? parallel      
A 2 3 ? anti-parallel 
A 3 4 ? anti-parallel 
B 1 2 ? parallel      
B 2 3 ? anti-parallel 
B 3 4 ? anti-parallel 
# 
loop_
_struct_sheet_range.sheet_id 
_struct_sheet_range.id 
_struct_sheet_range.beg_label_comp_id 
_struct_sheet_range.beg_label_asym_id 
_struct_sheet_range.beg_label_seq_id 
_struct_sheet_range.pdbx_beg_PDB_ins_code 
_struct_sheet_range.end_label_comp_id 
_struct_sheet_range.end_label_asym_id 
_struct_sheet_range.end_label_seq_id 
_struct_sheet_range.pdbx_end_PDB_ins_code 
_struct_sheet_range.beg_auth_comp_id 
_struct_sheet_range.beg_auth_asym_id 
_struct_sheet_range.beg_auth_seq_id 
_struct_sheet_range.end_auth_comp_id 
_struct_sheet_range.end_auth_asym_id 
_struct_sheet_range.end_auth_seq_id 
A 1 VAL A 3  ? PHE A 6  ? VAL A 3  PHE A 6  
A 2 THR A 23 ? LEU A 27 ? THR A 23 LEU A 27 
A 3 GLU A 32 ? VAL A 37 ? GLU A 32 VAL A 37 
A 4 GLY A 40 ? LYS A 43 ? GLY A 40 LYS A 43 
B 1 VAL B 3  ? PHE B 6  ? VAL B 3  PHE B 6  
B 2 THR B 23 ? LEU B 27 ? THR B 23 LEU B 27 
B 3 GLU B 32 ? VAL B 37 ? GLU B 32 VAL B 37 
B 4 GLY B 40 ? LYS B 43 ? GLY B 40 LYS B 43 
# 
loop_
_pdbx_struct_sheet_hbond.sheet_id 
_pdbx_struct_sheet_hbond.range_id_1 
_pdbx_struct_sheet_hbond.range_id_2 
_pdbx_struct_sheet_hbond.range_1_label_atom_id 
_pdbx_struct_sheet_hbond.range_1_label_comp_id 
_pdbx_struct_sheet_hbond.range_1_label_asym_id 
_pdbx_struct_sheet_hbond.range_1_label_seq_id 
_pdbx_struct_sheet_hbond.range_1_PDB_ins_code 
_pdbx_struct_sheet_hbond.range_1_auth_atom_id 
_pdbx_struct_sheet_hbond.range_1_auth_comp_id 
_pdbx_struct_sheet_hbond.range_1_auth_asym_id 
_pdbx_struct_sheet_hbond.range_1_auth_seq_id 
_pdbx_struct_sheet_hbond.range_2_label_atom_id 
_pdbx_struct_sheet_hbond.range_2_label_comp_id 
_pdbx_struct_sheet_hbond.range_2_label_asym_id 
_pdbx_struct_sheet_hbond.range_2_label_seq_id 
_pdbx_struct_sheet_hbond.range_2_PDB_ins_code 
_pdbx_struct_sheet_hbond.range_2_auth_atom_id 
_pdbx_struct_sheet_hbond.range_2_auth_comp_id 
_pdbx_struct_sheet_hbond.range_2_auth_asym_id 
_pdbx_struct_sheet_hbond.range_2_auth_seq_id 
A 1 2 N THR A 4  ? N THR A 4  O TYR A 26 ? O TYR A 26 
A 2 3 N ILE A 25 ? N ILE A 25 O PHE A 34 ? O PHE A 34 
A 3 4 N VAL A 37 ? N VAL A 37 O GLY A 40 ? O GLY A 40 
B 1 2 N THR B 4  ? N THR B 4  O PHE B 24 ? O PHE B 24 
B 2 3 N ILE B 25 ? N ILE B 25 O PHE B 34 ? O PHE B 34 
B 3 4 N ILE B 35 ? N ILE B 35 O LYS B 42 ? O LYS B 42 
# 
_atom_sites.entry_id                    3N3F 
_atom_sites.fract_transf_matrix[1][1]   -0.01110950 
_atom_sites.fract_transf_matrix[1][2]   -0.00516618 
_atom_sites.fract_transf_matrix[1][3]   0.02006226 
_atom_sites.fract_transf_matrix[2][1]   0.00989691 
_atom_sites.fract_transf_matrix[2][2]   -0.01466884 
_atom_sites.fract_transf_matrix[2][3]   0.01547587 
_atom_sites.fract_transf_matrix[3][1]   0.00682730 
_atom_sites.fract_transf_matrix[3][2]   0.01180095 
_atom_sites.fract_transf_matrix[3][3]   0.00681946 
_atom_sites.fract_transf_vector[1]      -0.019359 
_atom_sites.fract_transf_vector[2]      0.233141 
_atom_sites.fract_transf_vector[3]      -0.134343 
# 
loop_
_atom_type.symbol 
C 
N 
O 
S 
# 
loop_
_atom_site.group_PDB 
_atom_site.id 
_atom_site.type_symbol 
_atom_site.label_atom_id 
_atom_site.label_alt_id 
_atom_site.label_comp_id 
_atom_site.label_asym_id 
_atom_site.label_entity_id 
_atom_site.label_seq_id 
_atom_site.pdbx_PDB_ins_code 
_atom_site.Cartn_x 
_atom_site.Cartn_y 
_atom_site.Cartn_z 
_atom_site.occupancy 
_atom_site.B_iso_or_equiv 
_atom_site.pdbx_formal_charge 
_atom_site.auth_seq_id 
_atom_site.auth_comp_id 
_atom_site.auth_asym_id 
_atom_site.auth_atom_id 
_atom_site.pdbx_PDB_model_num 
ATOM   1   N N   . ASN A 1 1  ? 11.938  -7.058  -1.763  1.00 56.11 ? 1  ASN A N   1 
ATOM   2   C CA  . ASN A 1 1  ? 12.202  -7.891  -2.971  1.00 54.97 ? 1  ASN A CA  1 
ATOM   3   C C   . ASN A 1 1  ? 12.899  -7.086  -4.064  1.00 51.65 ? 1  ASN A C   1 
ATOM   4   O O   . ASN A 1 1  ? 13.911  -7.518  -4.617  1.00 51.74 ? 1  ASN A O   1 
ATOM   5   C CB  . ASN A 1 1  ? 10.889  -8.463  -3.516  1.00 62.55 ? 1  ASN A CB  1 
ATOM   6   C CG  . ASN A 1 1  ? 10.170  -9.347  -2.507  1.00 26.94 ? 1  ASN A CG  1 
ATOM   7   O OD1 . ASN A 1 1  ? 10.707  -10.367 -2.060  1.00 26.94 ? 1  ASN A OD1 1 
ATOM   8   N ND2 . ASN A 1 1  ? 8.949   -8.961  -2.142  1.00 26.94 ? 1  ASN A ND2 1 
ATOM   9   N N   . LEU A 1 2  ? 12.352  -5.912  -4.370  1.00 36.91 ? 2  LEU A N   1 
ATOM   10  C CA  . LEU A 1 2  ? 12.920  -5.057  -5.404  1.00 30.82 ? 2  LEU A CA  1 
ATOM   11  C C   . LEU A 1 2  ? 12.607  -3.572  -5.200  1.00 26.65 ? 2  LEU A C   1 
ATOM   12  O O   . LEU A 1 2  ? 13.254  -2.894  -4.398  1.00 21.28 ? 2  LEU A O   1 
ATOM   13  C CB  . LEU A 1 2  ? 12.424  -5.517  -6.780  1.00 42.56 ? 2  LEU A CB  1 
ATOM   14  C CG  . LEU A 1 2  ? 11.213  -6.458  -6.808  1.00 43.69 ? 2  LEU A CG  1 
ATOM   15  C CD1 . LEU A 1 2  ? 10.015  -5.798  -6.143  1.00 45.21 ? 2  LEU A CD1 1 
ATOM   16  C CD2 . LEU A 1 2  ? 10.892  -6.828  -8.249  1.00 45.38 ? 2  LEU A CD2 1 
ATOM   17  N N   . VAL A 1 3  ? 11.620  -3.068  -5.931  1.00 23.08 ? 3  VAL A N   1 
ATOM   18  C CA  . VAL A 1 3  ? 11.245  -1.666  -5.826  1.00 20.41 ? 3  VAL A CA  1 
ATOM   19  C C   . VAL A 1 3  ? 9.749   -1.446  -5.995  1.00 18.59 ? 3  VAL A C   1 
ATOM   20  O O   . VAL A 1 3  ? 9.106   -2.044  -6.859  1.00 15.03 ? 3  VAL A O   1 
ATOM   21  C CB  . VAL A 1 3  ? 12.006  -0.806  -6.870  1.00 29.15 ? 3  VAL A CB  1 
ATOM   22  C CG1 . VAL A 1 3  ? 11.905  -1.445  -8.239  1.00 32.44 ? 3  VAL A CG1 1 
ATOM   23  C CG2 . VAL A 1 3  ? 11.440  0.609   -6.907  1.00 28.44 ? 3  VAL A CG2 1 
ATOM   24  N N   . THR A 1 4  ? 9.197   -0.593  -5.143  1.00 18.11 ? 4  THR A N   1 
ATOM   25  C CA  . THR A 1 4  ? 7.782   -0.259  -5.199  1.00 17.37 ? 4  THR A CA  1 
ATOM   26  C C   . THR A 1 4  ? 7.681   1.248   -5.015  1.00 16.77 ? 4  THR A C   1 
ATOM   27  O O   . THR A 1 4  ? 8.706   1.925   -4.928  1.00 14.84 ? 4  THR A O   1 
ATOM   28  C CB  . THR A 1 4  ? 6.983   -0.988  -4.097  1.00 20.44 ? 4  THR A CB  1 
ATOM   29  O OG1 . THR A 1 4  ? 5.592   -0.674  -4.236  1.00 21.09 ? 4  THR A OG1 1 
ATOM   30  C CG2 . THR A 1 4  ? 7.463   -0.574  -2.711  1.00 21.11 ? 4  THR A CG2 1 
ATOM   31  N N   . ALA A 1 5  ? 6.462   1.777   -4.949  1.00 17.39 ? 5  ALA A N   1 
ATOM   32  C CA  . ALA A 1 5  ? 6.294   3.217   -4.803  1.00 16.19 ? 5  ALA A CA  1 
ATOM   33  C C   . ALA A 1 5  ? 5.018   3.650   -4.089  1.00 17.51 ? 5  ALA A C   1 
ATOM   34  O O   . ALA A 1 5  ? 4.080   2.876   -3.927  1.00 16.43 ? 5  ALA A O   1 
ATOM   35  C CB  . ALA A 1 5  ? 6.354   3.875   -6.178  1.00 20.60 ? 5  ALA A CB  1 
ATOM   36  N N   . PHE A 1 6  ? 5.011   4.909   -3.665  1.00 16.22 ? 6  PHE A N   1 
ATOM   37  C CA  . PHE A 1 6  ? 3.865   5.510   -2.993  1.00 16.23 ? 6  PHE A CA  1 
ATOM   38  C C   . PHE A 1 6  ? 3.764   6.928   -3.538  1.00 17.06 ? 6  PHE A C   1 
ATOM   39  O O   . PHE A 1 6  ? 4.739   7.460   -4.064  1.00 15.90 ? 6  PHE A O   1 
ATOM   40  C CB  . PHE A 1 6  ? 4.085   5.551   -1.477  1.00 14.03 ? 6  PHE A CB  1 
ATOM   41  C CG  . PHE A 1 6  ? 4.105   4.193   -0.829  1.00 15.39 ? 6  PHE A CG  1 
ATOM   42  C CD1 . PHE A 1 6  ? 2.918   3.534   -0.521  1.00 16.08 ? 6  PHE A CD1 1 
ATOM   43  C CD2 . PHE A 1 6  ? 5.315   3.562   -0.546  1.00 15.57 ? 6  PHE A CD2 1 
ATOM   44  C CE1 . PHE A 1 6  ? 2.938   2.264   0.060   1.00 16.35 ? 6  PHE A CE1 1 
ATOM   45  C CE2 . PHE A 1 6  ? 5.345   2.295   0.032   1.00 16.25 ? 6  PHE A CE2 1 
ATOM   46  C CZ  . PHE A 1 6  ? 4.153   1.644   0.336   1.00 15.90 ? 6  PHE A CZ  1 
ATOM   47  N N   . SER A 1 7  ? 2.592   7.541   -3.422  1.00 17.59 ? 7  SER A N   1 
ATOM   48  C CA  . SER A 1 7  ? 2.426   8.901   -3.908  1.00 20.13 ? 7  SER A CA  1 
ATOM   49  C C   . SER A 1 7  ? 3.369   9.816   -3.144  1.00 19.73 ? 7  SER A C   1 
ATOM   50  O O   . SER A 1 7  ? 4.095   10.615  -3.737  1.00 19.68 ? 7  SER A O   1 
ATOM   51  C CB  . SER A 1 7  ? 0.982   9.373   -3.713  1.00 37.77 ? 7  SER A CB  1 
ATOM   52  O OG  . SER A 1 7  ? 0.087   8.669   -4.556  1.00 43.48 ? 7  SER A OG  1 
ATOM   53  N N   . ASN A 1 8  ? 3.367   9.674   -1.822  1.00 14.91 ? 8  ASN A N   1 
ATOM   54  C CA  . ASN A 1 8  ? 4.206   10.495  -0.957  1.00 14.40 ? 8  ASN A CA  1 
ATOM   55  C C   . ASN A 1 8  ? 4.633   9.762   0.314   1.00 14.12 ? 8  ASN A C   1 
ATOM   56  O O   . ASN A 1 8  ? 4.263   8.607   0.537   1.00 8.63  ? 8  ASN A O   1 
ATOM   57  C CB  . ASN A 1 8  ? 3.462   11.775  -0.591  1.00 23.15 ? 8  ASN A CB  1 
ATOM   58  C CG  . ASN A 1 8  ? 2.029   11.511  -0.196  1.00 22.87 ? 8  ASN A CG  1 
ATOM   59  O OD1 . ASN A 1 8  ? 1.105   12.065  -0.785  1.00 29.10 ? 8  ASN A OD1 1 
ATOM   60  N ND2 . ASN A 1 8  ? 1.835   10.657  0.803   1.00 21.12 ? 8  ASN A ND2 1 
ATOM   61  N N   . MET A 1 9  ? 5.406   10.452  1.149   1.00 14.78 ? 9  MET A N   1 
ATOM   62  C CA  . MET A 1 9  ? 5.919   9.863   2.374   1.00 15.63 ? 9  MET A CA  1 
ATOM   63  C C   . MET A 1 9  ? 4.845   9.358   3.325   1.00 14.32 ? 9  MET A C   1 
ATOM   64  O O   . MET A 1 9  ? 4.971   8.270   3.879   1.00 14.16 ? 9  MET A O   1 
ATOM   65  C CB  . MET A 1 9  ? 6.811   10.858  3.117   1.00 18.76 ? 9  MET A CB  1 
ATOM   66  C CG  . MET A 1 9  ? 7.550   10.228  4.287   1.00 22.03 ? 9  MET A CG  1 
ATOM   67  S SD  . MET A 1 9  ? 8.509   11.402  5.251   1.00 25.69 ? 9  MET A SD  1 
ATOM   68  C CE  . MET A 1 9  ? 9.724   11.892  4.073   1.00 28.62 ? 9  MET A CE  1 
ATOM   69  N N   . ASP A 1 10 ? 3.790   10.139  3.519   1.00 12.78 ? 10 ASP A N   1 
ATOM   70  C CA  . ASP A 1 10 ? 2.729   9.726   4.430   1.00 15.75 ? 10 ASP A CA  1 
ATOM   71  C C   . ASP A 1 10 ? 2.044   8.434   4.006   1.00 15.48 ? 10 ASP A C   1 
ATOM   72  O O   . ASP A 1 10 ? 1.714   7.595   4.848   1.00 16.48 ? 10 ASP A O   1 
ATOM   73  C CB  . ASP A 1 10 ? 1.718   10.858  4.602   1.00 27.88 ? 10 ASP A CB  1 
ATOM   74  C CG  . ASP A 1 10 ? 2.282   12.000  5.422   1.00 32.98 ? 10 ASP A CG  1 
ATOM   75  O OD1 . ASP A 1 10 ? 2.706   11.737  6.568   1.00 35.11 ? 10 ASP A OD1 1 
ATOM   76  O OD2 . ASP A 1 10 ? 2.316   13.146  4.931   1.00 34.43 ? 10 ASP A OD2 1 
ATOM   77  N N   . ASP A 1 11 ? 1.837   8.271   2.704   1.00 14.52 ? 11 ASP A N   1 
ATOM   78  C CA  . ASP A 1 11 ? 1.223   7.051   2.191   1.00 14.71 ? 11 ASP A CA  1 
ATOM   79  C C   . ASP A 1 11 ? 2.172   5.892   2.525   1.00 14.23 ? 11 ASP A C   1 
ATOM   80  O O   . ASP A 1 11 ? 1.742   4.817   2.935   1.00 12.76 ? 11 ASP A O   1 
ATOM   81  C CB  . ASP A 1 11 ? 1.016   7.169   0.679   1.00 37.10 ? 11 ASP A CB  1 
ATOM   82  C CG  . ASP A 1 11 ? 0.127   6.077   0.124   1.00 42.97 ? 11 ASP A CG  1 
ATOM   83  O OD1 . ASP A 1 11 ? -0.966  5.852   0.689   1.00 49.26 ? 11 ASP A OD1 1 
ATOM   84  O OD2 . ASP A 1 11 ? 0.514   5.449   -0.884  1.00 48.45 ? 11 ASP A OD2 1 
ATOM   85  N N   . MET A 1 12 ? 3.471   6.126   2.369   1.00 15.98 ? 12 MET A N   1 
ATOM   86  C CA  . MET A 1 12 ? 4.471   5.108   2.679   1.00 16.69 ? 12 MET A CA  1 
ATOM   87  C C   . MET A 1 12 ? 4.445   4.751   4.171   1.00 17.23 ? 12 MET A C   1 
ATOM   88  O O   . MET A 1 12 ? 4.451   3.576   4.538   1.00 15.05 ? 12 MET A O   1 
ATOM   89  C CB  . MET A 1 12 ? 5.868   5.614   2.300   1.00 18.13 ? 12 MET A CB  1 
ATOM   90  C CG  . MET A 1 12 ? 7.007   4.705   2.748   1.00 14.77 ? 12 MET A CG  1 
ATOM   91  S SD  . MET A 1 12 ? 8.644   5.454   2.520   1.00 17.63 ? 12 MET A SD  1 
ATOM   92  C CE  . MET A 1 12 ? 8.842   6.357   4.041   1.00 16.84 ? 12 MET A CE  1 
ATOM   93  N N   . LEU A 1 13 ? 4.413   5.775   5.022   1.00 14.83 ? 13 LEU A N   1 
ATOM   94  C CA  . LEU A 1 13 ? 4.400   5.592   6.472   1.00 15.83 ? 13 LEU A CA  1 
ATOM   95  C C   . LEU A 1 13 ? 3.232   4.760   7.004   1.00 16.98 ? 13 LEU A C   1 
ATOM   96  O O   . LEU A 1 13 ? 3.367   4.074   8.013   1.00 14.78 ? 13 LEU A O   1 
ATOM   97  C CB  . LEU A 1 13 ? 4.403   6.954   7.179   1.00 18.96 ? 13 LEU A CB  1 
ATOM   98  C CG  . LEU A 1 13 ? 5.644   7.846   7.060   1.00 18.81 ? 13 LEU A CG  1 
ATOM   99  C CD1 . LEU A 1 13 ? 5.375   9.183   7.738   1.00 15.91 ? 13 LEU A CD1 1 
ATOM   100 C CD2 . LEU A 1 13 ? 6.847   7.158   7.693   1.00 19.00 ? 13 LEU A CD2 1 
ATOM   101 N N   . GLN A 1 14 ? 2.085   4.813   6.338   1.00 19.76 ? 14 GLN A N   1 
ATOM   102 C CA  . GLN A 1 14 ? 0.935   4.049   6.807   1.00 23.16 ? 14 GLN A CA  1 
ATOM   103 C C   . GLN A 1 14 ? 0.840   2.644   6.214   1.00 21.99 ? 14 GLN A C   1 
ATOM   104 O O   . GLN A 1 14 ? -0.044  1.864   6.577   1.00 22.87 ? 14 GLN A O   1 
ATOM   105 C CB  . GLN A 1 14 ? -0.358  4.825   6.539   1.00 38.65 ? 14 GLN A CB  1 
ATOM   106 C CG  . GLN A 1 14 ? -0.629  5.132   5.080   1.00 44.80 ? 14 GLN A CG  1 
ATOM   107 C CD  . GLN A 1 14 ? -1.839  6.033   4.894   1.00 47.04 ? 14 GLN A CD  1 
ATOM   108 O OE1 . GLN A 1 14 ? -2.284  6.272   3.772   1.00 50.78 ? 14 GLN A OE1 1 
ATOM   109 N NE2 . GLN A 1 14 ? -2.373  6.541   6.000   1.00 49.31 ? 14 GLN A NE2 1 
ATOM   110 N N   . LYS A 1 15 ? 1.762   2.314   5.318   1.00 19.69 ? 15 LYS A N   1 
ATOM   111 C CA  . LYS A 1 15 ? 1.762   1.003   4.679   1.00 18.13 ? 15 LYS A CA  1 
ATOM   112 C C   . LYS A 1 15 ? 3.067   0.245   4.897   1.00 17.37 ? 15 LYS A C   1 
ATOM   113 O O   . LYS A 1 15 ? 3.584   -0.400  3.990   1.00 16.44 ? 15 LYS A O   1 
ATOM   114 C CB  . LYS A 1 15 ? 1.481   1.165   3.185   1.00 21.84 ? 15 LYS A CB  1 
ATOM   115 C CG  . LYS A 1 15 ? 0.093   1.727   2.897   1.00 23.37 ? 15 LYS A CG  1 
ATOM   116 C CD  . LYS A 1 15 ? -0.119  1.991   1.420   1.00 27.52 ? 15 LYS A CD  1 
ATOM   117 C CE  . LYS A 1 15 ? -1.565  2.370   1.127   1.00 31.92 ? 15 LYS A CE  1 
ATOM   118 N NZ  . LYS A 1 15 ? -2.003  3.558   1.906   1.00 33.15 ? 15 LYS A NZ  1 
ATOM   119 N N   . ALA A 1 16 ? 3.578   0.314   6.121   1.00 19.96 ? 16 ALA A N   1 
ATOM   120 C CA  . ALA A 1 16 ? 4.815   -0.354  6.491   1.00 20.94 ? 16 ALA A CA  1 
ATOM   121 C C   . ALA A 1 16 ? 4.739   -1.870  6.328   1.00 21.78 ? 16 ALA A C   1 
ATOM   122 O O   . ALA A 1 16 ? 5.741   -2.517  6.030   1.00 22.98 ? 16 ALA A O   1 
ATOM   123 C CB  . ALA A 1 16 ? 5.179   -0.008  7.936   1.00 21.48 ? 16 ALA A CB  1 
ATOM   124 N N   . HIS A 1 17 ? 3.554   -2.436  6.523   1.00 22.61 ? 17 HIS A N   1 
ATOM   125 C CA  . HIS A 1 17 ? 3.389   -3.880  6.411   1.00 24.06 ? 17 HIS A CA  1 
ATOM   126 C C   . HIS A 1 17 ? 3.160   -4.385  4.993   1.00 23.87 ? 17 HIS A C   1 
ATOM   127 O O   . HIS A 1 17 ? 3.046   -5.590  4.768   1.00 23.64 ? 17 HIS A O   1 
ATOM   128 C CB  . HIS A 1 17 ? 2.259   -4.345  7.327   1.00 40.95 ? 17 HIS A CB  1 
ATOM   129 C CG  . HIS A 1 17 ? 2.504   -4.040  8.771   1.00 44.42 ? 17 HIS A CG  1 
ATOM   130 N ND1 . HIS A 1 17 ? 3.666   -4.405  9.418   1.00 47.07 ? 17 HIS A ND1 1 
ATOM   131 C CD2 . HIS A 1 17 ? 1.752   -3.387  9.687   1.00 47.08 ? 17 HIS A CD2 1 
ATOM   132 C CE1 . HIS A 1 17 ? 3.618   -3.989  10.671  1.00 49.66 ? 17 HIS A CE1 1 
ATOM   133 N NE2 . HIS A 1 17 ? 2.467   -3.368  10.860  1.00 50.82 ? 17 HIS A NE2 1 
ATOM   134 N N   . LEU A 1 18 ? 3.096   -3.466  4.035   1.00 22.26 ? 18 LEU A N   1 
ATOM   135 C CA  . LEU A 1 18 ? 2.913   -3.850  2.642   1.00 22.01 ? 18 LEU A CA  1 
ATOM   136 C C   . LEU A 1 18 ? 4.270   -3.919  1.951   1.00 20.69 ? 18 LEU A C   1 
ATOM   137 O O   . LEU A 1 18 ? 4.369   -4.342  0.803   1.00 21.63 ? 18 LEU A O   1 
ATOM   138 C CB  . LEU A 1 18 ? 2.016   -2.848  1.908   1.00 21.78 ? 18 LEU A CB  1 
ATOM   139 C CG  . LEU A 1 18 ? 0.550   -2.765  2.341   1.00 21.78 ? 18 LEU A CG  1 
ATOM   140 C CD1 . LEU A 1 18 ? -0.194  -1.786  1.442   1.00 22.82 ? 18 LEU A CD1 1 
ATOM   141 C CD2 . LEU A 1 18 ? -0.085  -4.141  2.262   1.00 22.66 ? 18 LEU A CD2 1 
ATOM   142 N N   . VAL A 1 19 ? 5.316   -3.505  2.657   1.00 20.19 ? 19 VAL A N   1 
ATOM   143 C CA  . VAL A 1 19 ? 6.659   -3.518  2.090   1.00 17.42 ? 19 VAL A CA  1 
ATOM   144 C C   . VAL A 1 19 ? 7.598   -4.392  2.906   1.00 19.08 ? 19 VAL A C   1 
ATOM   145 O O   . VAL A 1 19 ? 7.750   -4.193  4.109   1.00 17.27 ? 19 VAL A O   1 
ATOM   146 C CB  . VAL A 1 19 ? 7.257   -2.097  2.026   1.00 19.33 ? 19 VAL A CB  1 
ATOM   147 C CG1 . VAL A 1 19 ? 8.562   -2.122  1.240   1.00 17.43 ? 19 VAL A CG1 1 
ATOM   148 C CG2 . VAL A 1 19 ? 6.260   -1.132  1.394   1.00 18.22 ? 19 VAL A CG2 1 
ATOM   149 N N   . ILE A 1 20 ? 8.235   -5.352  2.242   1.00 18.02 ? 20 ILE A N   1 
ATOM   150 C CA  . ILE A 1 20 ? 9.162   -6.253  2.915   1.00 19.65 ? 20 ILE A CA  1 
ATOM   151 C C   . ILE A 1 20 ? 10.498  -5.565  3.159   1.00 20.29 ? 20 ILE A C   1 
ATOM   152 O O   . ILE A 1 20 ? 10.971  -4.787  2.334   1.00 19.34 ? 20 ILE A O   1 
ATOM   153 C CB  . ILE A 1 20 ? 9.426   -7.533  2.082   1.00 32.60 ? 20 ILE A CB  1 
ATOM   154 C CG1 . ILE A 1 20 ? 8.114   -8.284  1.832   1.00 33.00 ? 20 ILE A CG1 1 
ATOM   155 C CG2 . ILE A 1 20 ? 10.411  -8.442  2.818   1.00 32.67 ? 20 ILE A CG2 1 
ATOM   156 C CD1 . ILE A 1 20 ? 7.478   -8.840  3.085   1.00 36.62 ? 20 ILE A CD1 1 
ATOM   157 N N   . GLU A 1 21 ? 11.093  -5.852  4.309   1.00 22.01 ? 21 GLU A N   1 
ATOM   158 C CA  . GLU A 1 21 ? 12.387  -5.292  4.665   1.00 23.81 ? 21 GLU A CA  1 
ATOM   159 C C   . GLU A 1 21 ? 13.364  -5.521  3.511   1.00 24.30 ? 21 GLU A C   1 
ATOM   160 O O   . GLU A 1 21 ? 13.322  -6.559  2.852   1.00 22.91 ? 21 GLU A O   1 
ATOM   161 C CB  . GLU A 1 21 ? 12.882  -5.973  5.947   1.00 32.90 ? 21 GLU A CB  1 
ATOM   162 C CG  . GLU A 1 21 ? 14.377  -5.926  6.195   1.00 34.35 ? 21 GLU A CG  1 
ATOM   163 C CD  . GLU A 1 21 ? 14.750  -6.526  7.544   1.00 35.28 ? 21 GLU A CD  1 
ATOM   164 O OE1 . GLU A 1 21 ? 14.165  -7.565  7.920   1.00 35.47 ? 21 GLU A OE1 1 
ATOM   165 O OE2 . GLU A 1 21 ? 15.628  -5.965  8.227   1.00 35.46 ? 21 GLU A OE2 1 
ATOM   166 N N   . GLY A 1 22 ? 14.226  -4.543  3.253   1.00 32.99 ? 22 GLY A N   1 
ATOM   167 C CA  . GLY A 1 22 ? 15.192  -4.674  2.175   1.00 31.65 ? 22 GLY A CA  1 
ATOM   168 C C   . GLY A 1 22 ? 14.666  -4.289  0.803   1.00 31.08 ? 22 GLY A C   1 
ATOM   169 O O   . GLY A 1 22 ? 15.295  -4.598  -0.208  1.00 32.43 ? 22 GLY A O   1 
ATOM   170 N N   . THR A 1 23 ? 13.517  -3.617  0.764   1.00 21.81 ? 23 THR A N   1 
ATOM   171 C CA  . THR A 1 23 ? 12.907  -3.182  -0.493  1.00 19.61 ? 23 THR A CA  1 
ATOM   172 C C   . THR A 1 23 ? 13.115  -1.683  -0.675  1.00 18.18 ? 23 THR A C   1 
ATOM   173 O O   . THR A 1 23 ? 13.158  -0.936  0.300   1.00 18.42 ? 23 THR A O   1 
ATOM   174 C CB  . THR A 1 23 ? 11.380  -3.461  -0.511  1.00 26.28 ? 23 THR A CB  1 
ATOM   175 O OG1 . THR A 1 23 ? 11.145  -4.869  -0.432  1.00 31.38 ? 23 THR A OG1 1 
ATOM   176 C CG2 . THR A 1 23 ? 10.748  -2.922  -1.785  1.00 25.63 ? 23 THR A CG2 1 
ATOM   177 N N   . PHE A 1 24 ? 13.255  -1.248  -1.923  1.00 16.34 ? 24 PHE A N   1 
ATOM   178 C CA  . PHE A 1 24 ? 13.433  0.166   -2.226  1.00 15.00 ? 24 PHE A CA  1 
ATOM   179 C C   . PHE A 1 24 ? 12.070  0.819   -2.444  1.00 12.89 ? 24 PHE A C   1 
ATOM   180 O O   . PHE A 1 24 ? 11.192  0.235   -3.077  1.00 13.62 ? 24 PHE A O   1 
ATOM   181 C CB  . PHE A 1 24 ? 14.311  0.331   -3.464  1.00 16.25 ? 24 PHE A CB  1 
ATOM   182 C CG  . PHE A 1 24 ? 15.771  0.101   -3.199  1.00 16.96 ? 24 PHE A CG  1 
ATOM   183 C CD1 . PHE A 1 24 ? 16.552  1.105   -2.639  1.00 17.90 ? 24 PHE A CD1 1 
ATOM   184 C CD2 . PHE A 1 24 ? 16.359  -1.124  -3.488  1.00 18.53 ? 24 PHE A CD2 1 
ATOM   185 C CE1 . PHE A 1 24 ? 17.908  0.894   -2.369  1.00 20.82 ? 24 PHE A CE1 1 
ATOM   186 C CE2 . PHE A 1 24 ? 17.711  -1.348  -3.222  1.00 21.30 ? 24 PHE A CE2 1 
ATOM   187 C CZ  . PHE A 1 24 ? 18.484  -0.334  -2.661  1.00 23.80 ? 24 PHE A CZ  1 
ATOM   188 N N   . ILE A 1 25 ? 11.901  2.029   -1.916  1.00 14.19 ? 25 ILE A N   1 
ATOM   189 C CA  . ILE A 1 25 ? 10.634  2.750   -2.025  1.00 12.35 ? 25 ILE A CA  1 
ATOM   190 C C   . ILE A 1 25 ? 10.770  4.105   -2.715  1.00 12.62 ? 25 ILE A C   1 
ATOM   191 O O   . ILE A 1 25 ? 11.469  4.993   -2.238  1.00 14.24 ? 25 ILE A O   1 
ATOM   192 C CB  . ILE A 1 25 ? 10.014  2.984   -0.629  1.00 14.09 ? 25 ILE A CB  1 
ATOM   193 C CG1 . ILE A 1 25 ? 9.837   1.649   0.097   1.00 14.82 ? 25 ILE A CG1 1 
ATOM   194 C CG2 . ILE A 1 25 ? 8.674   3.704   -0.774  1.00 13.77 ? 25 ILE A CG2 1 
ATOM   195 C CD1 . ILE A 1 25 ? 9.297   1.791   1.508   1.00 15.53 ? 25 ILE A CD1 1 
ATOM   196 N N   . TYR A 1 26 ? 10.078  4.258   -3.834  1.00 12.31 ? 26 TYR A N   1 
ATOM   197 C CA  . TYR A 1 26 ? 10.108  5.496   -4.602  1.00 14.34 ? 26 TYR A CA  1 
ATOM   198 C C   . TYR A 1 26 ? 8.896   6.350   -4.259  1.00 15.61 ? 26 TYR A C   1 
ATOM   199 O O   . TYR A 1 26 ? 7.774   5.850   -4.202  1.00 18.65 ? 26 TYR A O   1 
ATOM   200 C CB  . TYR A 1 26 ? 10.106  5.164   -6.097  1.00 12.63 ? 26 TYR A CB  1 
ATOM   201 C CG  . TYR A 1 26 ? 10.078  6.348   -7.047  1.00 16.41 ? 26 TYR A CG  1 
ATOM   202 C CD1 . TYR A 1 26 ? 11.045  7.350   -6.980  1.00 13.60 ? 26 TYR A CD1 1 
ATOM   203 C CD2 . TYR A 1 26 ? 9.146   6.404   -8.084  1.00 15.16 ? 26 TYR A CD2 1 
ATOM   204 C CE1 . TYR A 1 26 ? 11.095  8.369   -7.932  1.00 17.22 ? 26 TYR A CE1 1 
ATOM   205 C CE2 . TYR A 1 26 ? 9.187   7.419   -9.040  1.00 17.66 ? 26 TYR A CE2 1 
ATOM   206 C CZ  . TYR A 1 26 ? 10.168  8.394   -8.960  1.00 18.48 ? 26 TYR A CZ  1 
ATOM   207 O OH  . TYR A 1 26 ? 10.245  9.368   -9.926  1.00 19.05 ? 26 TYR A OH  1 
ATOM   208 N N   . LEU A 1 27 ? 9.123   7.633   -4.003  1.00 15.39 ? 27 LEU A N   1 
ATOM   209 C CA  . LEU A 1 27 ? 8.021   8.540   -3.708  1.00 17.38 ? 27 LEU A CA  1 
ATOM   210 C C   . LEU A 1 27 ? 7.805   9.364   -4.969  1.00 19.00 ? 27 LEU A C   1 
ATOM   211 O O   . LEU A 1 27 ? 8.613   10.231  -5.304  1.00 19.03 ? 27 LEU A O   1 
ATOM   212 C CB  . LEU A 1 27 ? 8.360   9.442   -2.518  1.00 20.06 ? 27 LEU A CB  1 
ATOM   213 C CG  . LEU A 1 27 ? 8.680   8.706   -1.211  1.00 18.20 ? 27 LEU A CG  1 
ATOM   214 C CD1 . LEU A 1 27 ? 8.732   9.712   -0.074  1.00 19.63 ? 27 LEU A CD1 1 
ATOM   215 C CD2 . LEU A 1 27 ? 7.613   7.651   -0.921  1.00 19.70 ? 27 LEU A CD2 1 
ATOM   216 N N   . ARG A 1 28 ? 6.716   9.068   -5.673  1.00 21.80 ? 28 ARG A N   1 
ATOM   217 C CA  . ARG A 1 28 ? 6.390   9.734   -6.928  1.00 25.15 ? 28 ARG A CA  1 
ATOM   218 C C   . ARG A 1 28 ? 6.347   11.255  -6.864  1.00 24.93 ? 28 ARG A C   1 
ATOM   219 O O   . ARG A 1 28 ? 6.943   11.930  -7.701  1.00 25.91 ? 28 ARG A O   1 
ATOM   220 C CB  . ARG A 1 28 ? 5.057   9.200   -7.477  1.00 24.54 ? 28 ARG A CB  1 
ATOM   221 C CG  . ARG A 1 28 ? 5.066   7.701   -7.789  1.00 24.78 ? 28 ARG A CG  1 
ATOM   222 C CD  . ARG A 1 28 ? 3.850   7.285   -8.609  1.00 25.99 ? 28 ARG A CD  1 
ATOM   223 N NE  . ARG A 1 28 ? 2.587   7.539   -7.916  1.00 28.15 ? 28 ARG A NE  1 
ATOM   224 C CZ  . ARG A 1 28 ? 1.995   6.688   -7.082  1.00 29.58 ? 28 ARG A CZ  1 
ATOM   225 N NH1 . ARG A 1 28 ? 2.539   5.505   -6.822  1.00 29.06 ? 28 ARG A NH1 1 
ATOM   226 N NH2 . ARG A 1 28 ? 0.853   7.027   -6.498  1.00 30.04 ? 28 ARG A NH2 1 
ATOM   227 N N   . ASP A 1 29 ? 5.656   11.793  -5.867  1.00 28.90 ? 29 ASP A N   1 
ATOM   228 C CA  . ASP A 1 29 ? 5.526   13.239  -5.722  1.00 30.23 ? 29 ASP A CA  1 
ATOM   229 C C   . ASP A 1 29 ? 6.830   14.013  -5.534  1.00 28.84 ? 29 ASP A C   1 
ATOM   230 O O   . ASP A 1 29 ? 7.023   15.059  -6.152  1.00 30.42 ? 29 ASP A O   1 
ATOM   231 C CB  . ASP A 1 29 ? 4.563   13.560  -4.576  1.00 36.89 ? 29 ASP A CB  1 
ATOM   232 C CG  . ASP A 1 29 ? 3.112   13.309  -4.949  1.00 41.65 ? 29 ASP A CG  1 
ATOM   233 O OD1 . ASP A 1 29 ? 2.815   12.247  -5.539  1.00 42.24 ? 29 ASP A OD1 1 
ATOM   234 O OD2 . ASP A 1 29 ? 2.261   14.174  -4.645  1.00 45.05 ? 29 ASP A OD2 1 
ATOM   235 N N   . SER A 1 30 ? 7.724   13.506  -4.692  1.00 20.06 ? 30 SER A N   1 
ATOM   236 C CA  . SER A 1 30 ? 8.987   14.187  -4.437  1.00 17.70 ? 30 SER A CA  1 
ATOM   237 C C   . SER A 1 30 ? 10.186  13.557  -5.158  1.00 18.04 ? 30 SER A C   1 
ATOM   238 O O   . SER A 1 30 ? 11.311  14.043  -5.040  1.00 17.86 ? 30 SER A O   1 
ATOM   239 C CB  . SER A 1 30 ? 9.254   14.215  -2.931  1.00 24.17 ? 30 SER A CB  1 
ATOM   240 O OG  . SER A 1 30 ? 9.281   12.904  -2.393  1.00 24.00 ? 30 SER A OG  1 
ATOM   241 N N   . THR A 1 31 ? 9.933   12.491  -5.911  1.00 17.45 ? 31 THR A N   1 
ATOM   242 C CA  . THR A 1 31 ? 10.979  11.777  -6.635  1.00 17.81 ? 31 THR A CA  1 
ATOM   243 C C   . THR A 1 31 ? 12.141  11.460  -5.698  1.00 18.14 ? 31 THR A C   1 
ATOM   244 O O   . THR A 1 31 ? 13.307  11.688  -6.024  1.00 17.30 ? 31 THR A O   1 
ATOM   245 C CB  . THR A 1 31 ? 11.499  12.576  -7.866  1.00 21.64 ? 31 THR A CB  1 
ATOM   246 O OG1 . THR A 1 31 ? 12.228  13.730  -7.437  1.00 20.64 ? 31 THR A OG1 1 
ATOM   247 C CG2 . THR A 1 31 ? 10.333  13.014  -8.741  1.00 24.16 ? 31 THR A CG2 1 
ATOM   248 N N   . GLU A 1 32 ? 11.804  10.946  -4.519  1.00 20.29 ? 32 GLU A N   1 
ATOM   249 C CA  . GLU A 1 32 ? 12.800  10.574  -3.526  1.00 19.62 ? 32 GLU A CA  1 
ATOM   250 C C   . GLU A 1 32 ? 12.763  9.069   -3.330  1.00 19.15 ? 32 GLU A C   1 
ATOM   251 O O   . GLU A 1 32 ? 11.823  8.398   -3.762  1.00 18.12 ? 32 GLU A O   1 
ATOM   252 C CB  . GLU A 1 32 ? 12.528  11.274  -2.193  1.00 26.85 ? 32 GLU A CB  1 
ATOM   253 C CG  . GLU A 1 32 ? 12.672  12.780  -2.253  1.00 31.77 ? 32 GLU A CG  1 
ATOM   254 C CD  . GLU A 1 32 ? 12.528  13.439  -0.896  1.00 34.78 ? 32 GLU A CD  1 
ATOM   255 O OE1 . GLU A 1 32 ? 11.481  13.241  -0.241  1.00 37.05 ? 32 GLU A OE1 1 
ATOM   256 O OE2 . GLU A 1 32 ? 13.462  14.159  -0.489  1.00 39.66 ? 32 GLU A OE2 1 
ATOM   257 N N   . PHE A 1 33 ? 13.788  8.541   -2.676  1.00 17.00 ? 33 PHE A N   1 
ATOM   258 C CA  . PHE A 1 33 ? 13.863  7.111   -2.439  1.00 17.43 ? 33 PHE A CA  1 
ATOM   259 C C   . PHE A 1 33 ? 14.135  6.789   -0.984  1.00 15.39 ? 33 PHE A C   1 
ATOM   260 O O   . PHE A 1 33 ? 14.910  7.472   -0.315  1.00 15.68 ? 33 PHE A O   1 
ATOM   261 C CB  . PHE A 1 33 ? 14.956  6.495   -3.313  1.00 23.92 ? 33 PHE A CB  1 
ATOM   262 C CG  . PHE A 1 33 ? 14.430  5.656   -4.445  1.00 25.47 ? 33 PHE A CG  1 
ATOM   263 C CD1 . PHE A 1 33 ? 14.075  4.326   -4.236  1.00 26.14 ? 33 PHE A CD1 1 
ATOM   264 C CD2 . PHE A 1 33 ? 14.299  6.191   -5.723  1.00 27.84 ? 33 PHE A CD2 1 
ATOM   265 C CE1 . PHE A 1 33 ? 13.598  3.537   -5.286  1.00 26.79 ? 33 PHE A CE1 1 
ATOM   266 C CE2 . PHE A 1 33 ? 13.823  5.413   -6.780  1.00 26.69 ? 33 PHE A CE2 1 
ATOM   267 C CZ  . PHE A 1 33 ? 13.473  4.084   -6.561  1.00 26.71 ? 33 PHE A CZ  1 
ATOM   268 N N   . PHE A 1 34 ? 13.477  5.742   -0.508  1.00 14.44 ? 34 PHE A N   1 
ATOM   269 C CA  . PHE A 1 34 ? 13.634  5.260   0.858   1.00 15.20 ? 34 PHE A CA  1 
ATOM   270 C C   . PHE A 1 34 ? 13.871  3.765   0.763   1.00 13.96 ? 34 PHE A C   1 
ATOM   271 O O   . PHE A 1 34 ? 13.670  3.167   -0.291  1.00 12.99 ? 34 PHE A O   1 
ATOM   272 C CB  . PHE A 1 34 ? 12.364  5.510   1.673   1.00 17.09 ? 34 PHE A CB  1 
ATOM   273 C CG  . PHE A 1 34 ? 12.223  6.920   2.152   1.00 19.37 ? 34 PHE A CG  1 
ATOM   274 C CD1 . PHE A 1 34 ? 12.667  7.283   3.419   1.00 18.71 ? 34 PHE A CD1 1 
ATOM   275 C CD2 . PHE A 1 34 ? 11.657  7.893   1.334   1.00 18.40 ? 34 PHE A CD2 1 
ATOM   276 C CE1 . PHE A 1 34 ? 12.550  8.595   3.863   1.00 20.01 ? 34 PHE A CE1 1 
ATOM   277 C CE2 . PHE A 1 34 ? 11.537  9.207   1.769   1.00 18.58 ? 34 PHE A CE2 1 
ATOM   278 C CZ  . PHE A 1 34 ? 11.983  9.559   3.036   1.00 21.02 ? 34 PHE A CZ  1 
ATOM   279 N N   . ILE A 1 35 ? 14.325  3.169   1.853   1.00 12.28 ? 35 ILE A N   1 
ATOM   280 C CA  . ILE A 1 35 ? 14.545  1.735   1.881   1.00 13.03 ? 35 ILE A CA  1 
ATOM   281 C C   . ILE A 1 35 ? 13.827  1.216   3.111   1.00 12.01 ? 35 ILE A C   1 
ATOM   282 O O   . ILE A 1 35 ? 13.944  1.787   4.191   1.00 11.86 ? 35 ILE A O   1 
ATOM   283 C CB  . ILE A 1 35 ? 16.037  1.380   1.994   1.00 29.27 ? 35 ILE A CB  1 
ATOM   284 C CG1 . ILE A 1 35 ? 16.646  2.094   3.199   1.00 30.83 ? 35 ILE A CG1 1 
ATOM   285 C CG2 . ILE A 1 35 ? 16.760  1.764   0.722   1.00 28.99 ? 35 ILE A CG2 1 
ATOM   286 C CD1 . ILE A 1 35 ? 17.952  1.511   3.648   1.00 38.10 ? 35 ILE A CD1 1 
ATOM   287 N N   . ARG A 1 36 ? 13.066  0.147   2.933   1.00 12.33 ? 36 ARG A N   1 
ATOM   288 C CA  . ARG A 1 36 ? 12.334  -0.468  4.025   1.00 14.93 ? 36 ARG A CA  1 
ATOM   289 C C   . ARG A 1 36 ? 13.338  -1.337  4.788   1.00 16.27 ? 36 ARG A C   1 
ATOM   290 O O   . ARG A 1 36 ? 13.948  -2.234  4.211   1.00 14.51 ? 36 ARG A O   1 
ATOM   291 C CB  . ARG A 1 36 ? 11.214  -1.342  3.457   1.00 20.33 ? 36 ARG A CB  1 
ATOM   292 C CG  . ARG A 1 36 ? 9.873   -1.207  4.147   1.00 27.26 ? 36 ARG A CG  1 
ATOM   293 C CD  . ARG A 1 36 ? 10.001  -1.420  5.621   1.00 27.26 ? 36 ARG A CD  1 
ATOM   294 N NE  . ARG A 1 36 ? 8.764   -1.883  6.233   1.00 26.62 ? 36 ARG A NE  1 
ATOM   295 C CZ  . ARG A 1 36 ? 8.679   -2.237  7.510   1.00 27.56 ? 36 ARG A CZ  1 
ATOM   296 N NH1 . ARG A 1 36 ? 9.757   -2.166  8.275   1.00 26.05 ? 36 ARG A NH1 1 
ATOM   297 N NH2 . ARG A 1 36 ? 7.535   -2.676  8.014   1.00 28.67 ? 36 ARG A NH2 1 
ATOM   298 N N   . VAL A 1 37 ? 13.531  -1.058  6.070   1.00 17.19 ? 37 VAL A N   1 
ATOM   299 C CA  . VAL A 1 37 ? 14.463  -1.850  6.866   1.00 20.57 ? 37 VAL A CA  1 
ATOM   300 C C   . VAL A 1 37 ? 13.786  -2.368  8.125   1.00 22.82 ? 37 VAL A C   1 
ATOM   301 O O   . VAL A 1 37 ? 12.583  -2.210  8.309   1.00 23.51 ? 37 VAL A O   1 
ATOM   302 C CB  . VAL A 1 37 ? 15.708  -1.035  7.281   1.00 17.89 ? 37 VAL A CB  1 
ATOM   303 C CG1 . VAL A 1 37 ? 16.422  -0.519  6.046   1.00 20.08 ? 37 VAL A CG1 1 
ATOM   304 C CG2 . VAL A 1 37 ? 15.308  0.108   8.192   1.00 19.81 ? 37 VAL A CG2 1 
ATOM   305 N N   . ARG A 1 38 ? 14.568  -2.996  8.989   1.00 27.41 ? 38 ARG A N   1 
ATOM   306 C CA  . ARG A 1 38 ? 14.031  -3.529  10.229  1.00 30.42 ? 38 ARG A CA  1 
ATOM   307 C C   . ARG A 1 38 ? 13.525  -2.400  11.125  1.00 28.81 ? 38 ARG A C   1 
ATOM   308 O O   . ARG A 1 38 ? 14.282  -1.500  11.498  1.00 29.43 ? 38 ARG A O   1 
ATOM   309 C CB  . ARG A 1 38 ? 15.112  -4.330  10.956  1.00 38.28 ? 38 ARG A CB  1 
ATOM   310 C CG  . ARG A 1 38 ? 14.680  -4.944  12.273  1.00 44.49 ? 38 ARG A CG  1 
ATOM   311 C CD  . ARG A 1 38 ? 15.857  -5.669  12.906  1.00 49.51 ? 38 ARG A CD  1 
ATOM   312 N NE  . ARG A 1 38 ? 17.001  -4.776  13.075  1.00 53.88 ? 38 ARG A NE  1 
ATOM   313 C CZ  . ARG A 1 38 ? 18.238  -5.182  13.344  1.00 56.70 ? 38 ARG A CZ  1 
ATOM   314 N NH1 . ARG A 1 38 ? 18.503  -6.475  13.475  1.00 58.49 ? 38 ARG A NH1 1 
ATOM   315 N NH2 . ARG A 1 38 ? 19.212  -4.292  13.481  1.00 58.88 ? 38 ARG A NH2 1 
ATOM   316 N N   . ASP A 1 39 ? 12.237  -2.460  11.450  1.00 23.96 ? 39 ASP A N   1 
ATOM   317 C CA  . ASP A 1 39 ? 11.575  -1.485  12.313  1.00 23.15 ? 39 ASP A CA  1 
ATOM   318 C C   . ASP A 1 39 ? 11.376  -0.093  11.728  1.00 22.05 ? 39 ASP A C   1 
ATOM   319 O O   . ASP A 1 39 ? 11.192  0.874   12.468  1.00 21.70 ? 39 ASP A O   1 
ATOM   320 C CB  . ASP A 1 39 ? 12.315  -1.378  13.649  1.00 44.89 ? 39 ASP A CB  1 
ATOM   321 C CG  . ASP A 1 39 ? 12.468  -2.721  14.336  1.00 46.53 ? 39 ASP A CG  1 
ATOM   322 O OD1 . ASP A 1 39 ? 11.462  -3.453  14.443  1.00 47.92 ? 39 ASP A OD1 1 
ATOM   323 O OD2 . ASP A 1 39 ? 13.592  -3.042  14.771  1.00 49.98 ? 39 ASP A OD2 1 
ATOM   324 N N   . GLY A 1 40 ? 11.404  0.021   10.406  1.00 23.06 ? 40 GLY A N   1 
ATOM   325 C CA  . GLY A 1 40 ? 11.192  1.325   9.808   1.00 19.88 ? 40 GLY A CA  1 
ATOM   326 C C   . GLY A 1 40 ? 11.715  1.486   8.400   1.00 15.98 ? 40 GLY A C   1 
ATOM   327 O O   . GLY A 1 40 ? 11.688  0.557   7.598   1.00 14.90 ? 40 GLY A O   1 
ATOM   328 N N   . TRP A 1 41 ? 12.184  2.694   8.110   1.00 16.30 ? 41 TRP A N   1 
ATOM   329 C CA  . TRP A 1 41 ? 12.727  3.032   6.807   1.00 16.14 ? 41 TRP A CA  1 
ATOM   330 C C   . TRP A 1 41 ? 13.948  3.912   7.018   1.00 14.83 ? 41 TRP A C   1 
ATOM   331 O O   . TRP A 1 41 ? 14.185  4.426   8.113   1.00 15.17 ? 41 TRP A O   1 
ATOM   332 C CB  . TRP A 1 41 ? 11.719  3.843   5.982   1.00 18.87 ? 41 TRP A CB  1 
ATOM   333 C CG  . TRP A 1 41 ? 10.335  3.279   5.879   1.00 18.73 ? 41 TRP A CG  1 
ATOM   334 C CD1 . TRP A 1 41 ? 9.802   2.600   4.820   1.00 19.20 ? 41 TRP A CD1 1 
ATOM   335 C CD2 . TRP A 1 41 ? 9.285   3.407   6.842   1.00 20.87 ? 41 TRP A CD2 1 
ATOM   336 N NE1 . TRP A 1 41 ? 8.482   2.306   5.061   1.00 21.44 ? 41 TRP A NE1 1 
ATOM   337 C CE2 . TRP A 1 41 ? 8.139   2.791   6.296   1.00 22.35 ? 41 TRP A CE2 1 
ATOM   338 C CE3 . TRP A 1 41 ? 9.200   3.990   8.116   1.00 22.66 ? 41 TRP A CE3 1 
ATOM   339 C CZ2 . TRP A 1 41 ? 6.917   2.737   6.980   1.00 23.67 ? 41 TRP A CZ2 1 
ATOM   340 C CZ3 . TRP A 1 41 ? 7.983   3.936   8.796   1.00 22.62 ? 41 TRP A CZ3 1 
ATOM   341 C CH2 . TRP A 1 41 ? 6.860   3.315   8.225   1.00 23.31 ? 41 TRP A CH2 1 
ATOM   342 N N   . LYS A 1 42 ? 14.715  4.084   5.950   1.00 14.34 ? 42 LYS A N   1 
ATOM   343 C CA  . LYS A 1 42 ? 15.889  4.946   5.952   1.00 13.96 ? 42 LYS A CA  1 
ATOM   344 C C   . LYS A 1 42 ? 15.880  5.648   4.604   1.00 16.24 ? 42 LYS A C   1 
ATOM   345 O O   . LYS A 1 42 ? 15.658  5.016   3.573   1.00 14.79 ? 42 LYS A O   1 
ATOM   346 C CB  . LYS A 1 42 ? 17.175  4.136   6.118   1.00 15.16 ? 42 LYS A CB  1 
ATOM   347 C CG  . LYS A 1 42 ? 17.452  3.690   7.547   1.00 15.04 ? 42 LYS A CG  1 
ATOM   348 C CD  . LYS A 1 42 ? 18.805  2.993   7.646   1.00 13.10 ? 42 LYS A CD  1 
ATOM   349 C CE  . LYS A 1 42 ? 19.177  2.708   9.085   1.00 15.08 ? 42 LYS A CE  1 
ATOM   350 N NZ  . LYS A 1 42 ? 20.509  2.047   9.192   1.00 15.53 ? 42 LYS A NZ  1 
ATOM   351 N N   . LYS A 1 43 ? 16.105  6.955   4.613   1.00 16.95 ? 43 LYS A N   1 
ATOM   352 C CA  . LYS A 1 43 ? 16.097  7.732   3.384   1.00 18.82 ? 43 LYS A CA  1 
ATOM   353 C C   . LYS A 1 43 ? 17.405  7.601   2.621   1.00 18.90 ? 43 LYS A C   1 
ATOM   354 O O   . LYS A 1 43 ? 18.483  7.703   3.203   1.00 19.16 ? 43 LYS A O   1 
ATOM   355 C CB  . LYS A 1 43 ? 15.834  9.210   3.694   1.00 22.02 ? 43 LYS A CB  1 
ATOM   356 C CG  . LYS A 1 43 ? 15.654  10.074  2.462   1.00 25.42 ? 43 LYS A CG  1 
ATOM   357 C CD  . LYS A 1 43 ? 15.186  11.475  2.819   1.00 27.06 ? 43 LYS A CD  1 
ATOM   358 C CE  . LYS A 1 43 ? 14.791  12.244  1.569   1.00 28.65 ? 43 LYS A CE  1 
ATOM   359 N NZ  . LYS A 1 43 ? 14.194  13.565  1.887   1.00 30.33 ? 43 LYS A NZ  1 
ATOM   360 N N   . LEU A 1 44 ? 17.303  7.363   1.319   1.00 15.63 ? 44 LEU A N   1 
ATOM   361 C CA  . LEU A 1 44 ? 18.482  7.243   0.482   1.00 16.90 ? 44 LEU A CA  1 
ATOM   362 C C   . LEU A 1 44 ? 18.924  8.657   0.100   1.00 17.28 ? 44 LEU A C   1 
ATOM   363 O O   . LEU A 1 44 ? 18.096  9.483   -0.278  1.00 17.10 ? 44 LEU A O   1 
ATOM   364 C CB  . LEU A 1 44 ? 18.149  6.449   -0.782  1.00 28.68 ? 44 LEU A CB  1 
ATOM   365 C CG  . LEU A 1 44 ? 19.129  5.329   -1.138  1.00 29.45 ? 44 LEU A CG  1 
ATOM   366 C CD1 . LEU A 1 44 ? 18.777  4.098   -0.343  1.00 31.79 ? 44 LEU A CD1 1 
ATOM   367 C CD2 . LEU A 1 44 ? 19.030  5.007   -2.604  1.00 27.21 ? 44 LEU A CD2 1 
ATOM   368 N N   . GLN A 1 45 ? 20.219  8.933   0.223   1.00 17.25 ? 45 GLN A N   1 
ATOM   369 C CA  . GLN A 1 45 ? 20.789  10.238  -0.119  1.00 19.20 ? 45 GLN A CA  1 
ATOM   370 C C   . GLN A 1 45 ? 20.904  10.405  -1.633  1.00 18.71 ? 45 GLN A C   1 
ATOM   371 O O   . GLN A 1 45 ? 21.720  9.742   -2.281  1.00 21.53 ? 45 GLN A O   1 
ATOM   372 C CB  . GLN A 1 45 ? 22.178  10.380  0.502   1.00 35.74 ? 45 GLN A CB  1 
ATOM   373 C CG  . GLN A 1 45 ? 22.204  10.246  2.010   1.00 41.92 ? 45 GLN A CG  1 
ATOM   374 C CD  . GLN A 1 45 ? 21.759  11.509  2.723   1.00 46.94 ? 45 GLN A CD  1 
ATOM   375 O OE1 . GLN A 1 45 ? 20.642  11.993  2.525   1.00 49.69 ? 45 GLN A OE1 1 
ATOM   376 N NE2 . GLN A 1 45 ? 22.637  12.052  3.560   1.00 48.02 ? 45 GLN A NE2 1 
ATOM   377 N N   . LEU A 1 46 ? 20.094  11.297  -2.191  1.00 17.33 ? 46 LEU A N   1 
ATOM   378 C CA  . LEU A 1 46 ? 20.107  11.541  -3.630  1.00 16.76 ? 46 LEU A CA  1 
ATOM   379 C C   . LEU A 1 46 ? 20.549  12.962  -3.944  1.00 17.72 ? 46 LEU A C   1 
ATOM   380 O O   . LEU A 1 46 ? 20.362  13.875  -3.141  1.00 15.64 ? 46 LEU A O   1 
ATOM   381 C CB  . LEU A 1 46 ? 18.717  11.309  -4.217  1.00 15.45 ? 46 LEU A CB  1 
ATOM   382 C CG  . LEU A 1 46 ? 18.144  9.899   -4.094  1.00 17.13 ? 46 LEU A CG  1 
ATOM   383 C CD1 . LEU A 1 46 ? 16.730  9.869   -4.650  1.00 19.69 ? 46 LEU A CD1 1 
ATOM   384 C CD2 . LEU A 1 46 ? 19.033  8.932   -4.835  1.00 18.97 ? 46 LEU A CD2 1 
ATOM   385 N N   . GLY A 1 47 ? 21.133  13.139  -5.122  1.00 24.48 ? 47 GLY A N   1 
ATOM   386 C CA  . GLY A 1 47 ? 21.590  14.452  -5.525  1.00 26.26 ? 47 GLY A CA  1 
ATOM   387 C C   . GLY A 1 47 ? 20.488  15.295  -6.135  1.00 26.75 ? 47 GLY A C   1 
ATOM   388 O O   . GLY A 1 47 ? 19.326  14.887  -6.186  1.00 26.41 ? 47 GLY A O   1 
ATOM   389 N N   . GLU A 1 48 ? 20.864  16.483  -6.595  1.00 21.75 ? 48 GLU A N   1 
ATOM   390 C CA  . GLU A 1 48 ? 19.940  17.421  -7.221  1.00 24.81 ? 48 GLU A CA  1 
ATOM   391 C C   . GLU A 1 48 ? 19.464  16.829  -8.547  1.00 24.57 ? 48 GLU A C   1 
ATOM   392 O O   . GLU A 1 48 ? 20.181  16.056  -9.182  1.00 22.33 ? 48 GLU A O   1 
ATOM   393 C CB  . GLU A 1 48 ? 20.659  18.746  -7.479  1.00 37.23 ? 48 GLU A CB  1 
ATOM   394 C CG  . GLU A 1 48 ? 19.805  19.988  -7.316  1.00 43.07 ? 48 GLU A CG  1 
ATOM   395 C CD  . GLU A 1 48 ? 19.458  20.273  -5.866  1.00 44.39 ? 48 GLU A CD  1 
ATOM   396 O OE1 . GLU A 1 48 ? 18.891  21.352  -5.598  1.00 47.57 ? 48 GLU A OE1 1 
ATOM   397 O OE2 . GLU A 1 48 ? 19.748  19.424  -4.997  1.00 47.24 ? 48 GLU A OE2 1 
ATOM   398 N N   . LEU A 1 49 ? 18.259  17.200  -8.966  1.00 27.22 ? 49 LEU A N   1 
ATOM   399 C CA  . LEU A 1 49 ? 17.700  16.703  -10.215 1.00 28.48 ? 49 LEU A CA  1 
ATOM   400 C C   . LEU A 1 49 ? 18.540  17.093  -11.430 1.00 29.15 ? 49 LEU A C   1 
ATOM   401 O O   . LEU A 1 49 ? 18.871  18.261  -11.623 1.00 28.03 ? 49 LEU A O   1 
ATOM   402 C CB  . LEU A 1 49 ? 16.278  17.227  -10.412 1.00 32.43 ? 49 LEU A CB  1 
ATOM   403 C CG  . LEU A 1 49 ? 15.622  16.844  -11.741 1.00 33.97 ? 49 LEU A CG  1 
ATOM   404 C CD1 . LEU A 1 49 ? 15.416  15.337  -11.801 1.00 33.45 ? 49 LEU A CD1 1 
ATOM   405 C CD2 . LEU A 1 49 ? 14.296  17.570  -11.883 1.00 35.09 ? 49 LEU A CD2 1 
ATOM   406 N N   . ILE A 1 50 ? 18.887  16.100  -12.241 1.00 20.89 ? 50 ILE A N   1 
ATOM   407 C CA  . ILE A 1 50 ? 19.660  16.338  -13.450 1.00 21.40 ? 50 ILE A CA  1 
ATOM   408 C C   . ILE A 1 50 ? 18.643  16.331  -14.581 1.00 21.45 ? 50 ILE A C   1 
ATOM   409 O O   . ILE A 1 50 ? 18.136  15.275  -14.967 1.00 21.77 ? 50 ILE A O   1 
ATOM   410 C CB  . ILE A 1 50 ? 20.695  15.226  -13.680 1.00 24.62 ? 50 ILE A CB  1 
ATOM   411 C CG1 . ILE A 1 50 ? 21.612  15.124  -12.461 1.00 24.14 ? 50 ILE A CG1 1 
ATOM   412 C CG2 . ILE A 1 50 ? 21.498  15.515  -14.940 1.00 23.25 ? 50 ILE A CG2 1 
ATOM   413 C CD1 . ILE A 1 50 ? 22.515  13.916  -12.473 1.00 26.45 ? 50 ILE A CD1 1 
ATOM   414 N N   . PRO A 1 51 ? 18.309  17.522  -15.105 1.00 25.96 ? 51 PRO A N   1 
ATOM   415 C CA  . PRO A 1 51 ? 17.342  17.687  -16.192 1.00 26.82 ? 51 PRO A CA  1 
ATOM   416 C C   . PRO A 1 51 ? 17.726  16.926  -17.451 1.00 29.83 ? 51 PRO A C   1 
ATOM   417 O O   . PRO A 1 51 ? 18.907  16.796  -17.774 1.00 29.69 ? 51 PRO A O   1 
ATOM   418 C CB  . PRO A 1 51 ? 17.332  19.200  -16.417 1.00 29.47 ? 51 PRO A CB  1 
ATOM   419 C CG  . PRO A 1 51 ? 17.686  19.749  -15.068 1.00 28.56 ? 51 PRO A CG  1 
ATOM   420 C CD  . PRO A 1 51 ? 18.806  18.832  -14.651 1.00 26.31 ? 51 PRO A CD  1 
ATOM   421 N N   . ILE A 1 52 ? 16.720  16.424  -18.158 1.00 35.30 ? 52 ILE A N   1 
ATOM   422 C CA  . ILE A 1 52 ? 16.945  15.676  -19.387 1.00 40.27 ? 52 ILE A CA  1 
ATOM   423 C C   . ILE A 1 52 ? 17.371  16.621  -20.512 1.00 43.37 ? 52 ILE A C   1 
ATOM   424 O O   . ILE A 1 52 ? 16.799  17.700  -20.675 1.00 43.03 ? 52 ILE A O   1 
ATOM   425 C CB  . ILE A 1 52 ? 15.664  14.924  -19.821 1.00 41.17 ? 52 ILE A CB  1 
ATOM   426 C CG1 . ILE A 1 52 ? 15.267  13.907  -18.750 1.00 41.91 ? 52 ILE A CG1 1 
ATOM   427 C CG2 . ILE A 1 52 ? 15.890  14.227  -21.154 1.00 43.06 ? 52 ILE A CG2 1 
ATOM   428 C CD1 . ILE A 1 52 ? 14.023  13.110  -19.081 1.00 40.29 ? 52 ILE A CD1 1 
ATOM   429 N N   . PRO A 1 53 ? 18.396  16.230  -21.291 1.00 46.24 ? 53 PRO A N   1 
ATOM   430 C CA  . PRO A 1 53 ? 18.885  17.054  -22.401 1.00 48.73 ? 53 PRO A CA  1 
ATOM   431 C C   . PRO A 1 53 ? 17.766  17.349  -23.395 1.00 49.89 ? 53 PRO A C   1 
ATOM   432 O O   . PRO A 1 53 ? 16.907  16.501  -23.642 1.00 49.47 ? 53 PRO A O   1 
ATOM   433 C CB  . PRO A 1 53 ? 19.984  16.187  -23.010 1.00 51.69 ? 53 PRO A CB  1 
ATOM   434 C CG  . PRO A 1 53 ? 20.518  15.454  -21.827 1.00 51.28 ? 53 PRO A CG  1 
ATOM   435 C CD  . PRO A 1 53 ? 19.254  15.046  -21.106 1.00 50.31 ? 53 PRO A CD  1 
ATOM   436 N N   . ALA A 1 54 ? 17.778  18.550  -23.964 1.00 54.02 ? 54 ALA A N   1 
ATOM   437 C CA  . ALA A 1 54 ? 16.755  18.941  -24.926 1.00 55.99 ? 54 ALA A CA  1 
ATOM   438 C C   . ALA A 1 54 ? 16.719  17.982  -26.110 1.00 56.70 ? 54 ALA A C   1 
ATOM   439 O O   . ALA A 1 54 ? 17.737  17.296  -26.347 1.00 57.31 ? 54 ALA A O   1 
ATOM   440 C CB  . ALA A 1 54 ? 17.016  20.362  -25.411 1.00 55.48 ? 54 ALA A CB  1 
ATOM   441 O OXT . ALA A 1 54 ? 15.675  17.939  -26.795 1.00 57.73 ? 54 ALA A OXT 1 
ATOM   442 N N   . LEU B 1 2  ? -12.250 6.980   1.842   1.00 56.73 ? 2  LEU B N   1 
ATOM   443 C CA  . LEU B 1 2  ? -10.884 6.492   1.504   1.00 56.46 ? 2  LEU B CA  1 
ATOM   444 C C   . LEU B 1 2  ? -10.783 4.969   1.586   1.00 55.83 ? 2  LEU B C   1 
ATOM   445 O O   . LEU B 1 2  ? -11.775 4.264   1.397   1.00 54.96 ? 2  LEU B O   1 
ATOM   446 C CB  . LEU B 1 2  ? -9.855  7.152   2.429   1.00 58.71 ? 2  LEU B CB  1 
ATOM   447 C CG  . LEU B 1 2  ? -10.235 7.337   3.903   1.00 59.94 ? 2  LEU B CG  1 
ATOM   448 C CD1 . LEU B 1 2  ? -10.306 5.987   4.602   1.00 60.04 ? 2  LEU B CD1 1 
ATOM   449 C CD2 . LEU B 1 2  ? -9.204  8.230   4.578   1.00 59.77 ? 2  LEU B CD2 1 
ATOM   450 N N   . VAL B 1 3  ? -9.584  4.464   1.863   1.00 52.91 ? 3  VAL B N   1 
ATOM   451 C CA  . VAL B 1 3  ? -9.375  3.024   1.949   1.00 51.78 ? 3  VAL B CA  1 
ATOM   452 C C   . VAL B 1 3  ? -8.560  2.604   3.170   1.00 50.14 ? 3  VAL B C   1 
ATOM   453 O O   . VAL B 1 3  ? -7.447  3.083   3.383   1.00 49.70 ? 3  VAL B O   1 
ATOM   454 C CB  . VAL B 1 3  ? -8.672  2.491   0.676   1.00 54.23 ? 3  VAL B CB  1 
ATOM   455 C CG1 . VAL B 1 3  ? -7.356  3.221   0.462   1.00 54.87 ? 3  VAL B CG1 1 
ATOM   456 C CG2 . VAL B 1 3  ? -8.438  0.990   0.794   1.00 54.32 ? 3  VAL B CG2 1 
ATOM   457 N N   . THR B 1 4  ? -9.126  1.704   3.968   1.00 42.84 ? 4  THR B N   1 
ATOM   458 C CA  . THR B 1 4  ? -8.450  1.204   5.158   1.00 42.05 ? 4  THR B CA  1 
ATOM   459 C C   . THR B 1 4  ? -7.838  -0.152  4.826   1.00 40.28 ? 4  THR B C   1 
ATOM   460 O O   . THR B 1 4  ? -8.168  -0.757  3.805   1.00 39.79 ? 4  THR B O   1 
ATOM   461 C CB  . THR B 1 4  ? -9.431  1.028   6.338   1.00 52.23 ? 4  THR B CB  1 
ATOM   462 O OG1 . THR B 1 4  ? -10.304 -0.079  6.077   1.00 54.90 ? 4  THR B OG1 1 
ATOM   463 C CG2 . THR B 1 4  ? -10.265 2.281   6.525   1.00 52.44 ? 4  THR B CG2 1 
ATOM   464 N N   . ALA B 1 5  ? -6.950  -0.630  5.686   1.00 47.12 ? 5  ALA B N   1 
ATOM   465 C CA  . ALA B 1 5  ? -6.307  -1.914  5.453   1.00 45.72 ? 5  ALA B CA  1 
ATOM   466 C C   . ALA B 1 5  ? -6.171  -2.732  6.728   1.00 43.66 ? 5  ALA B C   1 
ATOM   467 O O   . ALA B 1 5  ? -5.594  -2.273  7.715   1.00 44.47 ? 5  ALA B O   1 
ATOM   468 C CB  . ALA B 1 5  ? -4.937  -1.698  4.823   1.00 39.57 ? 5  ALA B CB  1 
ATOM   469 N N   . PHE B 1 6  ? -6.717  -3.945  6.701   1.00 33.54 ? 6  PHE B N   1 
ATOM   470 C CA  . PHE B 1 6  ? -6.639  -4.853  7.842   1.00 30.56 ? 6  PHE B CA  1 
ATOM   471 C C   . PHE B 1 6  ? -5.675  -5.972  7.468   1.00 29.49 ? 6  PHE B C   1 
ATOM   472 O O   . PHE B 1 6  ? -5.416  -6.204  6.288   1.00 29.51 ? 6  PHE B O   1 
ATOM   473 C CB  . PHE B 1 6  ? -8.012  -5.452  8.161   1.00 30.54 ? 6  PHE B CB  1 
ATOM   474 C CG  . PHE B 1 6  ? -9.006  -4.460  8.695   1.00 28.96 ? 6  PHE B CG  1 
ATOM   475 C CD1 . PHE B 1 6  ? -8.749  -3.760  9.870   1.00 30.33 ? 6  PHE B CD1 1 
ATOM   476 C CD2 . PHE B 1 6  ? -10.208 -4.238  8.033   1.00 30.05 ? 6  PHE B CD2 1 
ATOM   477 C CE1 . PHE B 1 6  ? -9.680  -2.853  10.382  1.00 31.07 ? 6  PHE B CE1 1 
ATOM   478 C CE2 . PHE B 1 6  ? -11.146 -3.334  8.534   1.00 29.45 ? 6  PHE B CE2 1 
ATOM   479 C CZ  . PHE B 1 6  ? -10.881 -2.641  9.712   1.00 30.65 ? 6  PHE B CZ  1 
ATOM   480 N N   . SER B 1 7  ? -5.144  -6.664  8.468   1.00 31.53 ? 7  SER B N   1 
ATOM   481 C CA  . SER B 1 7  ? -4.212  -7.754  8.221   1.00 32.05 ? 7  SER B CA  1 
ATOM   482 C C   . SER B 1 7  ? -4.867  -8.864  7.403   1.00 30.56 ? 7  SER B C   1 
ATOM   483 O O   . SER B 1 7  ? -4.399  -9.204  6.316   1.00 31.92 ? 7  SER B O   1 
ATOM   484 C CB  . SER B 1 7  ? -3.702  -8.318  9.551   1.00 38.16 ? 7  SER B CB  1 
ATOM   485 O OG  . SER B 1 7  ? -4.778  -8.744  10.366  1.00 41.60 ? 7  SER B OG  1 
ATOM   486 N N   . ASN B 1 8  ? -5.953  -9.424  7.927   1.00 24.79 ? 8  ASN B N   1 
ATOM   487 C CA  . ASN B 1 8  ? -6.666  -10.497 7.241   1.00 23.79 ? 8  ASN B CA  1 
ATOM   488 C C   . ASN B 1 8  ? -8.176  -10.404 7.430   1.00 21.12 ? 8  ASN B C   1 
ATOM   489 O O   . ASN B 1 8  ? -8.668  -9.529  8.137   1.00 17.84 ? 8  ASN B O   1 
ATOM   490 C CB  . ASN B 1 8  ? -6.177  -11.856 7.740   1.00 32.07 ? 8  ASN B CB  1 
ATOM   491 C CG  . ASN B 1 8  ? -6.214  -11.967 9.248   1.00 32.47 ? 8  ASN B CG  1 
ATOM   492 O OD1 . ASN B 1 8  ? -7.241  -11.714 9.876   1.00 33.60 ? 8  ASN B OD1 1 
ATOM   493 N ND2 . ASN B 1 8  ? -5.090  -12.354 9.839   1.00 38.08 ? 8  ASN B ND2 1 
ATOM   494 N N   . MET B 1 9  ? -8.903  -11.328 6.808   1.00 18.24 ? 9  MET B N   1 
ATOM   495 C CA  . MET B 1 9  ? -10.355 -11.341 6.895   1.00 17.93 ? 9  MET B CA  1 
ATOM   496 C C   . MET B 1 9  ? -10.877 -11.423 8.332   1.00 17.98 ? 9  MET B C   1 
ATOM   497 O O   . MET B 1 9  ? -11.874 -10.786 8.659   1.00 16.91 ? 9  MET B O   1 
ATOM   498 C CB  . MET B 1 9  ? -10.931 -12.492 6.068   1.00 25.23 ? 9  MET B CB  1 
ATOM   499 C CG  . MET B 1 9  ? -12.194 -12.102 5.319   1.00 28.49 ? 9  MET B CG  1 
ATOM   500 S SD  . MET B 1 9  ? -13.089 -13.488 4.620   1.00 35.42 ? 9  MET B SD  1 
ATOM   501 C CE  . MET B 1 9  ? -14.463 -13.567 5.746   1.00 36.42 ? 9  MET B CE  1 
ATOM   502 N N   . ASP B 1 10 ? -10.212 -12.203 9.183   1.00 19.55 ? 10 ASP B N   1 
ATOM   503 C CA  . ASP B 1 10 ? -10.621 -12.338 10.584  1.00 20.15 ? 10 ASP B CA  1 
ATOM   504 C C   . ASP B 1 10 ? -10.633 -10.983 11.271  1.00 19.83 ? 10 ASP B C   1 
ATOM   505 O O   . ASP B 1 10 ? -11.571 -10.643 11.993  1.00 20.93 ? 10 ASP B O   1 
ATOM   506 C CB  . ASP B 1 10 ? -9.660  -13.256 11.349  1.00 26.26 ? 10 ASP B CB  1 
ATOM   507 C CG  . ASP B 1 10 ? -9.978  -14.723 11.162  1.00 25.61 ? 10 ASP B CG  1 
ATOM   508 O OD1 . ASP B 1 10 ? -9.190  -15.561 11.641  1.00 27.16 ? 10 ASP B OD1 1 
ATOM   509 O OD2 . ASP B 1 10 ? -11.016 -15.035 10.546  1.00 26.43 ? 10 ASP B OD2 1 
ATOM   510 N N   . ASP B 1 11 ? -9.568  -10.223 11.054  1.00 23.62 ? 11 ASP B N   1 
ATOM   511 C CA  . ASP B 1 11 ? -9.432  -8.901  11.642  1.00 24.47 ? 11 ASP B CA  1 
ATOM   512 C C   . ASP B 1 11 ? -10.613 -8.054  11.182  1.00 23.44 ? 11 ASP B C   1 
ATOM   513 O O   . ASP B 1 11 ? -11.260 -7.383  11.985  1.00 22.39 ? 11 ASP B O   1 
ATOM   514 C CB  . ASP B 1 11 ? -8.104  -8.278  11.201  1.00 41.29 ? 11 ASP B CB  1 
ATOM   515 C CG  . ASP B 1 11 ? -7.674  -7.127  12.085  1.00 46.44 ? 11 ASP B CG  1 
ATOM   516 O OD1 . ASP B 1 11 ? -7.695  -7.292  13.326  1.00 50.51 ? 11 ASP B OD1 1 
ATOM   517 O OD2 . ASP B 1 11 ? -7.308  -6.062  11.544  1.00 47.88 ? 11 ASP B OD2 1 
ATOM   518 N N   . MET B 1 12 ? -10.904 -8.112  9.885   1.00 19.27 ? 12 MET B N   1 
ATOM   519 C CA  . MET B 1 12 ? -12.011 -7.359  9.310   1.00 18.18 ? 12 MET B CA  1 
ATOM   520 C C   . MET B 1 12 ? -13.348 -7.754  9.936   1.00 18.21 ? 12 MET B C   1 
ATOM   521 O O   . MET B 1 12 ? -14.138 -6.896  10.319  1.00 17.57 ? 12 MET B O   1 
ATOM   522 C CB  . MET B 1 12 ? -12.072 -7.582  7.794   1.00 17.93 ? 12 MET B CB  1 
ATOM   523 C CG  . MET B 1 12 ? -13.157 -6.785  7.091   1.00 14.39 ? 12 MET B CG  1 
ATOM   524 S SD  . MET B 1 12 ? -13.252 -7.145  5.326   1.00 18.73 ? 12 MET B SD  1 
ATOM   525 C CE  . MET B 1 12 ? -14.350 -8.537  5.322   1.00 10.79 ? 12 MET B CE  1 
ATOM   526 N N   . LEU B 1 13 ? -13.599 -9.053  10.036  1.00 20.42 ? 13 LEU B N   1 
ATOM   527 C CA  . LEU B 1 13 ? -14.848 -9.550  10.602  1.00 22.95 ? 13 LEU B CA  1 
ATOM   528 C C   . LEU B 1 13 ? -15.087 -9.128  12.052  1.00 23.82 ? 13 LEU B C   1 
ATOM   529 O O   . LEU B 1 13 ? -16.220 -9.162  12.537  1.00 21.89 ? 13 LEU B O   1 
ATOM   530 C CB  . LEU B 1 13 ? -14.899 -11.078 10.503  1.00 24.34 ? 13 LEU B CB  1 
ATOM   531 C CG  . LEU B 1 13 ? -15.139 -11.660 9.108   1.00 23.18 ? 13 LEU B CG  1 
ATOM   532 C CD1 . LEU B 1 13 ? -15.011 -13.166 9.147   1.00 26.47 ? 13 LEU B CD1 1 
ATOM   533 C CD2 . LEU B 1 13 ? -16.523 -11.259 8.626   1.00 27.92 ? 13 LEU B CD2 1 
ATOM   534 N N   . GLN B 1 14 ? -14.022 -8.725  12.735  1.00 29.00 ? 14 GLN B N   1 
ATOM   535 C CA  . GLN B 1 14 ? -14.122 -8.313  14.130  1.00 29.75 ? 14 GLN B CA  1 
ATOM   536 C C   . GLN B 1 14 ? -14.074 -6.797  14.303  1.00 28.77 ? 14 GLN B C   1 
ATOM   537 O O   . GLN B 1 14 ? -14.134 -6.301  15.427  1.00 31.32 ? 14 GLN B O   1 
ATOM   538 C CB  . GLN B 1 14 ? -12.982 -8.947  14.937  1.00 31.40 ? 14 GLN B CB  1 
ATOM   539 C CG  . GLN B 1 14 ? -12.888 -10.461 14.813  1.00 35.44 ? 14 GLN B CG  1 
ATOM   540 C CD  . GLN B 1 14 ? -11.545 -11.011 15.275  1.00 39.63 ? 14 GLN B CD  1 
ATOM   541 O OE1 . GLN B 1 14 ? -11.300 -12.215 15.211  1.00 39.30 ? 14 GLN B OE1 1 
ATOM   542 N NE2 . GLN B 1 14 ? -10.669 -10.126 15.739  1.00 40.38 ? 14 GLN B NE2 1 
ATOM   543 N N   . LYS B 1 15 ? -13.976 -6.056  13.204  1.00 21.57 ? 15 LYS B N   1 
ATOM   544 C CA  . LYS B 1 15 ? -13.891 -4.602  13.304  1.00 19.10 ? 15 LYS B CA  1 
ATOM   545 C C   . LYS B 1 15 ? -14.841 -3.809  12.413  1.00 19.67 ? 15 LYS B C   1 
ATOM   546 O O   . LYS B 1 15 ? -14.442 -2.813  11.809  1.00 18.26 ? 15 LYS B O   1 
ATOM   547 C CB  . LYS B 1 15 ? -12.457 -4.157  13.027  1.00 21.92 ? 15 LYS B CB  1 
ATOM   548 C CG  . LYS B 1 15 ? -11.439 -4.699  14.012  1.00 20.95 ? 15 LYS B CG  1 
ATOM   549 C CD  . LYS B 1 15 ? -10.034 -4.258  13.629  1.00 21.35 ? 15 LYS B CD  1 
ATOM   550 C CE  . LYS B 1 15 ? -8.996  -4.817  14.581  1.00 24.83 ? 15 LYS B CE  1 
ATOM   551 N NZ  . LYS B 1 15 ? -7.619  -4.417  14.171  1.00 22.96 ? 15 LYS B NZ  1 
ATOM   552 N N   . ALA B 1 16 ? -16.099 -4.235  12.345  1.00 21.34 ? 16 ALA B N   1 
ATOM   553 C CA  . ALA B 1 16 ? -17.091 -3.547  11.531  1.00 20.56 ? 16 ALA B CA  1 
ATOM   554 C C   . ALA B 1 16 ? -17.333 -2.122  12.031  1.00 20.82 ? 16 ALA B C   1 
ATOM   555 O O   . ALA B 1 16 ? -17.753 -1.247  11.274  1.00 20.03 ? 16 ALA B O   1 
ATOM   556 C CB  . ALA B 1 16 ? -18.396 -4.322  11.541  1.00 19.47 ? 16 ALA B CB  1 
ATOM   557 N N   . HIS B 1 17 ? -17.061 -1.893  13.311  1.00 16.46 ? 17 HIS B N   1 
ATOM   558 C CA  . HIS B 1 17 ? -17.266 -0.582  13.916  1.00 17.27 ? 17 HIS B CA  1 
ATOM   559 C C   . HIS B 1 17 ? -16.096 0.372   13.684  1.00 17.39 ? 17 HIS B C   1 
ATOM   560 O O   . HIS B 1 17 ? -16.154 1.543   14.066  1.00 17.63 ? 17 HIS B O   1 
ATOM   561 C CB  . HIS B 1 17 ? -17.508 -0.748  15.418  1.00 22.94 ? 17 HIS B CB  1 
ATOM   562 C CG  . HIS B 1 17 ? -16.399 -1.459  16.127  1.00 21.51 ? 17 HIS B CG  1 
ATOM   563 N ND1 . HIS B 1 17 ? -15.429 -0.796  16.848  1.00 23.95 ? 17 HIS B ND1 1 
ATOM   564 C CD2 . HIS B 1 17 ? -16.089 -2.773  16.201  1.00 21.56 ? 17 HIS B CD2 1 
ATOM   565 C CE1 . HIS B 1 17 ? -14.570 -1.674  17.335  1.00 23.49 ? 17 HIS B CE1 1 
ATOM   566 N NE2 . HIS B 1 17 ? -14.948 -2.881  16.957  1.00 25.53 ? 17 HIS B NE2 1 
ATOM   567 N N   . LEU B 1 18 ? -15.034 -0.124  13.059  1.00 17.76 ? 18 LEU B N   1 
ATOM   568 C CA  . LEU B 1 18 ? -13.868 0.714   12.797  1.00 18.25 ? 18 LEU B CA  1 
ATOM   569 C C   . LEU B 1 18 ? -13.815 1.189   11.350  1.00 17.90 ? 18 LEU B C   1 
ATOM   570 O O   . LEU B 1 18 ? -12.830 1.781   10.925  1.00 19.65 ? 18 LEU B O   1 
ATOM   571 C CB  . LEU B 1 18 ? -12.577 -0.035  13.157  1.00 17.64 ? 18 LEU B CB  1 
ATOM   572 C CG  . LEU B 1 18 ? -12.392 -0.398  14.636  1.00 17.53 ? 18 LEU B CG  1 
ATOM   573 C CD1 . LEU B 1 18 ? -11.018 -1.030  14.852  1.00 18.53 ? 18 LEU B CD1 1 
ATOM   574 C CD2 . LEU B 1 18 ? -12.537 0.854   15.495  1.00 18.89 ? 18 LEU B CD2 1 
ATOM   575 N N   . VAL B 1 19 ? -14.885 0.928   10.604  1.00 20.25 ? 19 VAL B N   1 
ATOM   576 C CA  . VAL B 1 19 ? -14.986 1.338   9.206   1.00 19.39 ? 19 VAL B CA  1 
ATOM   577 C C   . VAL B 1 19 ? -16.421 1.763   8.878   1.00 19.26 ? 19 VAL B C   1 
ATOM   578 O O   . VAL B 1 19 ? -17.373 1.026   9.137   1.00 16.76 ? 19 VAL B O   1 
ATOM   579 C CB  . VAL B 1 19 ? -14.571 0.201   8.251   1.00 32.55 ? 19 VAL B CB  1 
ATOM   580 C CG1 . VAL B 1 19 ? -13.076 -0.046  8.360   1.00 34.21 ? 19 VAL B CG1 1 
ATOM   581 C CG2 . VAL B 1 19 ? -15.339 -1.066  8.587   1.00 35.23 ? 19 VAL B CG2 1 
ATOM   582 N N   . ILE B 1 20 ? -16.568 2.957   8.313   1.00 16.78 ? 20 ILE B N   1 
ATOM   583 C CA  . ILE B 1 20 ? -17.880 3.479   7.954   1.00 15.67 ? 20 ILE B CA  1 
ATOM   584 C C   . ILE B 1 20 ? -18.315 2.929   6.594   1.00 16.35 ? 20 ILE B C   1 
ATOM   585 O O   . ILE B 1 20 ? -17.475 2.590   5.757   1.00 13.32 ? 20 ILE B O   1 
ATOM   586 C CB  . ILE B 1 20 ? -17.861 5.026   7.892   1.00 20.27 ? 20 ILE B CB  1 
ATOM   587 C CG1 . ILE B 1 20 ? -19.286 5.565   7.765   1.00 22.98 ? 20 ILE B CG1 1 
ATOM   588 C CG2 . ILE B 1 20 ? -17.023 5.496   6.704   1.00 20.78 ? 20 ILE B CG2 1 
ATOM   589 C CD1 . ILE B 1 20 ? -20.137 5.331   8.989   1.00 23.43 ? 20 ILE B CD1 1 
ATOM   590 N N   . GLU B 1 21 ? -19.625 2.842   6.382   1.00 21.85 ? 21 GLU B N   1 
ATOM   591 C CA  . GLU B 1 21 ? -20.163 2.343   5.122   1.00 22.93 ? 21 GLU B CA  1 
ATOM   592 C C   . GLU B 1 21 ? -19.641 3.208   3.971   1.00 23.21 ? 21 GLU B C   1 
ATOM   593 O O   . GLU B 1 21 ? -19.508 4.426   4.107   1.00 21.99 ? 21 GLU B O   1 
ATOM   594 C CB  . GLU B 1 21 ? -21.697 2.368   5.148   1.00 19.87 ? 21 GLU B CB  1 
ATOM   595 C CG  . GLU B 1 21 ? -22.309 3.756   5.101   1.00 26.34 ? 21 GLU B CG  1 
ATOM   596 C CD  . GLU B 1 21 ? -23.825 3.728   5.106   1.00 27.73 ? 21 GLU B CD  1 
ATOM   597 O OE1 . GLU B 1 21 ? -24.418 3.490   6.178   1.00 31.02 ? 21 GLU B OE1 1 
ATOM   598 O OE2 . GLU B 1 21 ? -24.425 3.935   4.032   1.00 30.35 ? 21 GLU B OE2 1 
ATOM   599 N N   . GLY B 1 22 ? -19.338 2.571   2.846   1.00 18.36 ? 22 GLY B N   1 
ATOM   600 C CA  . GLY B 1 22 ? -18.826 3.292   1.696   1.00 18.01 ? 22 GLY B CA  1 
ATOM   601 C C   . GLY B 1 22 ? -17.312 3.381   1.716   1.00 19.76 ? 22 GLY B C   1 
ATOM   602 O O   . GLY B 1 22 ? -16.719 4.217   1.035   1.00 20.28 ? 22 GLY B O   1 
ATOM   603 N N   . THR B 1 23 ? -16.686 2.516   2.505   1.00 19.12 ? 23 THR B N   1 
ATOM   604 C CA  . THR B 1 23 ? -15.234 2.495   2.622   1.00 20.12 ? 23 THR B CA  1 
ATOM   605 C C   . THR B 1 23 ? -14.648 1.231   2.003   1.00 19.78 ? 23 THR B C   1 
ATOM   606 O O   . THR B 1 23 ? -15.204 0.143   2.153   1.00 18.23 ? 23 THR B O   1 
ATOM   607 C CB  . THR B 1 23 ? -14.799 2.551   4.096   1.00 24.86 ? 23 THR B CB  1 
ATOM   608 O OG1 . THR B 1 23 ? -15.357 3.718   4.711   1.00 29.30 ? 23 THR B OG1 1 
ATOM   609 C CG2 . THR B 1 23 ? -13.281 2.592   4.209   1.00 25.43 ? 23 THR B CG2 1 
ATOM   610 N N   . PHE B 1 24 ? -13.527 1.390   1.307   1.00 20.54 ? 24 PHE B N   1 
ATOM   611 C CA  . PHE B 1 24 ? -12.840 0.270   0.678   1.00 19.99 ? 24 PHE B CA  1 
ATOM   612 C C   . PHE B 1 24 ? -11.900 -0.341  1.708   1.00 19.75 ? 24 PHE B C   1 
ATOM   613 O O   . PHE B 1 24 ? -11.253 0.374   2.473   1.00 20.13 ? 24 PHE B O   1 
ATOM   614 C CB  . PHE B 1 24 ? -12.039 0.752   -0.530  1.00 24.54 ? 24 PHE B CB  1 
ATOM   615 C CG  . PHE B 1 24 ? -12.885 1.134   -1.703  1.00 25.79 ? 24 PHE B CG  1 
ATOM   616 C CD1 . PHE B 1 24 ? -13.403 0.159   -2.548  1.00 26.51 ? 24 PHE B CD1 1 
ATOM   617 C CD2 . PHE B 1 24 ? -13.174 2.469   -1.963  1.00 28.78 ? 24 PHE B CD2 1 
ATOM   618 C CE1 . PHE B 1 24 ? -14.199 0.509   -3.638  1.00 30.43 ? 24 PHE B CE1 1 
ATOM   619 C CE2 . PHE B 1 24 ? -13.970 2.831   -3.049  1.00 30.76 ? 24 PHE B CE2 1 
ATOM   620 C CZ  . PHE B 1 24 ? -14.483 1.847   -3.888  1.00 29.05 ? 24 PHE B CZ  1 
ATOM   621 N N   . ILE B 1 25 ? -11.829 -1.664  1.729   1.00 17.79 ? 25 ILE B N   1 
ATOM   622 C CA  . ILE B 1 25 ? -10.976 -2.365  2.676   1.00 17.74 ? 25 ILE B CA  1 
ATOM   623 C C   . ILE B 1 25 ? -10.075 -3.347  1.945   1.00 17.79 ? 25 ILE B C   1 
ATOM   624 O O   . ILE B 1 25 ? -10.555 -4.231  1.239   1.00 15.96 ? 25 ILE B O   1 
ATOM   625 C CB  . ILE B 1 25 ? -11.826 -3.133  3.703   1.00 22.85 ? 25 ILE B CB  1 
ATOM   626 C CG1 . ILE B 1 25 ? -12.822 -2.175  4.364   1.00 22.25 ? 25 ILE B CG1 1 
ATOM   627 C CG2 . ILE B 1 25 ? -10.920 -3.786  4.740   1.00 24.25 ? 25 ILE B CG2 1 
ATOM   628 C CD1 . ILE B 1 25 ? -13.845 -2.852  5.245   1.00 21.75 ? 25 ILE B CD1 1 
ATOM   629 N N   . TYR B 1 26 ? -8.766  -3.186  2.109   1.00 19.98 ? 26 TYR B N   1 
ATOM   630 C CA  . TYR B 1 26 ? -7.816  -4.077  1.458   1.00 21.24 ? 26 TYR B CA  1 
ATOM   631 C C   . TYR B 1 26 ? -7.208  -5.035  2.474   1.00 22.42 ? 26 TYR B C   1 
ATOM   632 O O   . TYR B 1 26 ? -6.677  -4.607  3.496   1.00 21.81 ? 26 TYR B O   1 
ATOM   633 C CB  . TYR B 1 26 ? -6.698  -3.273  0.792   1.00 20.99 ? 26 TYR B CB  1 
ATOM   634 C CG  . TYR B 1 26 ? -5.698  -4.135  0.058   1.00 22.36 ? 26 TYR B CG  1 
ATOM   635 C CD1 . TYR B 1 26 ? -6.086  -4.899  -1.041  1.00 21.83 ? 26 TYR B CD1 1 
ATOM   636 C CD2 . TYR B 1 26 ? -4.370  -4.212  0.478   1.00 20.70 ? 26 TYR B CD2 1 
ATOM   637 C CE1 . TYR B 1 26 ? -5.185  -5.719  -1.701  1.00 23.04 ? 26 TYR B CE1 1 
ATOM   638 C CE2 . TYR B 1 26 ? -3.456  -5.032  -0.176  1.00 21.85 ? 26 TYR B CE2 1 
ATOM   639 C CZ  . TYR B 1 26 ? -3.871  -5.783  -1.263  1.00 23.35 ? 26 TYR B CZ  1 
ATOM   640 O OH  . TYR B 1 26 ? -2.983  -6.600  -1.916  1.00 25.84 ? 26 TYR B OH  1 
ATOM   641 N N   . LEU B 1 27 ? -7.288  -6.330  2.186   1.00 19.95 ? 27 LEU B N   1 
ATOM   642 C CA  . LEU B 1 27 ? -6.733  -7.349  3.064   1.00 20.57 ? 27 LEU B CA  1 
ATOM   643 C C   . LEU B 1 27 ? -5.420  -7.822  2.449   1.00 23.41 ? 27 LEU B C   1 
ATOM   644 O O   . LEU B 1 27 ? -5.413  -8.488  1.413   1.00 22.19 ? 27 LEU B O   1 
ATOM   645 C CB  . LEU B 1 27 ? -7.702  -8.525  3.186   1.00 17.26 ? 27 LEU B CB  1 
ATOM   646 C CG  . LEU B 1 27 ? -9.138  -8.209  3.599   1.00 16.31 ? 27 LEU B CG  1 
ATOM   647 C CD1 . LEU B 1 27 ? -9.949  -9.494  3.605   1.00 14.10 ? 27 LEU B CD1 1 
ATOM   648 C CD2 . LEU B 1 27 ? -9.158  -7.554  4.980   1.00 15.27 ? 27 LEU B CD2 1 
ATOM   649 N N   . ARG B 1 28 ? -4.307  -7.482  3.088   1.00 34.52 ? 28 ARG B N   1 
ATOM   650 C CA  . ARG B 1 28 ? -3.005  -7.861  2.565   1.00 38.08 ? 28 ARG B CA  1 
ATOM   651 C C   . ARG B 1 28 ? -2.759  -9.366  2.511   1.00 38.72 ? 28 ARG B C   1 
ATOM   652 O O   . ARG B 1 28 ? -2.216  -9.869  1.528   1.00 40.50 ? 28 ARG B O   1 
ATOM   653 C CB  . ARG B 1 28 ? -1.897  -7.158  3.355   1.00 40.00 ? 28 ARG B CB  1 
ATOM   654 C CG  . ARG B 1 28 ? -1.968  -7.308  4.859   1.00 45.66 ? 28 ARG B CG  1 
ATOM   655 C CD  . ARG B 1 28 ? -1.269  -6.132  5.533   1.00 50.53 ? 28 ARG B CD  1 
ATOM   656 N NE  . ARG B 1 28 ? -0.989  -6.382  6.943   1.00 55.18 ? 28 ARG B NE  1 
ATOM   657 C CZ  . ARG B 1 28 ? -0.103  -7.272  7.377   1.00 56.12 ? 28 ARG B CZ  1 
ATOM   658 N NH1 . ARG B 1 28 ? 0.590   -7.995  6.508   1.00 56.69 ? 28 ARG B NH1 1 
ATOM   659 N NH2 . ARG B 1 28 ? 0.090   -7.439  8.678   1.00 55.61 ? 28 ARG B NH2 1 
ATOM   660 N N   . ASP B 1 29 ? -3.169  -10.089 3.548   1.00 34.76 ? 29 ASP B N   1 
ATOM   661 C CA  . ASP B 1 29 ? -2.974  -11.534 3.569   1.00 33.64 ? 29 ASP B CA  1 
ATOM   662 C C   . ASP B 1 29 ? -3.564  -12.204 2.333   1.00 33.93 ? 29 ASP B C   1 
ATOM   663 O O   . ASP B 1 29 ? -2.911  -13.031 1.695   1.00 33.86 ? 29 ASP B O   1 
ATOM   664 C CB  . ASP B 1 29 ? -3.604  -12.146 4.825   1.00 30.11 ? 29 ASP B CB  1 
ATOM   665 C CG  . ASP B 1 29 ? -2.832  -11.811 6.089   1.00 30.76 ? 29 ASP B CG  1 
ATOM   666 O OD1 . ASP B 1 29 ? -1.769  -11.162 5.994   1.00 32.02 ? 29 ASP B OD1 1 
ATOM   667 O OD2 . ASP B 1 29 ? -3.288  -12.202 7.183   1.00 33.28 ? 29 ASP B OD2 1 
ATOM   668 N N   . SER B 1 30 ? -4.795  -11.841 1.989   1.00 25.64 ? 30 SER B N   1 
ATOM   669 C CA  . SER B 1 30 ? -5.467  -12.435 0.838   1.00 25.48 ? 30 SER B CA  1 
ATOM   670 C C   . SER B 1 30 ? -5.473  -11.546 -0.398  1.00 25.84 ? 30 SER B C   1 
ATOM   671 O O   . SER B 1 30 ? -6.070  -11.901 -1.414  1.00 26.33 ? 30 SER B O   1 
ATOM   672 C CB  . SER B 1 30 ? -6.907  -12.795 1.206   1.00 30.16 ? 30 SER B CB  1 
ATOM   673 O OG  . SER B 1 30 ? -7.624  -11.648 1.628   1.00 27.30 ? 30 SER B OG  1 
ATOM   674 N N   . THR B 1 31 ? -4.814  -10.395 -0.311  1.00 33.40 ? 31 THR B N   1 
ATOM   675 C CA  . THR B 1 31 ? -4.752  -9.453  -1.424  1.00 33.46 ? 31 THR B CA  1 
ATOM   676 C C   . THR B 1 31 ? -6.130  -9.267  -2.042  1.00 32.17 ? 31 THR B C   1 
ATOM   677 O O   . THR B 1 31 ? -6.287  -9.273  -3.263  1.00 33.44 ? 31 THR B O   1 
ATOM   678 C CB  . THR B 1 31 ? -3.767  -9.935  -2.510  1.00 39.81 ? 31 THR B CB  1 
ATOM   679 O OG1 . THR B 1 31 ? -4.202  -11.197 -3.032  1.00 41.94 ? 31 THR B OG1 1 
ATOM   680 C CG2 . THR B 1 31 ? -2.376  -10.094 -1.923  1.00 42.64 ? 31 THR B CG2 1 
ATOM   681 N N   . GLU B 1 32 ? -7.127  -9.106  -1.178  1.00 27.59 ? 32 GLU B N   1 
ATOM   682 C CA  . GLU B 1 32 ? -8.511  -8.924  -1.599  1.00 26.85 ? 32 GLU B CA  1 
ATOM   683 C C   . GLU B 1 32 ? -9.034  -7.551  -1.218  1.00 24.33 ? 32 GLU B C   1 
ATOM   684 O O   . GLU B 1 32 ? -8.483  -6.876  -0.348  1.00 23.12 ? 32 GLU B O   1 
ATOM   685 C CB  . GLU B 1 32 ? -9.426  -9.940  -0.920  1.00 34.78 ? 32 GLU B CB  1 
ATOM   686 C CG  . GLU B 1 32 ? -9.191  -11.384 -1.248  1.00 38.47 ? 32 GLU B CG  1 
ATOM   687 C CD  . GLU B 1 32 ? -10.175 -12.260 -0.514  1.00 38.33 ? 32 GLU B CD  1 
ATOM   688 O OE1 . GLU B 1 32 ? -10.164 -12.235 0.735   1.00 38.44 ? 32 GLU B OE1 1 
ATOM   689 O OE2 . GLU B 1 32 ? -10.962 -12.962 -1.180  1.00 42.60 ? 32 GLU B OE2 1 
ATOM   690 N N   . PHE B 1 33 ? -10.126 -7.166  -1.864  1.00 22.76 ? 33 PHE B N   1 
ATOM   691 C CA  . PHE B 1 33 ? -10.783 -5.898  -1.596  1.00 21.93 ? 33 PHE B CA  1 
ATOM   692 C C   . PHE B 1 33 ? -12.226 -6.153  -1.177  1.00 20.94 ? 33 PHE B C   1 
ATOM   693 O O   . PHE B 1 33 ? -12.945 -6.929  -1.808  1.00 19.39 ? 33 PHE B O   1 
ATOM   694 C CB  . PHE B 1 33 ? -10.765 -5.010  -2.840  1.00 24.73 ? 33 PHE B CB  1 
ATOM   695 C CG  . PHE B 1 33 ? -9.765  -3.894  -2.777  1.00 27.32 ? 33 PHE B CG  1 
ATOM   696 C CD1 . PHE B 1 33 ? -9.906  -2.864  -1.852  1.00 26.44 ? 33 PHE B CD1 1 
ATOM   697 C CD2 . PHE B 1 33 ? -8.685  -3.865  -3.654  1.00 26.29 ? 33 PHE B CD2 1 
ATOM   698 C CE1 . PHE B 1 33 ? -8.987  -1.818  -1.802  1.00 26.30 ? 33 PHE B CE1 1 
ATOM   699 C CE2 . PHE B 1 33 ? -7.764  -2.824  -3.611  1.00 27.45 ? 33 PHE B CE2 1 
ATOM   700 C CZ  . PHE B 1 33 ? -7.914  -1.797  -2.683  1.00 25.95 ? 33 PHE B CZ  1 
ATOM   701 N N   . PHE B 1 34 ? -12.630 -5.508  -0.090  1.00 18.92 ? 34 PHE B N   1 
ATOM   702 C CA  . PHE B 1 34 ? -13.988 -5.612  0.417   1.00 16.67 ? 34 PHE B CA  1 
ATOM   703 C C   . PHE B 1 34 ? -14.502 -4.191  0.578   1.00 16.53 ? 34 PHE B C   1 
ATOM   704 O O   . PHE B 1 34 ? -13.722 -3.249  0.701   1.00 16.83 ? 34 PHE B O   1 
ATOM   705 C CB  . PHE B 1 34 ? -14.015 -6.316  1.780   1.00 19.89 ? 34 PHE B CB  1 
ATOM   706 C CG  . PHE B 1 34 ? -14.065 -7.815  1.690   1.00 19.03 ? 34 PHE B CG  1 
ATOM   707 C CD1 . PHE B 1 34 ? -15.288 -8.480  1.595   1.00 18.19 ? 34 PHE B CD1 1 
ATOM   708 C CD2 . PHE B 1 34 ? -12.891 -8.561  1.684   1.00 17.12 ? 34 PHE B CD2 1 
ATOM   709 C CE1 . PHE B 1 34 ? -15.337 -9.868  1.497   1.00 19.65 ? 34 PHE B CE1 1 
ATOM   710 C CE2 . PHE B 1 34 ? -12.929 -9.954  1.585   1.00 19.69 ? 34 PHE B CE2 1 
ATOM   711 C CZ  . PHE B 1 34 ? -14.151 -10.608 1.491   1.00 20.27 ? 34 PHE B CZ  1 
ATOM   712 N N   . ILE B 1 35 ? -15.816 -4.039  0.551   1.00 15.67 ? 35 ILE B N   1 
ATOM   713 C CA  . ILE B 1 35 ? -16.421 -2.737  0.730   1.00 17.13 ? 35 ILE B CA  1 
ATOM   714 C C   . ILE B 1 35 ? -17.360 -2.816  1.924   1.00 16.21 ? 35 ILE B C   1 
ATOM   715 O O   . ILE B 1 35 ? -18.157 -3.747  2.039   1.00 14.30 ? 35 ILE B O   1 
ATOM   716 C CB  . ILE B 1 35 ? -17.218 -2.296  -0.520  1.00 27.84 ? 35 ILE B CB  1 
ATOM   717 C CG1 . ILE B 1 35 ? -16.254 -1.958  -1.659  1.00 30.14 ? 35 ILE B CG1 1 
ATOM   718 C CG2 . ILE B 1 35 ? -18.089 -1.093  -0.187  1.00 26.98 ? 35 ILE B CG2 1 
ATOM   719 C CD1 . ILE B 1 35 ? -16.925 -1.366  -2.880  1.00 33.75 ? 35 ILE B CD1 1 
ATOM   720 N N   . ARG B 1 36 ? -17.234 -1.849  2.823   1.00 16.15 ? 36 ARG B N   1 
ATOM   721 C CA  . ARG B 1 36 ? -18.094 -1.790  3.988   1.00 17.31 ? 36 ARG B CA  1 
ATOM   722 C C   . ARG B 1 36 ? -19.378 -1.140  3.499   1.00 17.77 ? 36 ARG B C   1 
ATOM   723 O O   . ARG B 1 36 ? -19.372 0.003   3.037   1.00 18.32 ? 36 ARG B O   1 
ATOM   724 C CB  . ARG B 1 36 ? -17.456 -0.928  5.085   1.00 14.11 ? 36 ARG B CB  1 
ATOM   725 C CG  . ARG B 1 36 ? -18.277 -0.795  6.369   1.00 14.67 ? 36 ARG B CG  1 
ATOM   726 C CD  . ARG B 1 36 ? -18.297 -2.089  7.179   1.00 14.87 ? 36 ARG B CD  1 
ATOM   727 N NE  . ARG B 1 36 ? -18.848 -1.880  8.518   1.00 14.24 ? 36 ARG B NE  1 
ATOM   728 C CZ  . ARG B 1 36 ? -20.143 -1.765  8.789   1.00 17.26 ? 36 ARG B CZ  1 
ATOM   729 N NH1 . ARG B 1 36 ? -21.039 -1.845  7.817   1.00 19.22 ? 36 ARG B NH1 1 
ATOM   730 N NH2 . ARG B 1 36 ? -20.544 -1.555  10.035  1.00 17.90 ? 36 ARG B NH2 1 
ATOM   731 N N   . VAL B 1 37 ? -20.472 -1.884  3.551   1.00 11.87 ? 37 VAL B N   1 
ATOM   732 C CA  . VAL B 1 37 ? -21.753 -1.341  3.136   1.00 16.62 ? 37 VAL B CA  1 
ATOM   733 C C   . VAL B 1 37 ? -22.588 -1.251  4.400   1.00 19.74 ? 37 VAL B C   1 
ATOM   734 O O   . VAL B 1 37 ? -22.082 -1.469  5.499   1.00 16.00 ? 37 VAL B O   1 
ATOM   735 C CB  . VAL B 1 37 ? -22.466 -2.252  2.111   1.00 22.83 ? 37 VAL B CB  1 
ATOM   736 C CG1 . VAL B 1 37 ? -21.726 -2.216  0.778   1.00 23.06 ? 37 VAL B CG1 1 
ATOM   737 C CG2 . VAL B 1 37 ? -22.541 -3.675  2.643   1.00 22.71 ? 37 VAL B CG2 1 
ATOM   738 N N   . ARG B 1 38 ? -23.858 -0.912  4.252   1.00 26.84 ? 38 ARG B N   1 
ATOM   739 C CA  . ARG B 1 38 ? -24.721 -0.822  5.412   1.00 32.96 ? 38 ARG B CA  1 
ATOM   740 C C   . ARG B 1 38 ? -25.073 -2.242  5.835   1.00 32.01 ? 38 ARG B C   1 
ATOM   741 O O   . ARG B 1 38 ? -25.573 -3.032  5.037   1.00 34.70 ? 38 ARG B O   1 
ATOM   742 C CB  . ARG B 1 38 ? -25.985 -0.036  5.065   1.00 43.15 ? 38 ARG B CB  1 
ATOM   743 C CG  . ARG B 1 38 ? -26.855 0.326   6.254   1.00 49.77 ? 38 ARG B CG  1 
ATOM   744 C CD  . ARG B 1 38 ? -27.965 1.264   5.812   1.00 55.60 ? 38 ARG B CD  1 
ATOM   745 N NE  . ARG B 1 38 ? -28.777 0.663   4.760   1.00 61.57 ? 38 ARG B NE  1 
ATOM   746 C CZ  . ARG B 1 38 ? -29.552 1.350   3.927   1.00 64.29 ? 38 ARG B CZ  1 
ATOM   747 N NH1 . ARG B 1 38 ? -29.621 2.672   4.017   1.00 65.80 ? 38 ARG B NH1 1 
ATOM   748 N NH2 . ARG B 1 38 ? -30.260 0.714   3.004   1.00 65.98 ? 38 ARG B NH2 1 
ATOM   749 N N   . ASP B 1 39 ? -24.777 -2.568  7.087   1.00 33.46 ? 39 ASP B N   1 
ATOM   750 C CA  . ASP B 1 39 ? -25.073 -3.882  7.646   1.00 32.21 ? 39 ASP B CA  1 
ATOM   751 C C   . ASP B 1 39 ? -24.161 -5.019  7.195   1.00 29.82 ? 39 ASP B C   1 
ATOM   752 O O   . ASP B 1 39 ? -24.564 -6.178  7.226   1.00 30.05 ? 39 ASP B O   1 
ATOM   753 C CB  . ASP B 1 39 ? -26.526 -4.259  7.356   1.00 40.38 ? 39 ASP B CB  1 
ATOM   754 C CG  . ASP B 1 39 ? -27.498 -3.178  7.776   1.00 42.26 ? 39 ASP B CG  1 
ATOM   755 O OD1 . ASP B 1 39 ? -27.415 -2.724  8.936   1.00 44.98 ? 39 ASP B OD1 1 
ATOM   756 O OD2 . ASP B 1 39 ? -28.343 -2.787  6.946   1.00 44.67 ? 39 ASP B OD2 1 
ATOM   757 N N   . GLY B 1 40 ? -22.940 -4.703  6.774   1.00 24.68 ? 40 GLY B N   1 
ATOM   758 C CA  . GLY B 1 40 ? -22.043 -5.767  6.363   1.00 19.25 ? 40 GLY B CA  1 
ATOM   759 C C   . GLY B 1 40 ? -20.895 -5.407  5.447   1.00 17.37 ? 40 GLY B C   1 
ATOM   760 O O   . GLY B 1 40 ? -20.433 -4.265  5.405   1.00 15.14 ? 40 GLY B O   1 
ATOM   761 N N   . TRP B 1 41 ? -20.427 -6.414  4.717   1.00 14.21 ? 41 TRP B N   1 
ATOM   762 C CA  . TRP B 1 41 ? -19.327 -6.261  3.774   1.00 13.57 ? 41 TRP B CA  1 
ATOM   763 C C   . TRP B 1 41 ? -19.691 -6.973  2.479   1.00 14.79 ? 41 TRP B C   1 
ATOM   764 O O   . TRP B 1 41 ? -20.448 -7.947  2.484   1.00 13.05 ? 41 TRP B O   1 
ATOM   765 C CB  . TRP B 1 41 ? -18.047 -6.912  4.316   1.00 16.49 ? 41 TRP B CB  1 
ATOM   766 C CG  . TRP B 1 41 ? -17.513 -6.356  5.601   1.00 18.25 ? 41 TRP B CG  1 
ATOM   767 C CD1 . TRP B 1 41 ? -16.685 -5.283  5.750   1.00 17.87 ? 41 TRP B CD1 1 
ATOM   768 C CD2 . TRP B 1 41 ? -17.746 -6.869  6.919   1.00 19.53 ? 41 TRP B CD2 1 
ATOM   769 N NE1 . TRP B 1 41 ? -16.381 -5.097  7.078   1.00 17.84 ? 41 TRP B NE1 1 
ATOM   770 C CE2 . TRP B 1 41 ? -17.022 -6.056  7.818   1.00 19.12 ? 41 TRP B CE2 1 
ATOM   771 C CE3 . TRP B 1 41 ? -18.499 -7.937  7.428   1.00 22.27 ? 41 TRP B CE3 1 
ATOM   772 C CZ2 . TRP B 1 41 ? -17.025 -6.276  9.199   1.00 19.82 ? 41 TRP B CZ2 1 
ATOM   773 C CZ3 . TRP B 1 41 ? -18.503 -8.157  8.808   1.00 22.18 ? 41 TRP B CZ3 1 
ATOM   774 C CH2 . TRP B 1 41 ? -17.770 -7.327  9.674   1.00 22.38 ? 41 TRP B CH2 1 
ATOM   775 N N   . LYS B 1 42 ? -19.148 -6.480  1.372   1.00 12.53 ? 42 LYS B N   1 
ATOM   776 C CA  . LYS B 1 42 ? -19.353 -7.088  0.067   1.00 14.02 ? 42 LYS B CA  1 
ATOM   777 C C   . LYS B 1 42 ? -17.994 -7.092  -0.611  1.00 14.03 ? 42 LYS B C   1 
ATOM   778 O O   . LYS B 1 42 ? -17.305 -6.076  -0.642  1.00 13.22 ? 42 LYS B O   1 
ATOM   779 C CB  . LYS B 1 42 ? -20.344 -6.292  -0.782  1.00 17.56 ? 42 LYS B CB  1 
ATOM   780 C CG  . LYS B 1 42 ? -21.790 -6.405  -0.334  1.00 17.48 ? 42 LYS B CG  1 
ATOM   781 C CD  . LYS B 1 42 ? -22.729 -5.918  -1.427  1.00 21.40 ? 42 LYS B CD  1 
ATOM   782 C CE  . LYS B 1 42 ? -24.180 -5.999  -0.990  1.00 21.94 ? 42 LYS B CE  1 
ATOM   783 N NZ  . LYS B 1 42 ? -25.091 -5.585  -2.089  1.00 22.37 ? 42 LYS B NZ  1 
ATOM   784 N N   . LYS B 1 43 ? -17.594 -8.241  -1.137  1.00 16.45 ? 43 LYS B N   1 
ATOM   785 C CA  . LYS B 1 43 ? -16.309 -8.323  -1.800  1.00 16.72 ? 43 LYS B CA  1 
ATOM   786 C C   . LYS B 1 43 ? -16.357 -7.589  -3.132  1.00 16.95 ? 43 LYS B C   1 
ATOM   787 O O   . LYS B 1 43 ? -17.373 -7.609  -3.835  1.00 15.07 ? 43 LYS B O   1 
ATOM   788 C CB  . LYS B 1 43 ? -15.917 -9.785  -2.016  1.00 23.63 ? 43 LYS B CB  1 
ATOM   789 C CG  . LYS B 1 43 ? -14.534 -9.966  -2.609  1.00 24.61 ? 43 LYS B CG  1 
ATOM   790 C CD  . LYS B 1 43 ? -14.160 -11.435 -2.668  1.00 28.45 ? 43 LYS B CD  1 
ATOM   791 C CE  . LYS B 1 43 ? -12.869 -11.650 -3.435  1.00 29.04 ? 43 LYS B CE  1 
ATOM   792 N NZ  . LYS B 1 43 ? -12.552 -13.098 -3.526  1.00 32.12 ? 43 LYS B NZ  1 
ATOM   793 N N   . LEU B 1 44 ? -15.260 -6.921  -3.467  1.00 16.76 ? 44 LEU B N   1 
ATOM   794 C CA  . LEU B 1 44 ? -15.173 -6.194  -4.727  1.00 19.43 ? 44 LEU B CA  1 
ATOM   795 C C   . LEU B 1 44 ? -14.851 -7.210  -5.823  1.00 20.25 ? 44 LEU B C   1 
ATOM   796 O O   . LEU B 1 44 ? -13.917 -8.008  -5.687  1.00 19.88 ? 44 LEU B O   1 
ATOM   797 C CB  . LEU B 1 44 ? -14.072 -5.132  -4.649  1.00 31.11 ? 44 LEU B CB  1 
ATOM   798 C CG  . LEU B 1 44 ? -13.847 -4.272  -5.895  1.00 34.68 ? 44 LEU B CG  1 
ATOM   799 C CD1 . LEU B 1 44 ? -15.119 -3.515  -6.244  1.00 35.33 ? 44 LEU B CD1 1 
ATOM   800 C CD2 . LEU B 1 44 ? -12.707 -3.302  -5.640  1.00 38.46 ? 44 LEU B CD2 1 
ATOM   801 N N   . GLN B 1 45 ? -15.633 -7.184  -6.899  1.00 17.08 ? 45 GLN B N   1 
ATOM   802 C CA  . GLN B 1 45 ? -15.446 -8.108  -8.014  1.00 18.27 ? 45 GLN B CA  1 
ATOM   803 C C   . GLN B 1 45 ? -14.292 -7.688  -8.927  1.00 19.04 ? 45 GLN B C   1 
ATOM   804 O O   . GLN B 1 45 ? -14.340 -6.631  -9.559  1.00 17.03 ? 45 GLN B O   1 
ATOM   805 C CB  . GLN B 1 45 ? -16.732 -8.202  -8.838  1.00 28.50 ? 45 GLN B CB  1 
ATOM   806 C CG  . GLN B 1 45 ? -17.989 -8.494  -8.027  1.00 32.89 ? 45 GLN B CG  1 
ATOM   807 C CD  . GLN B 1 45 ? -17.881 -9.763  -7.209  1.00 34.94 ? 45 GLN B CD  1 
ATOM   808 O OE1 . GLN B 1 45 ? -17.088 -9.846  -6.271  1.00 36.87 ? 45 GLN B OE1 1 
ATOM   809 N NE2 . GLN B 1 45 ? -18.679 -10.764 -7.562  1.00 37.83 ? 45 GLN B NE2 1 
ATOM   810 N N   . LEU B 1 46 ? -13.263 -8.529  -9.001  1.00 24.23 ? 46 LEU B N   1 
ATOM   811 C CA  . LEU B 1 46 ? -12.095 -8.249  -9.834  1.00 23.01 ? 46 LEU B CA  1 
ATOM   812 C C   . LEU B 1 46 ? -11.946 -9.295  -10.933 1.00 22.70 ? 46 LEU B C   1 
ATOM   813 O O   . LEU B 1 46 ? -12.402 -10.426 -10.787 1.00 23.04 ? 46 LEU B O   1 
ATOM   814 C CB  . LEU B 1 46 ? -10.827 -8.225  -8.979  1.00 25.86 ? 46 LEU B CB  1 
ATOM   815 C CG  . LEU B 1 46 ? -10.768 -7.208  -7.838  1.00 26.07 ? 46 LEU B CG  1 
ATOM   816 C CD1 . LEU B 1 46 ? -9.397  -7.270  -7.179  1.00 25.96 ? 46 LEU B CD1 1 
ATOM   817 C CD2 . LEU B 1 46 ? -11.034 -5.814  -8.376  1.00 24.92 ? 46 LEU B CD2 1 
ATOM   818 N N   . GLY B 1 47 ? -11.290 -8.916  -12.025 1.00 22.38 ? 47 GLY B N   1 
ATOM   819 C CA  . GLY B 1 47 ? -11.106 -9.836  -13.134 1.00 22.91 ? 47 GLY B CA  1 
ATOM   820 C C   . GLY B 1 47 ? -9.926  -10.778 -13.001 1.00 22.93 ? 47 GLY B C   1 
ATOM   821 O O   . GLY B 1 47 ? -9.316  -10.883 -11.937 1.00 22.81 ? 47 GLY B O   1 
ATOM   822 N N   . GLU B 1 48 ? -9.612  -11.473 -14.090 1.00 19.18 ? 48 GLU B N   1 
ATOM   823 C CA  . GLU B 1 48 ? -8.499  -12.416 -14.117 1.00 20.14 ? 48 GLU B CA  1 
ATOM   824 C C   . GLU B 1 48 ? -7.185  -11.711 -13.809 1.00 20.60 ? 48 GLU B C   1 
ATOM   825 O O   . GLU B 1 48 ? -7.023  -10.529 -14.098 1.00 20.14 ? 48 GLU B O   1 
ATOM   826 C CB  . GLU B 1 48 ? -8.403  -13.082 -15.492 1.00 27.51 ? 48 GLU B CB  1 
ATOM   827 C CG  . GLU B 1 48 ? -9.569  -13.984 -15.826 1.00 28.83 ? 48 GLU B CG  1 
ATOM   828 C CD  . GLU B 1 48 ? -9.704  -15.132 -14.851 1.00 31.63 ? 48 GLU B CD  1 
ATOM   829 O OE1 . GLU B 1 48 ? -8.753  -15.939 -14.747 1.00 33.11 ? 48 GLU B OE1 1 
ATOM   830 O OE2 . GLU B 1 48 ? -10.758 -15.225 -14.187 1.00 33.56 ? 48 GLU B OE2 1 
ATOM   831 N N   . LEU B 1 49 ? -6.243  -12.446 -13.233 1.00 30.23 ? 49 LEU B N   1 
ATOM   832 C CA  . LEU B 1 49 ? -4.948  -11.880 -12.888 1.00 31.02 ? 49 LEU B CA  1 
ATOM   833 C C   . LEU B 1 49 ? -4.010  -11.741 -14.081 1.00 30.21 ? 49 LEU B C   1 
ATOM   834 O O   . LEU B 1 49 ? -3.681  -12.725 -14.739 1.00 33.48 ? 49 LEU B O   1 
ATOM   835 C CB  . LEU B 1 49 ? -4.261  -12.740 -11.821 1.00 25.14 ? 49 LEU B CB  1 
ATOM   836 C CG  . LEU B 1 49 ? -2.842  -12.318 -11.417 1.00 27.02 ? 49 LEU B CG  1 
ATOM   837 C CD1 . LEU B 1 49 ? -2.877  -10.949 -10.748 1.00 24.54 ? 49 LEU B CD1 1 
ATOM   838 C CD2 . LEU B 1 49 ? -2.246  -13.356 -10.474 1.00 27.79 ? 49 LEU B CD2 1 
ATOM   839 N N   . ILE B 1 50 ? -3.595  -10.511 -14.364 1.00 18.86 ? 50 ILE B N   1 
ATOM   840 C CA  . ILE B 1 50 ? -2.650  -10.255 -15.441 1.00 19.09 ? 50 ILE B CA  1 
ATOM   841 C C   . ILE B 1 50 ? -1.301  -10.213 -14.724 1.00 20.06 ? 50 ILE B C   1 
ATOM   842 O O   . ILE B 1 50 ? -1.035  -9.291  -13.952 1.00 18.28 ? 50 ILE B O   1 
ATOM   843 C CB  . ILE B 1 50 ? -2.899  -8.889  -16.116 1.00 18.66 ? 50 ILE B CB  1 
ATOM   844 C CG1 . ILE B 1 50 ? -4.290  -8.868  -16.750 1.00 18.19 ? 50 ILE B CG1 1 
ATOM   845 C CG2 . ILE B 1 50 ? -1.830  -8.624  -17.176 1.00 18.52 ? 50 ILE B CG2 1 
ATOM   846 C CD1 . ILE B 1 50 ? -4.675  -7.521  -17.309 1.00 19.78 ? 50 ILE B CD1 1 
ATOM   847 N N   . PRO B 1 51 ? -0.439  -11.214 -14.962 1.00 23.72 ? 51 PRO B N   1 
ATOM   848 C CA  . PRO B 1 51 ? 0.874   -11.266 -14.314 1.00 25.58 ? 51 PRO B CA  1 
ATOM   849 C C   . PRO B 1 51 ? 1.849   -10.176 -14.746 1.00 27.05 ? 51 PRO B C   1 
ATOM   850 O O   . PRO B 1 51 ? 1.784   -9.670  -15.867 1.00 27.10 ? 51 PRO B O   1 
ATOM   851 C CB  . PRO B 1 51 ? 1.372   -12.664 -14.667 1.00 25.84 ? 51 PRO B CB  1 
ATOM   852 C CG  . PRO B 1 51 ? 0.809   -12.870 -16.026 1.00 26.66 ? 51 PRO B CG  1 
ATOM   853 C CD  . PRO B 1 51 ? -0.609  -12.349 -15.888 1.00 25.68 ? 51 PRO B CD  1 
ATOM   854 N N   . ILE B 1 52 ? 2.749   -9.817  -13.837 1.00 19.78 ? 52 ILE B N   1 
ATOM   855 C CA  . ILE B 1 52 ? 3.749   -8.797  -14.123 1.00 24.25 ? 52 ILE B CA  1 
ATOM   856 C C   . ILE B 1 52 ? 4.662   -9.344  -15.215 1.00 27.33 ? 52 ILE B C   1 
ATOM   857 O O   . ILE B 1 52 ? 5.097   -10.494 -15.145 1.00 24.94 ? 52 ILE B O   1 
ATOM   858 C CB  . ILE B 1 52 ? 4.607   -8.483  -12.876 1.00 37.56 ? 52 ILE B CB  1 
ATOM   859 C CG1 . ILE B 1 52 ? 3.709   -8.057  -11.712 1.00 37.47 ? 52 ILE B CG1 1 
ATOM   860 C CG2 . ILE B 1 52 ? 5.608   -7.385  -13.198 1.00 38.43 ? 52 ILE B CG2 1 
ATOM   861 C CD1 . ILE B 1 52 ? 2.856   -6.841  -12.001 1.00 39.31 ? 52 ILE B CD1 1 
ATOM   862 N N   . PRO B 1 53 ? 4.949   -8.536  -16.245 1.00 44.77 ? 53 PRO B N   1 
ATOM   863 C CA  . PRO B 1 53 ? 5.823   -9.010  -17.319 1.00 47.41 ? 53 PRO B CA  1 
ATOM   864 C C   . PRO B 1 53 ? 7.074   -9.687  -16.762 1.00 49.80 ? 53 PRO B C   1 
ATOM   865 O O   . PRO B 1 53 ? 7.922   -9.037  -16.150 1.00 49.77 ? 53 PRO B O   1 
ATOM   866 C CB  . PRO B 1 53 ? 6.135   -7.731  -18.086 1.00 43.18 ? 53 PRO B CB  1 
ATOM   867 C CG  . PRO B 1 53 ? 4.842   -6.982  -17.979 1.00 43.24 ? 53 PRO B CG  1 
ATOM   868 C CD  . PRO B 1 53 ? 4.487   -7.162  -16.513 1.00 42.05 ? 53 PRO B CD  1 
ATOM   869 N N   . ALA B 1 54 ? 7.168   -10.996 -16.966 1.00 48.74 ? 54 ALA B N   1 
ATOM   870 C CA  . ALA B 1 54 ? 8.308   -11.771 -16.491 1.00 50.99 ? 54 ALA B CA  1 
ATOM   871 C C   . ALA B 1 54 ? 9.490   -11.620 -17.444 1.00 51.40 ? 54 ALA B C   1 
ATOM   872 O O   . ALA B 1 54 ? 9.363   -10.853 -18.421 1.00 52.03 ? 54 ALA B O   1 
ATOM   873 C CB  . ALA B 1 54 ? 7.922   -13.244 -16.362 1.00 49.97 ? 54 ALA B CB  1 
ATOM   874 O OXT . ALA B 1 54 ? 10.528  -12.269 -17.199 1.00 52.81 ? 54 ALA B OXT 1 
HETATM 875 O O   . HOH C 2 .  ? 6.090   1.436   3.656   1.00 14.53 ? 55 HOH A O   1 
HETATM 876 O O   . HOH C 2 .  ? 15.719  10.371  -1.516  1.00 15.10 ? 56 HOH A O   1 
HETATM 877 O O   . HOH C 2 .  ? 22.037  14.213  -8.908  1.00 23.27 ? 57 HOH A O   1 
HETATM 878 O O   . HOH C 2 .  ? 2.960   15.284  -1.931  1.00 23.17 ? 58 HOH A O   1 
HETATM 879 O O   . HOH C 2 .  ? 2.356   1.788   8.762   1.00 32.49 ? 59 HOH A O   1 
HETATM 880 O O   . HOH C 2 .  ? 16.819  14.667  2.543   1.00 28.40 ? 60 HOH A O   1 
HETATM 881 O O   . HOH C 2 .  ? 4.601   -2.488  -6.029  1.00 25.82 ? 61 HOH A O   1 
HETATM 882 O O   . HOH C 2 .  ? 7.148   -5.465  6.445   1.00 28.70 ? 62 HOH A O   1 
HETATM 883 O O   . HOH C 2 .  ? 3.091   -4.539  -4.449  1.00 22.19 ? 63 HOH A O   1 
HETATM 884 O O   . HOH C 2 .  ? 16.346  13.018  -1.803  1.00 29.59 ? 64 HOH A O   1 
HETATM 885 O O   . HOH C 2 .  ? 0.329   -1.978  6.312   1.00 28.11 ? 65 HOH A O   1 
HETATM 886 O O   . HOH C 2 .  ? 10.415  1.695   14.773  1.00 33.33 ? 66 HOH A O   1 
HETATM 887 O O   . HOH C 2 .  ? 7.714   -5.894  -0.508  1.00 24.90 ? 67 HOH A O   1 
HETATM 888 O O   . HOH C 2 .  ? -0.681  4.513   -3.405  1.00 36.83 ? 68 HOH A O   1 
HETATM 889 O O   . HOH C 2 .  ? 6.715   12.870  0.032   1.00 39.68 ? 69 HOH A O   1 
HETATM 890 O O   . HOH C 2 .  ? 3.951   13.293  2.829   1.00 36.80 ? 70 HOH A O   1 
HETATM 891 O O   . HOH C 2 .  ? 6.785   -3.594  -7.115  1.00 38.61 ? 71 HOH A O   1 
HETATM 892 O O   . HOH C 2 .  ? 16.546  -3.501  -6.532  1.00 31.28 ? 72 HOH A O   1 
HETATM 893 O O   . HOH C 2 .  ? 9.597   -7.797  6.160   1.00 31.28 ? 73 HOH A O   1 
HETATM 894 O O   . HOH C 2 .  ? 18.341  13.071  -0.620  1.00 31.28 ? 74 HOH A O   1 
HETATM 895 O O   . HOH D 2 .  ? -18.941 -10.627 -0.899  1.00 17.60 ? 55 HOH B O   1 
HETATM 896 O O   . HOH D 2 .  ? -14.513 -4.088  9.232   1.00 19.48 ? 56 HOH B O   1 
HETATM 897 O O   . HOH D 2 .  ? -11.409 -8.165  -4.101  1.00 20.85 ? 57 HOH B O   1 
HETATM 898 O O   . HOH D 2 .  ? -13.879 4.460   7.996   1.00 21.13 ? 58 HOH B O   1 
HETATM 899 O O   . HOH D 2 .  ? -6.804  -15.021 -12.404 1.00 30.72 ? 59 HOH B O   1 
HETATM 900 O O   . HOH D 2 .  ? -17.305 -6.757  13.723  1.00 26.39 ? 60 HOH B O   1 
HETATM 901 O O   . HOH D 2 .  ? -11.255 -15.723 7.940   1.00 28.12 ? 61 HOH B O   1 
HETATM 902 O O   . HOH D 2 .  ? -7.574  -12.575 4.271   1.00 32.04 ? 62 HOH B O   1 
HETATM 903 O O   . HOH D 2 .  ? -18.044 6.742   3.137   1.00 22.83 ? 63 HOH B O   1 
HETATM 904 O O   . HOH D 2 .  ? -23.514 -0.567  8.488   1.00 37.38 ? 64 HOH B O   1 
HETATM 905 O O   . HOH D 2 .  ? -7.851  -14.384 8.399   1.00 31.28 ? 65 HOH B O   1 
HETATM 906 O O   . HOH D 2 .  ? -11.015 -14.411 1.688   1.00 31.28 ? 66 HOH B O   1 
# 
loop_
_pdbx_poly_seq_scheme.asym_id 
_pdbx_poly_seq_scheme.entity_id 
_pdbx_poly_seq_scheme.seq_id 
_pdbx_poly_seq_scheme.mon_id 
_pdbx_poly_seq_scheme.ndb_seq_num 
_pdbx_poly_seq_scheme.pdb_seq_num 
_pdbx_poly_seq_scheme.auth_seq_num 
_pdbx_poly_seq_scheme.pdb_mon_id 
_pdbx_poly_seq_scheme.auth_mon_id 
_pdbx_poly_seq_scheme.pdb_strand_id 
_pdbx_poly_seq_scheme.pdb_ins_code 
_pdbx_poly_seq_scheme.hetero 
A 1 1  ASN 1  1  1  ASN ASN A . n 
A 1 2  LEU 2  2  2  LEU LEU A . n 
A 1 3  VAL 3  3  3  VAL VAL A . n 
A 1 4  THR 4  4  4  THR THR A . n 
A 1 5  ALA 5  5  5  ALA ALA A . n 
A 1 6  PHE 6  6  6  PHE PHE A . n 
A 1 7  SER 7  7  7  SER SER A . n 
A 1 8  ASN 8  8  8  ASN ASN A . n 
A 1 9  MET 9  9  9  MET MET A . n 
A 1 10 ASP 10 10 10 ASP ASP A . n 
A 1 11 ASP 11 11 11 ASP ASP A . n 
A 1 12 MET 12 12 12 MET MET A . n 
A 1 13 LEU 13 13 13 LEU LEU A . n 
A 1 14 GLN 14 14 14 GLN GLN A . n 
A 1 15 LYS 15 15 15 LYS LYS A . n 
A 1 16 ALA 16 16 16 ALA ALA A . n 
A 1 17 HIS 17 17 17 HIS HIS A . n 
A 1 18 LEU 18 18 18 LEU LEU A . n 
A 1 19 VAL 19 19 19 VAL VAL A . n 
A 1 20 ILE 20 20 20 ILE ILE A . n 
A 1 21 GLU 21 21 21 GLU GLU A . n 
A 1 22 GLY 22 22 22 GLY GLY A . n 
A 1 23 THR 23 23 23 THR THR A . n 
A 1 24 PHE 24 24 24 PHE PHE A . n 
A 1 25 ILE 25 25 25 ILE ILE A . n 
A 1 26 TYR 26 26 26 TYR TYR A . n 
A 1 27 LEU 27 27 27 LEU LEU A . n 
A 1 28 ARG 28 28 28 ARG ARG A . n 
A 1 29 ASP 29 29 29 ASP ASP A . n 
A 1 30 SER 30 30 30 SER SER A . n 
A 1 31 THR 31 31 31 THR THR A . n 
A 1 32 GLU 32 32 32 GLU GLU A . n 
A 1 33 PHE 33 33 33 PHE PHE A . n 
A 1 34 PHE 34 34 34 PHE PHE A . n 
A 1 35 ILE 35 35 35 ILE ILE A . n 
A 1 36 ARG 36 36 36 ARG ARG A . n 
A 1 37 VAL 37 37 37 VAL VAL A . n 
A 1 38 ARG 38 38 38 ARG ARG A . n 
A 1 39 ASP 39 39 39 ASP ASP A . n 
A 1 40 GLY 40 40 40 GLY GLY A . n 
A 1 41 TRP 41 41 41 TRP TRP A . n 
A 1 42 LYS 42 42 42 LYS LYS A . n 
A 1 43 LYS 43 43 43 LYS LYS A . n 
A 1 44 LEU 44 44 44 LEU LEU A . n 
A 1 45 GLN 45 45 45 GLN GLN A . n 
A 1 46 LEU 46 46 46 LEU LEU A . n 
A 1 47 GLY 47 47 47 GLY GLY A . n 
A 1 48 GLU 48 48 48 GLU GLU A . n 
A 1 49 LEU 49 49 49 LEU LEU A . n 
A 1 50 ILE 50 50 50 ILE ILE A . n 
A 1 51 PRO 51 51 51 PRO PRO A . n 
A 1 52 ILE 52 52 52 ILE ILE A . n 
A 1 53 PRO 53 53 53 PRO PRO A . n 
A 1 54 ALA 54 54 54 ALA ALA A . n 
B 1 1  ASN 1  1  ?  ?   ?   B . n 
B 1 2  LEU 2  2  2  LEU LEU B . n 
B 1 3  VAL 3  3  3  VAL VAL B . n 
B 1 4  THR 4  4  4  THR THR B . n 
B 1 5  ALA 5  5  5  ALA ALA B . n 
B 1 6  PHE 6  6  6  PHE PHE B . n 
B 1 7  SER 7  7  7  SER SER B . n 
B 1 8  ASN 8  8  8  ASN ASN B . n 
B 1 9  MET 9  9  9  MET MET B . n 
B 1 10 ASP 10 10 10 ASP ASP B . n 
B 1 11 ASP 11 11 11 ASP ASP B . n 
B 1 12 MET 12 12 12 MET MET B . n 
B 1 13 LEU 13 13 13 LEU LEU B . n 
B 1 14 GLN 14 14 14 GLN GLN B . n 
B 1 15 LYS 15 15 15 LYS LYS B . n 
B 1 16 ALA 16 16 16 ALA ALA B . n 
B 1 17 HIS 17 17 17 HIS HIS B . n 
B 1 18 LEU 18 18 18 LEU LEU B . n 
B 1 19 VAL 19 19 19 VAL VAL B . n 
B 1 20 ILE 20 20 20 ILE ILE B . n 
B 1 21 GLU 21 21 21 GLU GLU B . n 
B 1 22 GLY 22 22 22 GLY GLY B . n 
B 1 23 THR 23 23 23 THR THR B . n 
B 1 24 PHE 24 24 24 PHE PHE B . n 
B 1 25 ILE 25 25 25 ILE ILE B . n 
B 1 26 TYR 26 26 26 TYR TYR B . n 
B 1 27 LEU 27 27 27 LEU LEU B . n 
B 1 28 ARG 28 28 28 ARG ARG B . n 
B 1 29 ASP 29 29 29 ASP ASP B . n 
B 1 30 SER 30 30 30 SER SER B . n 
B 1 31 THR 31 31 31 THR THR B . n 
B 1 32 GLU 32 32 32 GLU GLU B . n 
B 1 33 PHE 33 33 33 PHE PHE B . n 
B 1 34 PHE 34 34 34 PHE PHE B . n 
B 1 35 ILE 35 35 35 ILE ILE B . n 
B 1 36 ARG 36 36 36 ARG ARG B . n 
B 1 37 VAL 37 37 37 VAL VAL B . n 
B 1 38 ARG 38 38 38 ARG ARG B . n 
B 1 39 ASP 39 39 39 ASP ASP B . n 
B 1 40 GLY 40 40 40 GLY GLY B . n 
B 1 41 TRP 41 41 41 TRP TRP B . n 
B 1 42 LYS 42 42 42 LYS LYS B . n 
B 1 43 LYS 43 43 43 LYS LYS B . n 
B 1 44 LEU 44 44 44 LEU LEU B . n 
B 1 45 GLN 45 45 45 GLN GLN B . n 
B 1 46 LEU 46 46 46 LEU LEU B . n 
B 1 47 GLY 47 47 47 GLY GLY B . n 
B 1 48 GLU 48 48 48 GLU GLU B . n 
B 1 49 LEU 49 49 49 LEU LEU B . n 
B 1 50 ILE 50 50 50 ILE ILE B . n 
B 1 51 PRO 51 51 51 PRO PRO B . n 
B 1 52 ILE 52 52 52 ILE ILE B . n 
B 1 53 PRO 53 53 53 PRO PRO B . n 
B 1 54 ALA 54 54 54 ALA ALA B . n 
# 
loop_
_pdbx_nonpoly_scheme.asym_id 
_pdbx_nonpoly_scheme.entity_id 
_pdbx_nonpoly_scheme.mon_id 
_pdbx_nonpoly_scheme.ndb_seq_num 
_pdbx_nonpoly_scheme.pdb_seq_num 
_pdbx_nonpoly_scheme.auth_seq_num 
_pdbx_nonpoly_scheme.pdb_mon_id 
_pdbx_nonpoly_scheme.auth_mon_id 
_pdbx_nonpoly_scheme.pdb_strand_id 
_pdbx_nonpoly_scheme.pdb_ins_code 
C 2 HOH 1  55 2  HOH HOH A . 
C 2 HOH 2  56 3  HOH HOH A . 
C 2 HOH 3  57 5  HOH HOH A . 
C 2 HOH 4  58 8  HOH HOH A . 
C 2 HOH 5  59 10 HOH HOH A . 
C 2 HOH 6  60 14 HOH HOH A . 
C 2 HOH 7  61 15 HOH HOH A . 
C 2 HOH 8  62 17 HOH HOH A . 
C 2 HOH 9  63 18 HOH HOH A . 
C 2 HOH 10 64 20 HOH HOH A . 
C 2 HOH 11 65 21 HOH HOH A . 
C 2 HOH 12 66 22 HOH HOH A . 
C 2 HOH 13 67 23 HOH HOH A . 
C 2 HOH 14 68 24 HOH HOH A . 
C 2 HOH 15 69 25 HOH HOH A . 
C 2 HOH 16 70 26 HOH HOH A . 
C 2 HOH 17 71 27 HOH HOH A . 
C 2 HOH 18 72 28 HOH HOH A . 
C 2 HOH 19 73 29 HOH HOH A . 
C 2 HOH 20 74 30 HOH HOH A . 
D 2 HOH 1  55 1  HOH HOH B . 
D 2 HOH 2  56 4  HOH HOH B . 
D 2 HOH 3  57 6  HOH HOH B . 
D 2 HOH 4  58 7  HOH HOH B . 
D 2 HOH 5  59 9  HOH HOH B . 
D 2 HOH 6  60 11 HOH HOH B . 
D 2 HOH 7  61 12 HOH HOH B . 
D 2 HOH 8  62 13 HOH HOH B . 
D 2 HOH 9  63 16 HOH HOH B . 
D 2 HOH 10 64 19 HOH HOH B . 
D 2 HOH 11 65 31 HOH HOH B . 
D 2 HOH 12 66 32 HOH HOH B . 
# 
loop_
_pdbx_struct_assembly.id 
_pdbx_struct_assembly.details 
_pdbx_struct_assembly.method_details 
_pdbx_struct_assembly.oligomeric_details 
_pdbx_struct_assembly.oligomeric_count 
1 author_and_software_defined_assembly PISA trimeric 3 
2 author_and_software_defined_assembly PISA trimeric 3 
# 
loop_
_pdbx_struct_assembly_gen.assembly_id 
_pdbx_struct_assembly_gen.oper_expression 
_pdbx_struct_assembly_gen.asym_id_list 
1 1,2,3 A,C 
2 1,4,5 B,D 
# 
loop_
_pdbx_struct_assembly_prop.biol_id 
_pdbx_struct_assembly_prop.type 
_pdbx_struct_assembly_prop.value 
_pdbx_struct_assembly_prop.details 
1 'ABSA (A^2)' 4740 ? 
1 MORE         -38  ? 
1 'SSA (A^2)'  8630 ? 
2 'ABSA (A^2)' 4510 ? 
2 MORE         -41  ? 
2 'SSA (A^2)'  8660 ? 
# 
loop_
_pdbx_struct_oper_list.id 
_pdbx_struct_oper_list.type 
_pdbx_struct_oper_list.name 
_pdbx_struct_oper_list.symmetry_operation 
_pdbx_struct_oper_list.matrix[1][1] 
_pdbx_struct_oper_list.matrix[1][2] 
_pdbx_struct_oper_list.matrix[1][3] 
_pdbx_struct_oper_list.vector[1] 
_pdbx_struct_oper_list.matrix[2][1] 
_pdbx_struct_oper_list.matrix[2][2] 
_pdbx_struct_oper_list.matrix[2][3] 
_pdbx_struct_oper_list.vector[2] 
_pdbx_struct_oper_list.matrix[3][1] 
_pdbx_struct_oper_list.matrix[3][2] 
_pdbx_struct_oper_list.matrix[3][3] 
_pdbx_struct_oper_list.vector[3] 
1 'identity operation'         1_555 x,y,z       1.0000000000  0.0000000000 0.0000000000  0.0000000000   0.0000000000 1.0000000000 0.0000000000 0.0000000000   0.0000000000  0.0000000000 1.0000000000  0.0000000000   
2 'crystal symmetry operation' 2_565 -y,x-y+1,z  -0.1991209319 0.1326479871 0.9709559032  27.4588431847  0.9074869745 0.3989332038 0.1316042934 -16.1170986268 -0.3698895046 0.9073350045 -0.1998122718 0.3999149963   
3 'crystal symmetry operation' 3_455 -x+y-1,-x,z -0.1991209319 0.9074869745 -0.3698895046 20.2416118750  0.1326479871 0.3989332038 0.9073350045 2.4244286378   0.9709559032  0.1316042934 -0.1998122718 -24.4603385843 
4 'crystal symmetry operation' 2_555 -y,x-y,z    -0.1991209319 0.1326479871 0.9709559032  -9.8226204108  0.9074869745 0.3989332038 0.1316042934 13.0428389589  -0.3698895046 0.9073350045 -0.1998122718 -12.7364814721 
5 'crystal symmetry operation' 3_555 -x+y,-x,z   -0.1991209319 0.9074869745 -0.3698895046 -18.5031866175 0.1326479871 0.3989332038 0.9073350045 7.6559847678   0.9709559032  0.1316042934 -0.1998122718 5.2759323695 
# 
loop_
_pdbx_audit_revision_history.ordinal 
_pdbx_audit_revision_history.data_content_type 
_pdbx_audit_revision_history.major_revision 
_pdbx_audit_revision_history.minor_revision 
_pdbx_audit_revision_history.revision_date 
1 'Structure model' 1 0 2010-10-20 
2 'Structure model' 1 1 2011-07-13 
3 'Structure model' 1 2 2023-09-06 
# 
_pdbx_audit_revision_details.ordinal             1 
_pdbx_audit_revision_details.revision_ordinal    1 
_pdbx_audit_revision_details.data_content_type   'Structure model' 
_pdbx_audit_revision_details.provider            repository 
_pdbx_audit_revision_details.type                'Initial release' 
_pdbx_audit_revision_details.description         ? 
_pdbx_audit_revision_details.details             ? 
# 
loop_
_pdbx_audit_revision_group.ordinal 
_pdbx_audit_revision_group.revision_ordinal 
_pdbx_audit_revision_group.data_content_type 
_pdbx_audit_revision_group.group 
1 2 'Structure model' 'Version format compliance' 
2 3 'Structure model' 'Data collection'           
3 3 'Structure model' 'Database references'       
4 3 'Structure model' 'Refinement description'    
# 
loop_
_pdbx_audit_revision_category.ordinal 
_pdbx_audit_revision_category.revision_ordinal 
_pdbx_audit_revision_category.data_content_type 
_pdbx_audit_revision_category.category 
1 3 'Structure model' chem_comp_atom                
2 3 'Structure model' chem_comp_bond                
3 3 'Structure model' database_2                    
4 3 'Structure model' pdbx_initial_refinement_model 
# 
loop_
_pdbx_audit_revision_item.ordinal 
_pdbx_audit_revision_item.revision_ordinal 
_pdbx_audit_revision_item.data_content_type 
_pdbx_audit_revision_item.item 
1 3 'Structure model' '_database_2.pdbx_DOI'                
2 3 'Structure model' '_database_2.pdbx_database_accession' 
# 
_pdbx_phasing_MR.entry_id                     3N3F 
_pdbx_phasing_MR.method_rotation              ? 
_pdbx_phasing_MR.method_translation           ? 
_pdbx_phasing_MR.model_details                ? 
_pdbx_phasing_MR.R_factor                     0.490 
_pdbx_phasing_MR.R_rigid_body                 ? 
_pdbx_phasing_MR.correlation_coeff_Fo_to_Fc   0.480 
_pdbx_phasing_MR.correlation_coeff_Io_to_Ic   ? 
_pdbx_phasing_MR.d_res_high_rotation          3.000 
_pdbx_phasing_MR.d_res_low_rotation           15.000 
_pdbx_phasing_MR.d_res_high_translation       3.000 
_pdbx_phasing_MR.d_res_low_translation        15.000 
_pdbx_phasing_MR.packing                      ? 
_pdbx_phasing_MR.reflns_percent_rotation      ? 
_pdbx_phasing_MR.reflns_percent_translation   ? 
_pdbx_phasing_MR.sigma_F_rotation             ? 
_pdbx_phasing_MR.sigma_F_translation          ? 
_pdbx_phasing_MR.sigma_I_rotation             ? 
_pdbx_phasing_MR.sigma_I_translation          ? 
# 
_phasing.method   mr 
# 
loop_
_software.pdbx_ordinal 
_software.name 
_software.version 
_software.date 
_software.type 
_software.contact_author 
_software.contact_author_email 
_software.classification 
_software.location 
_software.language 
_software.citation_id 
1 MOSFLM       .      ?               package 'Andrew G.W. Leslie' andrew@mrc-lmb.cam.ac.uk 'data reduction'  
http://www.mrc-lmb.cam.ac.uk/harry/mosflm/ ?          ? 
2 SCALA        3.3.15 2009/03/31      other   'Phil R. Evans'      pre@mrc-lmb.cam.ac.uk    'data scaling'    
http://www.ccp4.ac.uk/dist/html/scala.html Fortran_77 ? 
3 AMoRE        .      ?               program 'Jorge Navaza'       ccp4@ccp4.ac.uk          phasing           
http://www.ccp4.ac.uk/                     Fortran_77 ? 
4 CNS          .      ?               package 'Axel T. Brunger'    axel.brunger@yale.edu    refinement        
http://cns-online.org/                     Fortran_77 ? 
5 PDB_EXTRACT  3.100  'Jan. 22, 2010' package PDB                  help@deposit.rcsb.org    'data extraction' 
http://sw-tools.pdb.org/apps/PDB_EXTRACT/  C++        ? 
6 CrystalClear .      ?               ?       ?                    ?                        'data collection' ? ?          ? 
# 
_pdbx_validate_symm_contact.id                1 
_pdbx_validate_symm_contact.PDB_model_num     1 
_pdbx_validate_symm_contact.auth_atom_id_1    O 
_pdbx_validate_symm_contact.auth_asym_id_1    A 
_pdbx_validate_symm_contact.auth_comp_id_1    HOH 
_pdbx_validate_symm_contact.auth_seq_id_1     72 
_pdbx_validate_symm_contact.PDB_ins_code_1    ? 
_pdbx_validate_symm_contact.label_alt_id_1    ? 
_pdbx_validate_symm_contact.site_symmetry_1   1_555 
_pdbx_validate_symm_contact.auth_atom_id_2    O 
_pdbx_validate_symm_contact.auth_asym_id_2    A 
_pdbx_validate_symm_contact.auth_comp_id_2    HOH 
_pdbx_validate_symm_contact.auth_seq_id_2     72 
_pdbx_validate_symm_contact.PDB_ins_code_2    ? 
_pdbx_validate_symm_contact.label_alt_id_2    ? 
_pdbx_validate_symm_contact.site_symmetry_2   3_455 
_pdbx_validate_symm_contact.dist              1.34 
# 
_pdbx_validate_torsion.id              1 
_pdbx_validate_torsion.PDB_model_num   1 
_pdbx_validate_torsion.auth_comp_id    LEU 
_pdbx_validate_torsion.auth_asym_id    A 
_pdbx_validate_torsion.auth_seq_id     2 
_pdbx_validate_torsion.PDB_ins_code    ? 
_pdbx_validate_torsion.label_alt_id    ? 
_pdbx_validate_torsion.phi             -153.72 
_pdbx_validate_torsion.psi             -100.39 
# 
_pdbx_unobs_or_zero_occ_residues.id               1 
_pdbx_unobs_or_zero_occ_residues.PDB_model_num    1 
_pdbx_unobs_or_zero_occ_residues.polymer_flag     Y 
_pdbx_unobs_or_zero_occ_residues.occupancy_flag   1 
_pdbx_unobs_or_zero_occ_residues.auth_asym_id     B 
_pdbx_unobs_or_zero_occ_residues.auth_comp_id     ASN 
_pdbx_unobs_or_zero_occ_residues.auth_seq_id      1 
_pdbx_unobs_or_zero_occ_residues.PDB_ins_code     ? 
_pdbx_unobs_or_zero_occ_residues.label_asym_id    B 
_pdbx_unobs_or_zero_occ_residues.label_comp_id    ASN 
_pdbx_unobs_or_zero_occ_residues.label_seq_id     1 
# 
loop_
_chem_comp_atom.comp_id 
_chem_comp_atom.atom_id 
_chem_comp_atom.type_symbol 
_chem_comp_atom.pdbx_aromatic_flag 
_chem_comp_atom.pdbx_stereo_config 
_chem_comp_atom.pdbx_ordinal 
ALA N    N N N 1   
ALA CA   C N S 2   
ALA C    C N N 3   
ALA O    O N N 4   
ALA CB   C N N 5   
ALA OXT  O N N 6   
ALA H    H N N 7   
ALA H2   H N N 8   
ALA HA   H N N 9   
ALA HB1  H N N 10  
ALA HB2  H N N 11  
ALA HB3  H N N 12  
ALA HXT  H N N 13  
ARG N    N N N 14  
ARG CA   C N S 15  
ARG C    C N N 16  
ARG O    O N N 17  
ARG CB   C N N 18  
ARG CG   C N N 19  
ARG CD   C N N 20  
ARG NE   N N N 21  
ARG CZ   C N N 22  
ARG NH1  N N N 23  
ARG NH2  N N N 24  
ARG OXT  O N N 25  
ARG H    H N N 26  
ARG H2   H N N 27  
ARG HA   H N N 28  
ARG HB2  H N N 29  
ARG HB3  H N N 30  
ARG HG2  H N N 31  
ARG HG3  H N N 32  
ARG HD2  H N N 33  
ARG HD3  H N N 34  
ARG HE   H N N 35  
ARG HH11 H N N 36  
ARG HH12 H N N 37  
ARG HH21 H N N 38  
ARG HH22 H N N 39  
ARG HXT  H N N 40  
ASN N    N N N 41  
ASN CA   C N S 42  
ASN C    C N N 43  
ASN O    O N N 44  
ASN CB   C N N 45  
ASN CG   C N N 46  
ASN OD1  O N N 47  
ASN ND2  N N N 48  
ASN OXT  O N N 49  
ASN H    H N N 50  
ASN H2   H N N 51  
ASN HA   H N N 52  
ASN HB2  H N N 53  
ASN HB3  H N N 54  
ASN HD21 H N N 55  
ASN HD22 H N N 56  
ASN HXT  H N N 57  
ASP N    N N N 58  
ASP CA   C N S 59  
ASP C    C N N 60  
ASP O    O N N 61  
ASP CB   C N N 62  
ASP CG   C N N 63  
ASP OD1  O N N 64  
ASP OD2  O N N 65  
ASP OXT  O N N 66  
ASP H    H N N 67  
ASP H2   H N N 68  
ASP HA   H N N 69  
ASP HB2  H N N 70  
ASP HB3  H N N 71  
ASP HD2  H N N 72  
ASP HXT  H N N 73  
GLN N    N N N 74  
GLN CA   C N S 75  
GLN C    C N N 76  
GLN O    O N N 77  
GLN CB   C N N 78  
GLN CG   C N N 79  
GLN CD   C N N 80  
GLN OE1  O N N 81  
GLN NE2  N N N 82  
GLN OXT  O N N 83  
GLN H    H N N 84  
GLN H2   H N N 85  
GLN HA   H N N 86  
GLN HB2  H N N 87  
GLN HB3  H N N 88  
GLN HG2  H N N 89  
GLN HG3  H N N 90  
GLN HE21 H N N 91  
GLN HE22 H N N 92  
GLN HXT  H N N 93  
GLU N    N N N 94  
GLU CA   C N S 95  
GLU C    C N N 96  
GLU O    O N N 97  
GLU CB   C N N 98  
GLU CG   C N N 99  
GLU CD   C N N 100 
GLU OE1  O N N 101 
GLU OE2  O N N 102 
GLU OXT  O N N 103 
GLU H    H N N 104 
GLU H2   H N N 105 
GLU HA   H N N 106 
GLU HB2  H N N 107 
GLU HB3  H N N 108 
GLU HG2  H N N 109 
GLU HG3  H N N 110 
GLU HE2  H N N 111 
GLU HXT  H N N 112 
GLY N    N N N 113 
GLY CA   C N N 114 
GLY C    C N N 115 
GLY O    O N N 116 
GLY OXT  O N N 117 
GLY H    H N N 118 
GLY H2   H N N 119 
GLY HA2  H N N 120 
GLY HA3  H N N 121 
GLY HXT  H N N 122 
HIS N    N N N 123 
HIS CA   C N S 124 
HIS C    C N N 125 
HIS O    O N N 126 
HIS CB   C N N 127 
HIS CG   C Y N 128 
HIS ND1  N Y N 129 
HIS CD2  C Y N 130 
HIS CE1  C Y N 131 
HIS NE2  N Y N 132 
HIS OXT  O N N 133 
HIS H    H N N 134 
HIS H2   H N N 135 
HIS HA   H N N 136 
HIS HB2  H N N 137 
HIS HB3  H N N 138 
HIS HD1  H N N 139 
HIS HD2  H N N 140 
HIS HE1  H N N 141 
HIS HE2  H N N 142 
HIS HXT  H N N 143 
HOH O    O N N 144 
HOH H1   H N N 145 
HOH H2   H N N 146 
ILE N    N N N 147 
ILE CA   C N S 148 
ILE C    C N N 149 
ILE O    O N N 150 
ILE CB   C N S 151 
ILE CG1  C N N 152 
ILE CG2  C N N 153 
ILE CD1  C N N 154 
ILE OXT  O N N 155 
ILE H    H N N 156 
ILE H2   H N N 157 
ILE HA   H N N 158 
ILE HB   H N N 159 
ILE HG12 H N N 160 
ILE HG13 H N N 161 
ILE HG21 H N N 162 
ILE HG22 H N N 163 
ILE HG23 H N N 164 
ILE HD11 H N N 165 
ILE HD12 H N N 166 
ILE HD13 H N N 167 
ILE HXT  H N N 168 
LEU N    N N N 169 
LEU CA   C N S 170 
LEU C    C N N 171 
LEU O    O N N 172 
LEU CB   C N N 173 
LEU CG   C N N 174 
LEU CD1  C N N 175 
LEU CD2  C N N 176 
LEU OXT  O N N 177 
LEU H    H N N 178 
LEU H2   H N N 179 
LEU HA   H N N 180 
LEU HB2  H N N 181 
LEU HB3  H N N 182 
LEU HG   H N N 183 
LEU HD11 H N N 184 
LEU HD12 H N N 185 
LEU HD13 H N N 186 
LEU HD21 H N N 187 
LEU HD22 H N N 188 
LEU HD23 H N N 189 
LEU HXT  H N N 190 
LYS N    N N N 191 
LYS CA   C N S 192 
LYS C    C N N 193 
LYS O    O N N 194 
LYS CB   C N N 195 
LYS CG   C N N 196 
LYS CD   C N N 197 
LYS CE   C N N 198 
LYS NZ   N N N 199 
LYS OXT  O N N 200 
LYS H    H N N 201 
LYS H2   H N N 202 
LYS HA   H N N 203 
LYS HB2  H N N 204 
LYS HB3  H N N 205 
LYS HG2  H N N 206 
LYS HG3  H N N 207 
LYS HD2  H N N 208 
LYS HD3  H N N 209 
LYS HE2  H N N 210 
LYS HE3  H N N 211 
LYS HZ1  H N N 212 
LYS HZ2  H N N 213 
LYS HZ3  H N N 214 
LYS HXT  H N N 215 
MET N    N N N 216 
MET CA   C N S 217 
MET C    C N N 218 
MET O    O N N 219 
MET CB   C N N 220 
MET CG   C N N 221 
MET SD   S N N 222 
MET CE   C N N 223 
MET OXT  O N N 224 
MET H    H N N 225 
MET H2   H N N 226 
MET HA   H N N 227 
MET HB2  H N N 228 
MET HB3  H N N 229 
MET HG2  H N N 230 
MET HG3  H N N 231 
MET HE1  H N N 232 
MET HE2  H N N 233 
MET HE3  H N N 234 
MET HXT  H N N 235 
PHE N    N N N 236 
PHE CA   C N S 237 
PHE C    C N N 238 
PHE O    O N N 239 
PHE CB   C N N 240 
PHE CG   C Y N 241 
PHE CD1  C Y N 242 
PHE CD2  C Y N 243 
PHE CE1  C Y N 244 
PHE CE2  C Y N 245 
PHE CZ   C Y N 246 
PHE OXT  O N N 247 
PHE H    H N N 248 
PHE H2   H N N 249 
PHE HA   H N N 250 
PHE HB2  H N N 251 
PHE HB3  H N N 252 
PHE HD1  H N N 253 
PHE HD2  H N N 254 
PHE HE1  H N N 255 
PHE HE2  H N N 256 
PHE HZ   H N N 257 
PHE HXT  H N N 258 
PRO N    N N N 259 
PRO CA   C N S 260 
PRO C    C N N 261 
PRO O    O N N 262 
PRO CB   C N N 263 
PRO CG   C N N 264 
PRO CD   C N N 265 
PRO OXT  O N N 266 
PRO H    H N N 267 
PRO HA   H N N 268 
PRO HB2  H N N 269 
PRO HB3  H N N 270 
PRO HG2  H N N 271 
PRO HG3  H N N 272 
PRO HD2  H N N 273 
PRO HD3  H N N 274 
PRO HXT  H N N 275 
SER N    N N N 276 
SER CA   C N S 277 
SER C    C N N 278 
SER O    O N N 279 
SER CB   C N N 280 
SER OG   O N N 281 
SER OXT  O N N 282 
SER H    H N N 283 
SER H2   H N N 284 
SER HA   H N N 285 
SER HB2  H N N 286 
SER HB3  H N N 287 
SER HG   H N N 288 
SER HXT  H N N 289 
THR N    N N N 290 
THR CA   C N S 291 
THR C    C N N 292 
THR O    O N N 293 
THR CB   C N R 294 
THR OG1  O N N 295 
THR CG2  C N N 296 
THR OXT  O N N 297 
THR H    H N N 298 
THR H2   H N N 299 
THR HA   H N N 300 
THR HB   H N N 301 
THR HG1  H N N 302 
THR HG21 H N N 303 
THR HG22 H N N 304 
THR HG23 H N N 305 
THR HXT  H N N 306 
TRP N    N N N 307 
TRP CA   C N S 308 
TRP C    C N N 309 
TRP O    O N N 310 
TRP CB   C N N 311 
TRP CG   C Y N 312 
TRP CD1  C Y N 313 
TRP CD2  C Y N 314 
TRP NE1  N Y N 315 
TRP CE2  C Y N 316 
TRP CE3  C Y N 317 
TRP CZ2  C Y N 318 
TRP CZ3  C Y N 319 
TRP CH2  C Y N 320 
TRP OXT  O N N 321 
TRP H    H N N 322 
TRP H2   H N N 323 
TRP HA   H N N 324 
TRP HB2  H N N 325 
TRP HB3  H N N 326 
TRP HD1  H N N 327 
TRP HE1  H N N 328 
TRP HE3  H N N 329 
TRP HZ2  H N N 330 
TRP HZ3  H N N 331 
TRP HH2  H N N 332 
TRP HXT  H N N 333 
TYR N    N N N 334 
TYR CA   C N S 335 
TYR C    C N N 336 
TYR O    O N N 337 
TYR CB   C N N 338 
TYR CG   C Y N 339 
TYR CD1  C Y N 340 
TYR CD2  C Y N 341 
TYR CE1  C Y N 342 
TYR CE2  C Y N 343 
TYR CZ   C Y N 344 
TYR OH   O N N 345 
TYR OXT  O N N 346 
TYR H    H N N 347 
TYR H2   H N N 348 
TYR HA   H N N 349 
TYR HB2  H N N 350 
TYR HB3  H N N 351 
TYR HD1  H N N 352 
TYR HD2  H N N 353 
TYR HE1  H N N 354 
TYR HE2  H N N 355 
TYR HH   H N N 356 
TYR HXT  H N N 357 
VAL N    N N N 358 
VAL CA   C N S 359 
VAL C    C N N 360 
VAL O    O N N 361 
VAL CB   C N N 362 
VAL CG1  C N N 363 
VAL CG2  C N N 364 
VAL OXT  O N N 365 
VAL H    H N N 366 
VAL H2   H N N 367 
VAL HA   H N N 368 
VAL HB   H N N 369 
VAL HG11 H N N 370 
VAL HG12 H N N 371 
VAL HG13 H N N 372 
VAL HG21 H N N 373 
VAL HG22 H N N 374 
VAL HG23 H N N 375 
VAL HXT  H N N 376 
# 
loop_
_chem_comp_bond.comp_id 
_chem_comp_bond.atom_id_1 
_chem_comp_bond.atom_id_2 
_chem_comp_bond.value_order 
_chem_comp_bond.pdbx_aromatic_flag 
_chem_comp_bond.pdbx_stereo_config 
_chem_comp_bond.pdbx_ordinal 
ALA N   CA   sing N N 1   
ALA N   H    sing N N 2   
ALA N   H2   sing N N 3   
ALA CA  C    sing N N 4   
ALA CA  CB   sing N N 5   
ALA CA  HA   sing N N 6   
ALA C   O    doub N N 7   
ALA C   OXT  sing N N 8   
ALA CB  HB1  sing N N 9   
ALA CB  HB2  sing N N 10  
ALA CB  HB3  sing N N 11  
ALA OXT HXT  sing N N 12  
ARG N   CA   sing N N 13  
ARG N   H    sing N N 14  
ARG N   H2   sing N N 15  
ARG CA  C    sing N N 16  
ARG CA  CB   sing N N 17  
ARG CA  HA   sing N N 18  
ARG C   O    doub N N 19  
ARG C   OXT  sing N N 20  
ARG CB  CG   sing N N 21  
ARG CB  HB2  sing N N 22  
ARG CB  HB3  sing N N 23  
ARG CG  CD   sing N N 24  
ARG CG  HG2  sing N N 25  
ARG CG  HG3  sing N N 26  
ARG CD  NE   sing N N 27  
ARG CD  HD2  sing N N 28  
ARG CD  HD3  sing N N 29  
ARG NE  CZ   sing N N 30  
ARG NE  HE   sing N N 31  
ARG CZ  NH1  sing N N 32  
ARG CZ  NH2  doub N N 33  
ARG NH1 HH11 sing N N 34  
ARG NH1 HH12 sing N N 35  
ARG NH2 HH21 sing N N 36  
ARG NH2 HH22 sing N N 37  
ARG OXT HXT  sing N N 38  
ASN N   CA   sing N N 39  
ASN N   H    sing N N 40  
ASN N   H2   sing N N 41  
ASN CA  C    sing N N 42  
ASN CA  CB   sing N N 43  
ASN CA  HA   sing N N 44  
ASN C   O    doub N N 45  
ASN C   OXT  sing N N 46  
ASN CB  CG   sing N N 47  
ASN CB  HB2  sing N N 48  
ASN CB  HB3  sing N N 49  
ASN CG  OD1  doub N N 50  
ASN CG  ND2  sing N N 51  
ASN ND2 HD21 sing N N 52  
ASN ND2 HD22 sing N N 53  
ASN OXT HXT  sing N N 54  
ASP N   CA   sing N N 55  
ASP N   H    sing N N 56  
ASP N   H2   sing N N 57  
ASP CA  C    sing N N 58  
ASP CA  CB   sing N N 59  
ASP CA  HA   sing N N 60  
ASP C   O    doub N N 61  
ASP C   OXT  sing N N 62  
ASP CB  CG   sing N N 63  
ASP CB  HB2  sing N N 64  
ASP CB  HB3  sing N N 65  
ASP CG  OD1  doub N N 66  
ASP CG  OD2  sing N N 67  
ASP OD2 HD2  sing N N 68  
ASP OXT HXT  sing N N 69  
GLN N   CA   sing N N 70  
GLN N   H    sing N N 71  
GLN N   H2   sing N N 72  
GLN CA  C    sing N N 73  
GLN CA  CB   sing N N 74  
GLN CA  HA   sing N N 75  
GLN C   O    doub N N 76  
GLN C   OXT  sing N N 77  
GLN CB  CG   sing N N 78  
GLN CB  HB2  sing N N 79  
GLN CB  HB3  sing N N 80  
GLN CG  CD   sing N N 81  
GLN CG  HG2  sing N N 82  
GLN CG  HG3  sing N N 83  
GLN CD  OE1  doub N N 84  
GLN CD  NE2  sing N N 85  
GLN NE2 HE21 sing N N 86  
GLN NE2 HE22 sing N N 87  
GLN OXT HXT  sing N N 88  
GLU N   CA   sing N N 89  
GLU N   H    sing N N 90  
GLU N   H2   sing N N 91  
GLU CA  C    sing N N 92  
GLU CA  CB   sing N N 93  
GLU CA  HA   sing N N 94  
GLU C   O    doub N N 95  
GLU C   OXT  sing N N 96  
GLU CB  CG   sing N N 97  
GLU CB  HB2  sing N N 98  
GLU CB  HB3  sing N N 99  
GLU CG  CD   sing N N 100 
GLU CG  HG2  sing N N 101 
GLU CG  HG3  sing N N 102 
GLU CD  OE1  doub N N 103 
GLU CD  OE2  sing N N 104 
GLU OE2 HE2  sing N N 105 
GLU OXT HXT  sing N N 106 
GLY N   CA   sing N N 107 
GLY N   H    sing N N 108 
GLY N   H2   sing N N 109 
GLY CA  C    sing N N 110 
GLY CA  HA2  sing N N 111 
GLY CA  HA3  sing N N 112 
GLY C   O    doub N N 113 
GLY C   OXT  sing N N 114 
GLY OXT HXT  sing N N 115 
HIS N   CA   sing N N 116 
HIS N   H    sing N N 117 
HIS N   H2   sing N N 118 
HIS CA  C    sing N N 119 
HIS CA  CB   sing N N 120 
HIS CA  HA   sing N N 121 
HIS C   O    doub N N 122 
HIS C   OXT  sing N N 123 
HIS CB  CG   sing N N 124 
HIS CB  HB2  sing N N 125 
HIS CB  HB3  sing N N 126 
HIS CG  ND1  sing Y N 127 
HIS CG  CD2  doub Y N 128 
HIS ND1 CE1  doub Y N 129 
HIS ND1 HD1  sing N N 130 
HIS CD2 NE2  sing Y N 131 
HIS CD2 HD2  sing N N 132 
HIS CE1 NE2  sing Y N 133 
HIS CE1 HE1  sing N N 134 
HIS NE2 HE2  sing N N 135 
HIS OXT HXT  sing N N 136 
HOH O   H1   sing N N 137 
HOH O   H2   sing N N 138 
ILE N   CA   sing N N 139 
ILE N   H    sing N N 140 
ILE N   H2   sing N N 141 
ILE CA  C    sing N N 142 
ILE CA  CB   sing N N 143 
ILE CA  HA   sing N N 144 
ILE C   O    doub N N 145 
ILE C   OXT  sing N N 146 
ILE CB  CG1  sing N N 147 
ILE CB  CG2  sing N N 148 
ILE CB  HB   sing N N 149 
ILE CG1 CD1  sing N N 150 
ILE CG1 HG12 sing N N 151 
ILE CG1 HG13 sing N N 152 
ILE CG2 HG21 sing N N 153 
ILE CG2 HG22 sing N N 154 
ILE CG2 HG23 sing N N 155 
ILE CD1 HD11 sing N N 156 
ILE CD1 HD12 sing N N 157 
ILE CD1 HD13 sing N N 158 
ILE OXT HXT  sing N N 159 
LEU N   CA   sing N N 160 
LEU N   H    sing N N 161 
LEU N   H2   sing N N 162 
LEU CA  C    sing N N 163 
LEU CA  CB   sing N N 164 
LEU CA  HA   sing N N 165 
LEU C   O    doub N N 166 
LEU C   OXT  sing N N 167 
LEU CB  CG   sing N N 168 
LEU CB  HB2  sing N N 169 
LEU CB  HB3  sing N N 170 
LEU CG  CD1  sing N N 171 
LEU CG  CD2  sing N N 172 
LEU CG  HG   sing N N 173 
LEU CD1 HD11 sing N N 174 
LEU CD1 HD12 sing N N 175 
LEU CD1 HD13 sing N N 176 
LEU CD2 HD21 sing N N 177 
LEU CD2 HD22 sing N N 178 
LEU CD2 HD23 sing N N 179 
LEU OXT HXT  sing N N 180 
LYS N   CA   sing N N 181 
LYS N   H    sing N N 182 
LYS N   H2   sing N N 183 
LYS CA  C    sing N N 184 
LYS CA  CB   sing N N 185 
LYS CA  HA   sing N N 186 
LYS C   O    doub N N 187 
LYS C   OXT  sing N N 188 
LYS CB  CG   sing N N 189 
LYS CB  HB2  sing N N 190 
LYS CB  HB3  sing N N 191 
LYS CG  CD   sing N N 192 
LYS CG  HG2  sing N N 193 
LYS CG  HG3  sing N N 194 
LYS CD  CE   sing N N 195 
LYS CD  HD2  sing N N 196 
LYS CD  HD3  sing N N 197 
LYS CE  NZ   sing N N 198 
LYS CE  HE2  sing N N 199 
LYS CE  HE3  sing N N 200 
LYS NZ  HZ1  sing N N 201 
LYS NZ  HZ2  sing N N 202 
LYS NZ  HZ3  sing N N 203 
LYS OXT HXT  sing N N 204 
MET N   CA   sing N N 205 
MET N   H    sing N N 206 
MET N   H2   sing N N 207 
MET CA  C    sing N N 208 
MET CA  CB   sing N N 209 
MET CA  HA   sing N N 210 
MET C   O    doub N N 211 
MET C   OXT  sing N N 212 
MET CB  CG   sing N N 213 
MET CB  HB2  sing N N 214 
MET CB  HB3  sing N N 215 
MET CG  SD   sing N N 216 
MET CG  HG2  sing N N 217 
MET CG  HG3  sing N N 218 
MET SD  CE   sing N N 219 
MET CE  HE1  sing N N 220 
MET CE  HE2  sing N N 221 
MET CE  HE3  sing N N 222 
MET OXT HXT  sing N N 223 
PHE N   CA   sing N N 224 
PHE N   H    sing N N 225 
PHE N   H2   sing N N 226 
PHE CA  C    sing N N 227 
PHE CA  CB   sing N N 228 
PHE CA  HA   sing N N 229 
PHE C   O    doub N N 230 
PHE C   OXT  sing N N 231 
PHE CB  CG   sing N N 232 
PHE CB  HB2  sing N N 233 
PHE CB  HB3  sing N N 234 
PHE CG  CD1  doub Y N 235 
PHE CG  CD2  sing Y N 236 
PHE CD1 CE1  sing Y N 237 
PHE CD1 HD1  sing N N 238 
PHE CD2 CE2  doub Y N 239 
PHE CD2 HD2  sing N N 240 
PHE CE1 CZ   doub Y N 241 
PHE CE1 HE1  sing N N 242 
PHE CE2 CZ   sing Y N 243 
PHE CE2 HE2  sing N N 244 
PHE CZ  HZ   sing N N 245 
PHE OXT HXT  sing N N 246 
PRO N   CA   sing N N 247 
PRO N   CD   sing N N 248 
PRO N   H    sing N N 249 
PRO CA  C    sing N N 250 
PRO CA  CB   sing N N 251 
PRO CA  HA   sing N N 252 
PRO C   O    doub N N 253 
PRO C   OXT  sing N N 254 
PRO CB  CG   sing N N 255 
PRO CB  HB2  sing N N 256 
PRO CB  HB3  sing N N 257 
PRO CG  CD   sing N N 258 
PRO CG  HG2  sing N N 259 
PRO CG  HG3  sing N N 260 
PRO CD  HD2  sing N N 261 
PRO CD  HD3  sing N N 262 
PRO OXT HXT  sing N N 263 
SER N   CA   sing N N 264 
SER N   H    sing N N 265 
SER N   H2   sing N N 266 
SER CA  C    sing N N 267 
SER CA  CB   sing N N 268 
SER CA  HA   sing N N 269 
SER C   O    doub N N 270 
SER C   OXT  sing N N 271 
SER CB  OG   sing N N 272 
SER CB  HB2  sing N N 273 
SER CB  HB3  sing N N 274 
SER OG  HG   sing N N 275 
SER OXT HXT  sing N N 276 
THR N   CA   sing N N 277 
THR N   H    sing N N 278 
THR N   H2   sing N N 279 
THR CA  C    sing N N 280 
THR CA  CB   sing N N 281 
THR CA  HA   sing N N 282 
THR C   O    doub N N 283 
THR C   OXT  sing N N 284 
THR CB  OG1  sing N N 285 
THR CB  CG2  sing N N 286 
THR CB  HB   sing N N 287 
THR OG1 HG1  sing N N 288 
THR CG2 HG21 sing N N 289 
THR CG2 HG22 sing N N 290 
THR CG2 HG23 sing N N 291 
THR OXT HXT  sing N N 292 
TRP N   CA   sing N N 293 
TRP N   H    sing N N 294 
TRP N   H2   sing N N 295 
TRP CA  C    sing N N 296 
TRP CA  CB   sing N N 297 
TRP CA  HA   sing N N 298 
TRP C   O    doub N N 299 
TRP C   OXT  sing N N 300 
TRP CB  CG   sing N N 301 
TRP CB  HB2  sing N N 302 
TRP CB  HB3  sing N N 303 
TRP CG  CD1  doub Y N 304 
TRP CG  CD2  sing Y N 305 
TRP CD1 NE1  sing Y N 306 
TRP CD1 HD1  sing N N 307 
TRP CD2 CE2  doub Y N 308 
TRP CD2 CE3  sing Y N 309 
TRP NE1 CE2  sing Y N 310 
TRP NE1 HE1  sing N N 311 
TRP CE2 CZ2  sing Y N 312 
TRP CE3 CZ3  doub Y N 313 
TRP CE3 HE3  sing N N 314 
TRP CZ2 CH2  doub Y N 315 
TRP CZ2 HZ2  sing N N 316 
TRP CZ3 CH2  sing Y N 317 
TRP CZ3 HZ3  sing N N 318 
TRP CH2 HH2  sing N N 319 
TRP OXT HXT  sing N N 320 
TYR N   CA   sing N N 321 
TYR N   H    sing N N 322 
TYR N   H2   sing N N 323 
TYR CA  C    sing N N 324 
TYR CA  CB   sing N N 325 
TYR CA  HA   sing N N 326 
TYR C   O    doub N N 327 
TYR C   OXT  sing N N 328 
TYR CB  CG   sing N N 329 
TYR CB  HB2  sing N N 330 
TYR CB  HB3  sing N N 331 
TYR CG  CD1  doub Y N 332 
TYR CG  CD2  sing Y N 333 
TYR CD1 CE1  sing Y N 334 
TYR CD1 HD1  sing N N 335 
TYR CD2 CE2  doub Y N 336 
TYR CD2 HD2  sing N N 337 
TYR CE1 CZ   doub Y N 338 
TYR CE1 HE1  sing N N 339 
TYR CE2 CZ   sing Y N 340 
TYR CE2 HE2  sing N N 341 
TYR CZ  OH   sing N N 342 
TYR OH  HH   sing N N 343 
TYR OXT HXT  sing N N 344 
VAL N   CA   sing N N 345 
VAL N   H    sing N N 346 
VAL N   H2   sing N N 347 
VAL CA  C    sing N N 348 
VAL CA  CB   sing N N 349 
VAL CA  HA   sing N N 350 
VAL C   O    doub N N 351 
VAL C   OXT  sing N N 352 
VAL CB  CG1  sing N N 353 
VAL CB  CG2  sing N N 354 
VAL CB  HB   sing N N 355 
VAL CG1 HG11 sing N N 356 
VAL CG1 HG12 sing N N 357 
VAL CG1 HG13 sing N N 358 
VAL CG2 HG21 sing N N 359 
VAL CG2 HG22 sing N N 360 
VAL CG2 HG23 sing N N 361 
VAL OXT HXT  sing N N 362 
# 
_pdbx_entity_nonpoly.entity_id   2 
_pdbx_entity_nonpoly.name        water 
_pdbx_entity_nonpoly.comp_id     HOH 
# 
_pdbx_initial_refinement_model.id               1 
_pdbx_initial_refinement_model.entity_id_list   ? 
_pdbx_initial_refinement_model.type             'experimental model' 
_pdbx_initial_refinement_model.source_name      PDB 
_pdbx_initial_refinement_model.accession_code   3HSH 
_pdbx_initial_refinement_model.details          'PDB Entry 3HSH' 
# 
